data_7D8K
#
_entry.id   7D8K
#
_entity_poly.entity_id   1
_entity_poly.type   'polypeptide(L)'
_entity_poly.pdbx_seq_one_letter_code
;GPLGSDNWLPPGWRVEDKIRTSGATAGSVDKYYYEPNTGRKFRSRTEVLYYLEHGTSKRGTKKAENTY
;
_entity_poly.pdbx_strand_id   A
#
# COMPACT_ATOMS: atom_id res chain seq x y z
N GLY A 1 -23.81 -0.12 4.95
CA GLY A 1 -22.75 0.08 5.98
C GLY A 1 -21.39 -0.11 5.34
N PRO A 2 -20.36 0.32 6.03
CA PRO A 2 -18.95 0.21 5.53
C PRO A 2 -18.55 -1.24 5.26
N LEU A 3 -17.74 -1.44 4.23
CA LEU A 3 -17.27 -2.78 3.88
C LEU A 3 -16.46 -3.38 5.02
N GLY A 4 -15.61 -2.55 5.63
CA GLY A 4 -14.78 -3.01 6.74
C GLY A 4 -13.38 -3.39 6.24
N SER A 5 -13.09 -3.06 4.98
CA SER A 5 -11.79 -3.36 4.42
C SER A 5 -10.68 -2.63 5.16
N ASP A 6 -10.95 -1.38 5.51
CA ASP A 6 -9.97 -0.58 6.23
C ASP A 6 -10.28 -0.56 7.72
N ASN A 7 -11.16 -1.45 8.15
CA ASN A 7 -11.54 -1.52 9.55
C ASN A 7 -10.31 -1.63 10.44
N TRP A 8 -9.16 -1.84 9.81
CA TRP A 8 -7.90 -1.96 10.56
C TRP A 8 -7.15 -0.63 10.53
N LEU A 9 -7.25 0.08 9.41
CA LEU A 9 -6.57 1.36 9.28
C LEU A 9 -7.19 2.39 10.21
N PRO A 10 -6.37 3.06 10.98
CA PRO A 10 -6.83 4.12 11.93
C PRO A 10 -7.20 5.42 11.21
N PRO A 11 -7.76 6.35 11.93
CA PRO A 11 -8.17 7.67 11.36
C PRO A 11 -7.02 8.36 10.63
N GLY A 12 -5.80 8.14 11.12
CA GLY A 12 -4.63 8.75 10.50
C GLY A 12 -4.45 8.25 9.06
N TRP A 13 -4.71 6.97 8.85
CA TRP A 13 -4.58 6.38 7.52
C TRP A 13 -5.78 6.73 6.65
N ARG A 14 -5.52 7.03 5.39
CA ARG A 14 -6.59 7.37 4.45
C ARG A 14 -6.66 6.36 3.32
N VAL A 15 -7.88 6.04 2.90
CA VAL A 15 -8.07 5.08 1.82
C VAL A 15 -8.76 5.74 0.63
N GLU A 16 -8.29 5.43 -0.56
CA GLU A 16 -8.86 5.99 -1.79
C GLU A 16 -9.20 4.90 -2.79
N ASP A 17 -10.37 5.00 -3.40
CA ASP A 17 -10.80 4.01 -4.38
C ASP A 17 -10.16 4.29 -5.73
N LYS A 18 -9.56 3.26 -6.32
CA LYS A 18 -8.93 3.39 -7.63
C LYS A 18 -9.25 2.19 -8.52
N ILE A 19 -9.97 2.43 -9.60
CA ILE A 19 -10.34 1.37 -10.53
C ILE A 19 -9.11 0.89 -11.30
N ARG A 20 -9.08 -0.41 -11.61
CA ARG A 20 -7.95 -0.97 -12.34
C ARG A 20 -7.68 -0.17 -13.60
N THR A 21 -6.40 0.05 -13.89
CA THR A 21 -5.99 0.81 -15.07
C THR A 21 -5.83 -0.11 -16.27
N SER A 22 -5.82 -1.41 -16.01
CA SER A 22 -5.68 -2.39 -17.08
C SER A 22 -6.86 -2.32 -18.05
N GLY A 23 -6.83 -3.16 -19.07
CA GLY A 23 -7.91 -3.17 -20.07
C GLY A 23 -8.34 -4.60 -20.37
N ALA A 24 -7.36 -5.48 -20.55
CA ALA A 24 -7.66 -6.88 -20.86
C ALA A 24 -8.45 -7.53 -19.74
N THR A 25 -8.04 -7.25 -18.50
CA THR A 25 -8.72 -7.80 -17.33
C THR A 25 -9.26 -6.70 -16.44
N ALA A 26 -9.21 -5.47 -16.93
CA ALA A 26 -9.69 -4.33 -16.16
C ALA A 26 -11.16 -4.49 -15.84
N GLY A 27 -11.68 -3.58 -15.00
CA GLY A 27 -13.08 -3.64 -14.61
C GLY A 27 -13.23 -3.93 -13.12
N SER A 28 -12.09 -4.13 -12.45
CA SER A 28 -12.11 -4.40 -11.02
C SER A 28 -11.98 -3.10 -10.23
N VAL A 29 -11.55 -3.21 -8.98
CA VAL A 29 -11.39 -2.03 -8.13
C VAL A 29 -10.33 -2.29 -7.06
N ASP A 30 -9.43 -1.33 -6.88
CA ASP A 30 -8.37 -1.46 -5.89
C ASP A 30 -8.22 -0.17 -5.09
N LYS A 31 -8.31 -0.28 -3.78
CA LYS A 31 -8.20 0.88 -2.90
C LYS A 31 -6.74 1.11 -2.51
N TYR A 32 -6.39 2.37 -2.25
CA TYR A 32 -5.03 2.71 -1.85
C TYR A 32 -5.01 3.30 -0.44
N TYR A 33 -3.86 3.17 0.22
CA TYR A 33 -3.74 3.69 1.58
C TYR A 33 -2.65 4.76 1.64
N TYR A 34 -3.01 5.93 2.15
CA TYR A 34 -2.07 7.04 2.25
C TYR A 34 -1.72 7.33 3.71
N GLU A 35 -0.43 7.48 3.99
CA GLU A 35 0.02 7.76 5.35
C GLU A 35 0.53 9.20 5.45
N PRO A 36 -0.20 10.04 6.11
CA PRO A 36 0.15 11.47 6.28
C PRO A 36 1.43 11.66 7.11
N ASN A 37 1.77 10.64 7.88
CA ASN A 37 2.97 10.72 8.71
C ASN A 37 4.21 10.95 7.86
N THR A 38 4.35 10.15 6.81
CA THR A 38 5.49 10.29 5.91
C THR A 38 5.01 10.52 4.49
N GLY A 39 3.70 10.51 4.30
CA GLY A 39 3.13 10.72 2.98
C GLY A 39 3.28 9.48 2.10
N ARG A 40 3.45 8.33 2.75
CA ARG A 40 3.61 7.07 2.03
C ARG A 40 2.26 6.51 1.60
N LYS A 41 2.23 5.87 0.44
CA LYS A 41 0.98 5.30 -0.06
C LYS A 41 1.16 3.81 -0.37
N PHE A 42 0.08 3.05 -0.25
CA PHE A 42 0.11 1.62 -0.52
C PHE A 42 -1.02 1.23 -1.46
N ARG A 43 -0.80 0.17 -2.24
CA ARG A 43 -1.80 -0.29 -3.19
C ARG A 43 -2.61 -1.44 -2.59
N SER A 44 -1.94 -2.27 -1.79
CA SER A 44 -2.60 -3.42 -1.18
C SER A 44 -2.34 -3.44 0.33
N ARG A 45 -3.30 -3.97 1.08
CA ARG A 45 -3.17 -4.05 2.53
C ARG A 45 -1.89 -4.78 2.89
N THR A 46 -1.57 -5.83 2.13
CA THR A 46 -0.37 -6.61 2.40
C THR A 46 0.85 -5.70 2.46
N GLU A 47 0.93 -4.75 1.53
CA GLU A 47 2.06 -3.82 1.50
C GLU A 47 2.06 -2.97 2.78
N VAL A 48 0.87 -2.53 3.20
CA VAL A 48 0.76 -1.71 4.40
C VAL A 48 1.14 -2.52 5.63
N LEU A 49 0.68 -3.77 5.67
CA LEU A 49 0.97 -4.65 6.80
C LEU A 49 2.48 -4.85 6.95
N TYR A 50 3.17 -5.00 5.83
CA TYR A 50 4.62 -5.18 5.85
C TYR A 50 5.31 -3.91 6.37
N TYR A 51 4.86 -2.76 5.90
CA TYR A 51 5.43 -1.49 6.34
C TYR A 51 5.21 -1.28 7.83
N LEU A 52 3.97 -1.50 8.28
CA LEU A 52 3.63 -1.33 9.68
C LEU A 52 4.43 -2.28 10.55
N GLU A 53 4.61 -3.52 10.08
CA GLU A 53 5.36 -4.50 10.84
C GLU A 53 6.78 -4.01 11.11
N HIS A 54 7.45 -3.53 10.06
CA HIS A 54 8.80 -3.03 10.21
C HIS A 54 8.79 -1.64 10.85
N GLY A 55 7.61 -1.01 10.86
CA GLY A 55 7.47 0.31 11.46
C GLY A 55 8.12 1.37 10.57
N THR A 56 8.38 1.01 9.32
CA THR A 56 9.00 1.94 8.39
C THR A 56 9.37 1.23 7.09
N SER A 57 9.59 2.01 6.04
CA SER A 57 9.94 1.44 4.74
C SER A 57 11.26 0.67 4.84
N LYS A 58 12.25 1.28 5.49
CA LYS A 58 13.55 0.64 5.65
C LYS A 58 14.04 0.08 4.31
N ARG A 59 13.77 0.81 3.23
CA ARG A 59 14.18 0.38 1.90
C ARG A 59 15.70 0.40 1.79
N GLY A 60 16.26 -0.72 1.32
CA GLY A 60 17.71 -0.82 1.16
C GLY A 60 18.06 -1.60 -0.10
N THR A 61 19.25 -2.18 -0.13
CA THR A 61 19.70 -2.94 -1.29
C THR A 61 20.16 -4.33 -0.85
N LYS A 62 20.09 -5.29 -1.77
CA LYS A 62 20.50 -6.65 -1.49
C LYS A 62 21.10 -7.31 -2.72
N LYS A 63 21.30 -6.52 -3.77
CA LYS A 63 21.86 -7.03 -5.02
C LYS A 63 23.38 -7.07 -4.94
N ALA A 64 23.98 -7.93 -5.75
CA ALA A 64 25.43 -8.06 -5.78
C ALA A 64 26.07 -6.74 -6.23
N GLU A 65 27.37 -6.60 -6.00
CA GLU A 65 28.08 -5.39 -6.38
C GLU A 65 27.99 -5.16 -7.88
N ASN A 66 28.11 -6.23 -8.65
CA ASN A 66 28.03 -6.13 -10.10
C ASN A 66 29.00 -5.08 -10.62
N THR A 67 30.26 -5.20 -10.21
CA THR A 67 31.28 -4.25 -10.64
C THR A 67 32.58 -4.97 -10.96
N TYR A 68 33.35 -4.41 -11.90
CA TYR A 68 34.61 -5.01 -12.30
C TYR A 68 35.75 -4.52 -11.41
N GLY A 1 -17.04 2.68 6.28
CA GLY A 1 -17.86 3.05 7.47
C GLY A 1 -17.72 1.98 8.54
N PRO A 2 -18.77 1.67 9.23
CA PRO A 2 -18.77 0.65 10.31
C PRO A 2 -18.25 -0.70 9.81
N LEU A 3 -18.56 -1.02 8.57
CA LEU A 3 -18.11 -2.29 7.98
C LEU A 3 -16.70 -2.14 7.41
N GLY A 4 -15.82 -3.06 7.80
CA GLY A 4 -14.44 -3.02 7.31
C GLY A 4 -13.95 -4.43 6.97
N SER A 5 -13.38 -4.58 5.78
CA SER A 5 -12.87 -5.88 5.37
C SER A 5 -11.37 -5.97 5.60
N ASP A 6 -10.71 -4.82 5.62
CA ASP A 6 -9.26 -4.79 5.84
C ASP A 6 -8.91 -5.34 7.22
N ASN A 7 -9.66 -4.90 8.23
CA ASN A 7 -9.42 -5.35 9.60
C ASN A 7 -7.93 -5.52 9.85
N TRP A 8 -7.11 -4.74 9.13
CA TRP A 8 -5.66 -4.82 9.29
C TRP A 8 -5.04 -3.42 9.20
N LEU A 9 -5.89 -2.43 8.92
CA LEU A 9 -5.41 -1.05 8.82
C LEU A 9 -6.11 -0.17 9.84
N PRO A 10 -5.34 0.56 10.62
CA PRO A 10 -5.89 1.48 11.66
C PRO A 10 -6.46 2.76 11.07
N PRO A 11 -7.15 3.53 11.86
CA PRO A 11 -7.78 4.80 11.41
C PRO A 11 -6.75 5.74 10.75
N GLY A 12 -5.52 5.68 11.22
CA GLY A 12 -4.46 6.52 10.67
C GLY A 12 -4.27 6.25 9.18
N TRP A 13 -4.36 4.99 8.79
CA TRP A 13 -4.21 4.63 7.39
C TRP A 13 -5.52 4.82 6.63
N ARG A 14 -5.42 5.47 5.47
CA ARG A 14 -6.60 5.71 4.65
C ARG A 14 -6.56 4.85 3.39
N VAL A 15 -7.64 4.12 3.14
CA VAL A 15 -7.72 3.25 1.98
C VAL A 15 -8.64 3.86 0.92
N GLU A 16 -8.15 3.89 -0.32
CA GLU A 16 -8.93 4.46 -1.42
C GLU A 16 -8.93 3.52 -2.62
N ASP A 17 -10.04 3.48 -3.34
CA ASP A 17 -10.15 2.62 -4.52
C ASP A 17 -9.47 3.24 -5.72
N LYS A 18 -8.53 2.50 -6.32
CA LYS A 18 -7.80 2.99 -7.47
C LYS A 18 -7.71 1.92 -8.54
N ILE A 19 -8.35 2.16 -9.68
CA ILE A 19 -8.33 1.20 -10.78
C ILE A 19 -6.97 1.19 -11.45
N ARG A 20 -6.52 0.00 -11.86
CA ARG A 20 -5.23 -0.13 -12.54
C ARG A 20 -5.30 0.46 -13.94
N THR A 21 -4.19 1.07 -14.37
CA THR A 21 -4.13 1.68 -15.69
C THR A 21 -2.83 1.31 -16.39
N SER A 22 -2.26 0.17 -16.00
CA SER A 22 -1.01 -0.28 -16.60
C SER A 22 -1.20 -0.58 -18.08
N GLY A 23 -2.39 -1.08 -18.43
CA GLY A 23 -2.69 -1.41 -19.82
C GLY A 23 -3.39 -2.76 -19.92
N ALA A 24 -2.63 -3.79 -20.28
CA ALA A 24 -3.18 -5.13 -20.42
C ALA A 24 -3.73 -5.61 -19.07
N THR A 25 -3.01 -5.30 -18.00
CA THR A 25 -3.44 -5.73 -16.67
C THR A 25 -4.24 -4.63 -15.98
N ALA A 26 -4.59 -3.61 -16.74
CA ALA A 26 -5.37 -2.50 -16.20
C ALA A 26 -6.86 -2.83 -16.21
N GLY A 27 -7.65 -1.99 -15.55
CA GLY A 27 -9.09 -2.21 -15.48
C GLY A 27 -9.50 -2.80 -14.14
N SER A 28 -8.53 -3.38 -13.43
CA SER A 28 -8.79 -3.97 -12.13
C SER A 28 -8.89 -2.89 -11.06
N VAL A 29 -9.71 -3.15 -10.04
CA VAL A 29 -9.89 -2.19 -8.96
C VAL A 29 -9.05 -2.58 -7.76
N ASP A 30 -8.02 -1.78 -7.47
CA ASP A 30 -7.14 -2.04 -6.35
C ASP A 30 -7.13 -0.87 -5.39
N LYS A 31 -7.27 -1.17 -4.10
CA LYS A 31 -7.30 -0.13 -3.08
C LYS A 31 -5.88 0.26 -2.67
N TYR A 32 -5.66 1.56 -2.48
CA TYR A 32 -4.35 2.04 -2.08
C TYR A 32 -4.35 2.43 -0.61
N TYR A 33 -3.16 2.61 -0.03
CA TYR A 33 -3.05 2.99 1.36
C TYR A 33 -2.29 4.31 1.50
N TYR A 34 -2.94 5.30 2.12
CA TYR A 34 -2.34 6.60 2.31
C TYR A 34 -2.03 6.85 3.78
N GLU A 35 -0.80 7.26 4.06
CA GLU A 35 -0.40 7.54 5.44
C GLU A 35 -0.27 9.05 5.67
N PRO A 36 -1.19 9.61 6.40
CA PRO A 36 -1.20 11.07 6.71
C PRO A 36 -0.01 11.48 7.57
N ASN A 37 0.56 10.52 8.28
CA ASN A 37 1.70 10.80 9.15
C ASN A 37 2.87 11.34 8.34
N THR A 38 3.24 10.63 7.29
CA THR A 38 4.35 11.05 6.44
C THR A 38 3.87 11.34 5.02
N GLY A 39 2.62 10.99 4.75
CA GLY A 39 2.04 11.21 3.42
C GLY A 39 2.47 10.11 2.45
N ARG A 40 2.91 8.98 3.00
CA ARG A 40 3.33 7.86 2.18
C ARG A 40 2.13 7.08 1.66
N LYS A 41 2.20 6.64 0.41
CA LYS A 41 1.10 5.88 -0.19
C LYS A 41 1.58 4.52 -0.65
N PHE A 42 0.71 3.52 -0.56
CA PHE A 42 1.06 2.16 -0.97
C PHE A 42 0.04 1.63 -1.96
N ARG A 43 0.49 0.74 -2.84
CA ARG A 43 -0.39 0.16 -3.85
C ARG A 43 -0.84 -1.23 -3.44
N SER A 44 -0.02 -1.89 -2.62
CA SER A 44 -0.35 -3.24 -2.17
C SER A 44 -0.14 -3.35 -0.65
N ARG A 45 -0.99 -4.15 -0.02
CA ARG A 45 -0.90 -4.34 1.43
C ARG A 45 0.48 -4.84 1.81
N THR A 46 1.08 -5.66 0.95
CA THR A 46 2.41 -6.19 1.22
C THR A 46 3.40 -5.06 1.44
N GLU A 47 3.30 -4.00 0.64
CA GLU A 47 4.17 -2.85 0.79
C GLU A 47 3.96 -2.18 2.14
N VAL A 48 2.69 -2.07 2.56
CA VAL A 48 2.37 -1.46 3.84
C VAL A 48 2.92 -2.32 4.99
N LEU A 49 2.76 -3.63 4.87
CA LEU A 49 3.25 -4.55 5.90
C LEU A 49 4.77 -4.40 6.06
N TYR A 50 5.46 -4.18 4.94
CA TYR A 50 6.91 -4.01 4.97
C TYR A 50 7.27 -2.74 5.75
N TYR A 51 6.46 -1.70 5.58
CA TYR A 51 6.70 -0.44 6.28
C TYR A 51 6.72 -0.65 7.79
N LEU A 52 5.73 -1.39 8.29
CA LEU A 52 5.63 -1.68 9.71
C LEU A 52 6.74 -2.63 10.14
N GLU A 53 7.06 -3.59 9.27
CA GLU A 53 8.09 -4.56 9.57
C GLU A 53 9.44 -3.89 9.79
N HIS A 54 9.68 -2.82 9.05
CA HIS A 54 10.93 -2.08 9.18
C HIS A 54 10.70 -0.74 9.86
N GLY A 55 9.44 -0.32 9.93
CA GLY A 55 9.10 0.95 10.57
C GLY A 55 9.42 2.12 9.64
N THR A 56 9.93 1.81 8.47
CA THR A 56 10.28 2.85 7.49
C THR A 56 9.94 2.40 6.08
N SER A 57 9.81 3.36 5.18
CA SER A 57 9.50 3.05 3.78
C SER A 57 9.87 4.21 2.88
N LYS A 58 11.16 4.52 2.81
CA LYS A 58 11.64 5.61 1.97
C LYS A 58 12.54 5.08 0.87
N ARG A 59 12.23 5.43 -0.37
CA ARG A 59 13.03 4.98 -1.51
C ARG A 59 12.19 5.01 -2.79
N GLY A 60 11.37 3.98 -2.97
CA GLY A 60 10.52 3.89 -4.16
C GLY A 60 11.25 3.15 -5.28
N THR A 61 12.54 2.88 -5.07
CA THR A 61 13.33 2.17 -6.07
C THR A 61 14.17 1.08 -5.41
N LYS A 62 14.16 -0.10 -6.01
CA LYS A 62 14.93 -1.23 -5.46
C LYS A 62 15.77 -1.88 -6.55
N LYS A 63 16.91 -2.44 -6.15
CA LYS A 63 17.80 -3.10 -7.10
C LYS A 63 17.12 -4.30 -7.74
N ALA A 64 17.49 -4.59 -8.98
CA ALA A 64 16.90 -5.71 -9.71
C ALA A 64 17.28 -7.03 -9.04
N GLU A 65 18.33 -7.00 -8.23
CA GLU A 65 18.80 -8.19 -7.54
C GLU A 65 17.72 -8.71 -6.59
N ASN A 66 17.57 -10.03 -6.53
CA ASN A 66 16.57 -10.64 -5.66
C ASN A 66 17.12 -10.80 -4.24
N THR A 67 17.69 -9.72 -3.72
CA THR A 67 18.25 -9.76 -2.37
C THR A 67 17.18 -10.10 -1.34
N TYR A 68 17.48 -11.04 -0.46
CA TYR A 68 16.53 -11.45 0.56
C TYR A 68 17.25 -11.94 1.81
N GLY A 1 -15.57 5.17 1.05
CA GLY A 1 -15.58 3.69 0.92
C GLY A 1 -16.87 3.14 1.50
N PRO A 2 -17.88 2.98 0.68
CA PRO A 2 -19.20 2.45 1.11
C PRO A 2 -19.10 1.07 1.77
N LEU A 3 -18.06 0.32 1.38
CA LEU A 3 -17.85 -1.01 1.95
C LEU A 3 -17.62 -0.92 3.45
N GLY A 4 -16.85 0.08 3.87
CA GLY A 4 -16.55 0.26 5.28
C GLY A 4 -15.52 1.36 5.49
N SER A 5 -14.94 1.41 6.69
CA SER A 5 -13.95 2.43 7.00
C SER A 5 -12.61 1.77 7.32
N ASP A 6 -11.52 2.45 6.97
CA ASP A 6 -10.18 1.92 7.23
C ASP A 6 -9.87 1.96 8.72
N ASN A 7 -9.80 3.16 9.28
CA ASN A 7 -9.51 3.31 10.70
C ASN A 7 -8.46 2.28 11.13
N TRP A 8 -7.69 1.79 10.17
CA TRP A 8 -6.66 0.80 10.46
C TRP A 8 -5.32 1.22 9.85
N LEU A 9 -5.31 2.37 9.20
CA LEU A 9 -4.10 2.88 8.58
C LEU A 9 -3.71 4.23 9.18
N PRO A 10 -2.47 4.38 9.54
CA PRO A 10 -1.93 5.64 10.12
C PRO A 10 -2.08 6.82 9.16
N PRO A 11 -2.10 8.01 9.69
CA PRO A 11 -2.23 9.25 8.87
C PRO A 11 -1.20 9.30 7.74
N GLY A 12 -0.03 8.72 7.99
CA GLY A 12 1.02 8.70 6.98
C GLY A 12 0.61 7.85 5.78
N TRP A 13 -0.07 6.75 6.05
CA TRP A 13 -0.51 5.85 4.97
C TRP A 13 -1.61 6.50 4.15
N ARG A 14 -1.54 6.32 2.84
CA ARG A 14 -2.55 6.89 1.94
C ARG A 14 -3.39 5.79 1.31
N VAL A 15 -4.70 6.02 1.25
CA VAL A 15 -5.61 5.03 0.69
C VAL A 15 -6.29 5.58 -0.57
N GLU A 16 -6.37 4.75 -1.60
CA GLU A 16 -6.99 5.16 -2.85
C GLU A 16 -8.05 4.16 -3.29
N ASP A 17 -9.18 4.67 -3.76
CA ASP A 17 -10.27 3.79 -4.20
C ASP A 17 -10.39 3.82 -5.72
N LYS A 18 -10.51 2.63 -6.32
CA LYS A 18 -10.65 2.53 -7.76
C LYS A 18 -11.74 1.52 -8.13
N ILE A 19 -12.91 2.03 -8.50
CA ILE A 19 -14.03 1.17 -8.86
C ILE A 19 -14.49 1.47 -10.29
N ARG A 20 -14.67 0.42 -11.08
CA ARG A 20 -15.10 0.58 -12.47
C ARG A 20 -16.60 0.37 -12.58
N THR A 21 -17.26 1.23 -13.36
CA THR A 21 -18.70 1.13 -13.54
C THR A 21 -19.05 1.16 -15.03
N SER A 22 -18.05 0.92 -15.87
CA SER A 22 -18.26 0.93 -17.32
C SER A 22 -19.29 -0.12 -17.71
N GLY A 23 -19.16 -1.31 -17.14
CA GLY A 23 -20.09 -2.39 -17.46
C GLY A 23 -19.47 -3.76 -17.14
N ALA A 24 -19.51 -4.66 -18.13
CA ALA A 24 -18.95 -5.99 -17.93
C ALA A 24 -17.47 -5.90 -17.61
N THR A 25 -16.75 -5.02 -18.31
CA THR A 25 -15.32 -4.85 -18.06
C THR A 25 -15.09 -3.99 -16.83
N ALA A 26 -16.15 -3.78 -16.05
CA ALA A 26 -16.05 -2.99 -14.84
C ALA A 26 -16.56 -3.77 -13.63
N GLY A 27 -17.36 -3.10 -12.80
CA GLY A 27 -17.92 -3.76 -11.62
C GLY A 27 -16.83 -4.04 -10.60
N SER A 28 -15.57 -3.89 -11.03
CA SER A 28 -14.45 -4.17 -10.14
C SER A 28 -14.32 -3.08 -9.09
N VAL A 29 -13.88 -3.48 -7.90
CA VAL A 29 -13.70 -2.53 -6.80
C VAL A 29 -12.49 -2.90 -5.98
N ASP A 30 -11.39 -2.18 -6.18
CA ASP A 30 -10.16 -2.43 -5.45
C ASP A 30 -9.51 -1.13 -5.00
N LYS A 31 -9.11 -1.09 -3.74
CA LYS A 31 -8.46 0.10 -3.19
C LYS A 31 -6.94 -0.06 -3.23
N TYR A 32 -6.23 1.06 -3.11
CA TYR A 32 -4.78 1.04 -3.14
C TYR A 32 -4.19 1.75 -1.92
N TYR A 33 -3.14 1.17 -1.36
CA TYR A 33 -2.50 1.76 -0.18
C TYR A 33 -1.09 2.23 -0.53
N TYR A 34 -0.82 3.51 -0.32
CA TYR A 34 0.50 4.07 -0.61
C TYR A 34 1.24 4.39 0.68
N GLU A 35 2.53 4.11 0.70
CA GLU A 35 3.34 4.38 1.88
C GLU A 35 4.40 5.44 1.56
N PRO A 36 4.24 6.61 2.11
CA PRO A 36 5.17 7.75 1.87
C PRO A 36 6.57 7.47 2.42
N ASN A 37 6.66 6.54 3.35
CA ASN A 37 7.96 6.20 3.94
C ASN A 37 8.92 5.73 2.87
N THR A 38 8.48 4.78 2.03
CA THR A 38 9.33 4.25 0.97
C THR A 38 8.61 4.39 -0.37
N GLY A 39 7.46 5.05 -0.36
CA GLY A 39 6.69 5.23 -1.59
C GLY A 39 6.14 3.91 -2.09
N ARG A 40 5.95 2.96 -1.18
CA ARG A 40 5.44 1.64 -1.54
C ARG A 40 3.92 1.65 -1.64
N LYS A 41 3.39 0.89 -2.59
CA LYS A 41 1.94 0.83 -2.76
C LYS A 41 1.44 -0.60 -2.61
N PHE A 42 0.17 -0.75 -2.22
CA PHE A 42 -0.41 -2.07 -2.05
C PHE A 42 -1.79 -2.12 -2.69
N ARG A 43 -2.15 -3.29 -3.21
CA ARG A 43 -3.46 -3.46 -3.84
C ARG A 43 -4.51 -3.92 -2.83
N SER A 44 -4.06 -4.66 -1.83
CA SER A 44 -4.98 -5.16 -0.81
C SER A 44 -4.40 -4.95 0.59
N ARG A 45 -5.28 -4.83 1.56
CA ARG A 45 -4.86 -4.62 2.95
C ARG A 45 -3.85 -5.68 3.35
N THR A 46 -4.08 -6.92 2.91
CA THR A 46 -3.18 -8.01 3.23
C THR A 46 -1.74 -7.63 2.91
N GLU A 47 -1.53 -7.03 1.74
CA GLU A 47 -0.19 -6.61 1.35
C GLU A 47 0.34 -5.55 2.30
N VAL A 48 -0.53 -4.61 2.68
CA VAL A 48 -0.13 -3.54 3.60
C VAL A 48 0.23 -4.12 4.96
N LEU A 49 -0.59 -5.05 5.43
CA LEU A 49 -0.35 -5.67 6.73
C LEU A 49 0.99 -6.39 6.75
N TYR A 50 1.30 -7.05 5.64
CA TYR A 50 2.58 -7.78 5.53
C TYR A 50 3.75 -6.81 5.61
N TYR A 51 3.59 -5.64 4.99
CA TYR A 51 4.66 -4.64 4.99
C TYR A 51 5.01 -4.26 6.43
N LEU A 52 4.00 -3.96 7.23
CA LEU A 52 4.24 -3.59 8.63
C LEU A 52 4.72 -4.79 9.44
N GLU A 53 4.10 -5.95 9.19
CA GLU A 53 4.47 -7.17 9.88
C GLU A 53 5.89 -7.59 9.53
N HIS A 54 6.30 -7.31 8.31
CA HIS A 54 7.64 -7.66 7.86
C HIS A 54 8.64 -6.58 8.22
N GLY A 55 8.13 -5.42 8.62
CA GLY A 55 8.99 -4.30 9.00
C GLY A 55 9.87 -3.87 7.84
N THR A 56 9.36 -4.04 6.63
CA THR A 56 10.11 -3.67 5.43
C THR A 56 10.56 -2.22 5.50
N SER A 57 11.68 -1.98 6.18
CA SER A 57 12.20 -0.62 6.31
C SER A 57 13.72 -0.65 6.43
N LYS A 58 14.38 0.27 5.73
CA LYS A 58 15.84 0.34 5.77
C LYS A 58 16.29 1.79 5.94
N ARG A 59 17.33 1.98 6.75
CA ARG A 59 17.86 3.32 6.99
C ARG A 59 18.90 3.69 5.93
N GLY A 60 19.20 2.74 5.05
CA GLY A 60 20.18 2.98 3.99
C GLY A 60 21.58 3.10 4.57
N THR A 61 21.81 2.43 5.68
CA THR A 61 23.12 2.48 6.33
C THR A 61 24.20 1.89 5.40
N LYS A 62 23.77 1.03 4.48
CA LYS A 62 24.70 0.41 3.55
C LYS A 62 24.60 1.07 2.17
N LYS A 63 25.73 1.16 1.47
CA LYS A 63 25.75 1.77 0.14
C LYS A 63 26.61 0.94 -0.80
N ALA A 64 26.11 0.70 -2.01
CA ALA A 64 26.84 -0.08 -3.00
C ALA A 64 27.85 0.80 -3.72
N GLU A 65 28.23 1.91 -3.10
CA GLU A 65 29.19 2.83 -3.70
C GLU A 65 30.52 2.13 -3.95
N ASN A 66 30.97 1.35 -2.98
CA ASN A 66 32.24 0.63 -3.10
C ASN A 66 31.99 -0.82 -3.50
N THR A 67 30.75 -1.12 -3.87
CA THR A 67 30.38 -2.48 -4.26
C THR A 67 29.96 -2.51 -5.73
N TYR A 68 30.54 -3.44 -6.49
CA TYR A 68 30.21 -3.56 -7.90
C TYR A 68 29.83 -5.00 -8.24
N GLY A 1 -18.33 -12.26 7.17
CA GLY A 1 -17.50 -11.47 8.12
C GLY A 1 -17.24 -10.09 7.54
N PRO A 2 -16.65 -9.21 8.32
CA PRO A 2 -16.34 -7.83 7.88
C PRO A 2 -15.15 -7.79 6.92
N LEU A 3 -15.19 -8.62 5.89
CA LEU A 3 -14.11 -8.67 4.91
C LEU A 3 -14.01 -7.33 4.17
N GLY A 4 -15.15 -6.74 3.86
CA GLY A 4 -15.16 -5.46 3.15
C GLY A 4 -14.96 -4.30 4.12
N SER A 5 -14.87 -4.62 5.41
CA SER A 5 -14.68 -3.59 6.43
C SER A 5 -13.33 -2.91 6.25
N ASP A 6 -13.33 -1.58 6.31
CA ASP A 6 -12.09 -0.82 6.14
C ASP A 6 -11.57 -0.35 7.49
N ASN A 7 -12.11 -0.94 8.56
CA ASN A 7 -11.69 -0.56 9.91
C ASN A 7 -10.50 -1.41 10.35
N TRP A 8 -9.55 -1.63 9.44
CA TRP A 8 -8.38 -2.42 9.75
C TRP A 8 -7.12 -1.55 9.69
N LEU A 9 -7.29 -0.29 9.32
CA LEU A 9 -6.17 0.63 9.22
C LEU A 9 -5.96 1.36 10.55
N PRO A 10 -4.80 1.90 10.74
CA PRO A 10 -4.45 2.65 11.98
C PRO A 10 -5.24 3.95 12.12
N PRO A 11 -5.38 4.44 13.31
CA PRO A 11 -6.13 5.70 13.59
C PRO A 11 -5.41 6.92 13.01
N GLY A 12 -5.65 7.21 11.74
CA GLY A 12 -5.01 8.34 11.09
C GLY A 12 -4.80 8.07 9.60
N TRP A 13 -5.21 6.89 9.16
CA TRP A 13 -5.06 6.51 7.75
C TRP A 13 -6.37 6.77 7.00
N ARG A 14 -6.24 7.23 5.75
CA ARG A 14 -7.41 7.52 4.94
C ARG A 14 -7.48 6.55 3.75
N VAL A 15 -8.69 6.11 3.44
CA VAL A 15 -8.89 5.17 2.32
C VAL A 15 -9.75 5.81 1.24
N GLU A 16 -9.32 5.65 -0.01
CA GLU A 16 -10.06 6.21 -1.14
C GLU A 16 -10.37 5.14 -2.17
N ASP A 17 -11.60 5.13 -2.66
CA ASP A 17 -12.01 4.15 -3.66
C ASP A 17 -11.59 4.60 -5.06
N LYS A 18 -10.84 3.75 -5.75
CA LYS A 18 -10.39 4.07 -7.10
C LYS A 18 -10.59 2.88 -8.03
N ILE A 19 -11.58 2.99 -8.92
CA ILE A 19 -11.87 1.92 -9.86
C ILE A 19 -11.17 2.18 -11.19
N ARG A 20 -10.35 1.23 -11.62
CA ARG A 20 -9.62 1.38 -12.88
C ARG A 20 -10.56 1.89 -13.97
N THR A 21 -10.24 3.07 -14.50
CA THR A 21 -11.06 3.66 -15.56
C THR A 21 -11.05 2.78 -16.81
N SER A 22 -9.86 2.35 -17.20
CA SER A 22 -9.72 1.50 -18.39
C SER A 22 -8.37 0.80 -18.39
N GLY A 23 -8.32 -0.40 -18.95
CA GLY A 23 -7.08 -1.16 -19.02
C GLY A 23 -7.36 -2.62 -19.34
N ALA A 24 -6.29 -3.40 -19.46
CA ALA A 24 -6.43 -4.83 -19.75
C ALA A 24 -7.21 -5.54 -18.64
N THR A 25 -6.93 -5.16 -17.40
CA THR A 25 -7.61 -5.75 -16.26
C THR A 25 -8.46 -4.71 -15.54
N ALA A 26 -8.83 -3.66 -16.25
CA ALA A 26 -9.64 -2.60 -15.67
C ALA A 26 -11.07 -3.09 -15.40
N GLY A 27 -11.77 -2.40 -14.50
CA GLY A 27 -13.14 -2.78 -14.16
C GLY A 27 -13.23 -3.21 -12.70
N SER A 28 -12.13 -3.08 -11.97
CA SER A 28 -12.09 -3.44 -10.56
C SER A 28 -11.92 -2.21 -9.68
N VAL A 29 -12.64 -2.18 -8.56
CA VAL A 29 -12.56 -1.04 -7.65
C VAL A 29 -11.62 -1.37 -6.49
N ASP A 30 -10.48 -0.69 -6.47
CA ASP A 30 -9.50 -0.92 -5.40
C ASP A 30 -9.28 0.38 -4.62
N LYS A 31 -9.49 0.32 -3.32
CA LYS A 31 -9.33 1.49 -2.47
C LYS A 31 -7.86 1.69 -2.10
N TYR A 32 -7.42 2.95 -2.11
CA TYR A 32 -6.04 3.26 -1.78
C TYR A 32 -5.93 3.68 -0.31
N TYR A 33 -4.71 3.60 0.22
CA TYR A 33 -4.50 3.98 1.63
C TYR A 33 -3.47 5.11 1.72
N TYR A 34 -3.86 6.21 2.33
CA TYR A 34 -2.97 7.35 2.49
C TYR A 34 -2.55 7.53 3.94
N GLU A 35 -1.25 7.74 4.16
CA GLU A 35 -0.74 7.92 5.51
C GLU A 35 -0.34 9.38 5.72
N PRO A 36 -1.14 10.11 6.48
CA PRO A 36 -0.88 11.55 6.75
C PRO A 36 0.48 11.78 7.40
N ASN A 37 0.97 10.77 8.13
CA ASN A 37 2.26 10.90 8.80
C ASN A 37 3.34 11.33 7.82
N THR A 38 3.48 10.58 6.73
CA THR A 38 4.48 10.91 5.72
C THR A 38 3.81 11.16 4.37
N GLY A 39 2.48 11.07 4.35
CA GLY A 39 1.72 11.29 3.13
C GLY A 39 1.93 10.13 2.15
N ARG A 40 2.28 8.96 2.69
CA ARG A 40 2.51 7.78 1.87
C ARG A 40 1.19 7.16 1.44
N LYS A 41 1.13 6.70 0.19
CA LYS A 41 -0.08 6.08 -0.33
C LYS A 41 0.17 4.61 -0.66
N PHE A 42 -0.87 3.80 -0.58
CA PHE A 42 -0.76 2.37 -0.87
C PHE A 42 -1.86 1.93 -1.83
N ARG A 43 -1.57 0.89 -2.61
CA ARG A 43 -2.54 0.38 -3.57
C ARG A 43 -3.01 -1.02 -3.18
N SER A 44 -2.29 -1.63 -2.24
CA SER A 44 -2.64 -2.97 -1.78
C SER A 44 -2.44 -3.09 -0.27
N ARG A 45 -3.26 -3.91 0.38
CA ARG A 45 -3.17 -4.09 1.82
C ARG A 45 -1.80 -4.64 2.18
N THR A 46 -1.29 -5.57 1.37
CA THR A 46 0.01 -6.16 1.63
C THR A 46 1.09 -5.09 1.68
N GLU A 47 1.02 -4.13 0.76
CA GLU A 47 1.99 -3.05 0.73
C GLU A 47 1.94 -2.23 2.01
N VAL A 48 0.73 -1.97 2.50
CA VAL A 48 0.55 -1.20 3.72
C VAL A 48 1.10 -1.97 4.93
N LEU A 49 0.82 -3.27 4.96
CA LEU A 49 1.27 -4.11 6.07
C LEU A 49 2.80 -4.16 6.12
N TYR A 50 3.42 -4.24 4.95
CA TYR A 50 4.88 -4.29 4.87
C TYR A 50 5.49 -3.01 5.42
N TYR A 51 4.90 -1.87 5.07
CA TYR A 51 5.37 -0.59 5.55
C TYR A 51 5.28 -0.50 7.07
N LEU A 52 4.15 -0.94 7.61
CA LEU A 52 3.92 -0.91 9.05
C LEU A 52 4.83 -1.90 9.76
N GLU A 53 5.08 -3.04 9.13
CA GLU A 53 5.91 -4.07 9.72
C GLU A 53 7.30 -3.55 10.01
N HIS A 54 7.85 -2.80 9.06
CA HIS A 54 9.19 -2.24 9.23
C HIS A 54 9.12 -0.74 9.50
N GLY A 55 7.95 -0.16 9.26
CA GLY A 55 7.76 1.27 9.50
C GLY A 55 8.33 2.09 8.35
N THR A 56 8.94 1.41 7.40
CA THR A 56 9.54 2.09 6.25
C THR A 56 9.68 1.12 5.07
N SER A 57 9.84 1.68 3.87
CA SER A 57 9.98 0.86 2.68
C SER A 57 11.30 1.18 1.97
N LYS A 58 12.12 0.16 1.77
CA LYS A 58 13.41 0.35 1.10
C LYS A 58 13.84 -0.94 0.40
N ARG A 59 14.83 -0.83 -0.49
CA ARG A 59 15.33 -1.99 -1.21
C ARG A 59 16.85 -2.03 -1.14
N GLY A 60 17.42 -3.21 -1.40
CA GLY A 60 18.86 -3.38 -1.37
C GLY A 60 19.54 -2.44 -2.36
N THR A 61 20.75 -2.00 -2.01
CA THR A 61 21.49 -1.09 -2.87
C THR A 61 22.89 -1.64 -3.16
N LYS A 62 23.52 -1.12 -4.21
CA LYS A 62 24.86 -1.58 -4.58
C LYS A 62 25.88 -1.17 -3.52
N LYS A 63 26.71 -2.12 -3.11
CA LYS A 63 27.73 -1.84 -2.11
C LYS A 63 28.47 -3.13 -1.73
N ALA A 64 29.77 -3.01 -1.51
CA ALA A 64 30.58 -4.17 -1.14
C ALA A 64 29.98 -5.45 -1.73
N GLU A 65 29.67 -5.42 -3.02
CA GLU A 65 29.09 -6.57 -3.68
C GLU A 65 30.15 -7.64 -3.92
N ASN A 66 29.81 -8.90 -3.64
CA ASN A 66 30.75 -9.99 -3.82
C ASN A 66 30.74 -10.48 -5.27
N THR A 67 31.84 -11.09 -5.68
CA THR A 67 31.95 -11.60 -7.05
C THR A 67 31.07 -12.84 -7.24
N TYR A 68 30.83 -13.20 -8.49
CA TYR A 68 30.00 -14.35 -8.79
C TYR A 68 29.95 -14.60 -10.30
N GLY A 1 -13.77 -10.28 14.72
CA GLY A 1 -14.33 -11.29 13.77
C GLY A 1 -13.63 -11.15 12.42
N PRO A 2 -14.37 -11.25 11.35
CA PRO A 2 -13.82 -11.14 9.97
C PRO A 2 -13.07 -9.82 9.77
N LEU A 3 -11.90 -9.90 9.14
CA LEU A 3 -11.10 -8.71 8.86
C LEU A 3 -11.76 -7.86 7.79
N GLY A 4 -12.43 -8.52 6.84
CA GLY A 4 -13.08 -7.82 5.75
C GLY A 4 -12.10 -7.48 4.63
N SER A 5 -10.87 -7.95 4.78
CA SER A 5 -9.84 -7.71 3.78
C SER A 5 -9.29 -6.28 3.91
N ASP A 6 -9.95 -5.48 4.74
CA ASP A 6 -9.52 -4.10 4.94
C ASP A 6 -8.99 -3.91 6.36
N ASN A 7 -9.26 -4.89 7.22
CA ASN A 7 -8.79 -4.82 8.61
C ASN A 7 -7.34 -5.30 8.71
N TRP A 8 -6.53 -4.93 7.73
CA TRP A 8 -5.13 -5.32 7.72
C TRP A 8 -4.23 -4.09 7.73
N LEU A 9 -4.84 -2.90 7.76
CA LEU A 9 -4.09 -1.67 7.77
C LEU A 9 -3.80 -1.23 9.20
N PRO A 10 -2.76 -0.48 9.39
CA PRO A 10 -2.35 0.05 10.73
C PRO A 10 -3.37 1.04 11.29
N PRO A 11 -3.37 1.21 12.58
CA PRO A 11 -4.29 2.15 13.27
C PRO A 11 -3.97 3.61 12.97
N GLY A 12 -4.48 4.11 11.85
CA GLY A 12 -4.23 5.50 11.45
C GLY A 12 -4.25 5.64 9.94
N TRP A 13 -4.48 4.53 9.25
CA TRP A 13 -4.53 4.53 7.79
C TRP A 13 -5.96 4.73 7.30
N ARG A 14 -6.11 5.45 6.20
CA ARG A 14 -7.43 5.70 5.62
C ARG A 14 -7.55 5.02 4.25
N VAL A 15 -8.68 4.37 4.01
CA VAL A 15 -8.91 3.68 2.75
C VAL A 15 -10.09 4.29 2.01
N GLU A 16 -9.90 4.54 0.71
CA GLU A 16 -10.95 5.13 -0.10
C GLU A 16 -11.22 4.29 -1.35
N ASP A 17 -12.49 4.14 -1.69
CA ASP A 17 -12.86 3.32 -2.85
C ASP A 17 -12.63 4.11 -4.14
N LYS A 18 -11.82 3.56 -5.02
CA LYS A 18 -11.53 4.22 -6.30
C LYS A 18 -11.60 3.22 -7.44
N ILE A 19 -12.59 3.40 -8.32
CA ILE A 19 -12.75 2.51 -9.47
C ILE A 19 -11.57 2.66 -10.42
N ARG A 20 -11.13 1.53 -10.97
CA ARG A 20 -10.00 1.54 -11.89
C ARG A 20 -10.44 1.97 -13.29
N THR A 21 -9.92 3.09 -13.75
CA THR A 21 -10.27 3.61 -15.08
C THR A 21 -9.83 2.63 -16.16
N SER A 22 -8.61 2.12 -16.03
CA SER A 22 -8.09 1.18 -17.01
C SER A 22 -7.00 0.30 -16.39
N GLY A 23 -6.68 -0.81 -17.04
CA GLY A 23 -5.67 -1.72 -16.55
C GLY A 23 -6.07 -3.17 -16.77
N ALA A 24 -5.31 -4.10 -16.19
CA ALA A 24 -5.60 -5.51 -16.33
C ALA A 24 -6.99 -5.83 -15.78
N THR A 25 -7.34 -5.21 -14.67
CA THR A 25 -8.64 -5.43 -14.05
C THR A 25 -9.61 -4.32 -14.43
N ALA A 26 -9.16 -3.40 -15.28
CA ALA A 26 -9.98 -2.27 -15.70
C ALA A 26 -11.45 -2.59 -15.48
N GLY A 27 -12.17 -1.65 -14.86
CA GLY A 27 -13.58 -1.85 -14.58
C GLY A 27 -13.80 -2.30 -13.14
N SER A 28 -12.74 -2.77 -12.50
CA SER A 28 -12.82 -3.23 -11.13
C SER A 28 -12.64 -2.06 -10.16
N VAL A 29 -12.98 -2.27 -8.89
CA VAL A 29 -12.84 -1.24 -7.89
C VAL A 29 -11.64 -1.51 -7.00
N ASP A 30 -10.73 -0.54 -6.95
CA ASP A 30 -9.52 -0.68 -6.14
C ASP A 30 -9.46 0.41 -5.08
N LYS A 31 -9.39 0.03 -3.82
CA LYS A 31 -9.35 1.01 -2.73
C LYS A 31 -7.92 1.49 -2.51
N TYR A 32 -7.77 2.77 -2.23
CA TYR A 32 -6.46 3.36 -1.99
C TYR A 32 -6.20 3.51 -0.49
N TYR A 33 -4.92 3.65 -0.13
CA TYR A 33 -4.56 3.81 1.27
C TYR A 33 -3.83 5.12 1.48
N TYR A 34 -4.35 5.95 2.36
CA TYR A 34 -3.74 7.25 2.65
C TYR A 34 -3.16 7.28 4.06
N GLU A 35 -1.95 7.80 4.18
CA GLU A 35 -1.29 7.90 5.48
C GLU A 35 -1.23 9.35 5.94
N PRO A 36 -1.94 9.67 6.99
CA PRO A 36 -1.96 11.05 7.55
C PRO A 36 -0.61 11.48 8.09
N ASN A 37 0.23 10.50 8.44
CA ASN A 37 1.55 10.80 8.98
C ASN A 37 2.40 11.54 7.96
N THR A 38 2.55 10.95 6.77
CA THR A 38 3.34 11.57 5.72
C THR A 38 2.45 11.95 4.54
N GLY A 39 1.19 11.56 4.61
CA GLY A 39 0.23 11.86 3.55
C GLY A 39 0.52 11.01 2.31
N ARG A 40 1.18 9.88 2.51
CA ARG A 40 1.52 8.99 1.41
C ARG A 40 0.31 8.14 1.02
N LYS A 41 0.18 7.86 -0.28
CA LYS A 41 -0.94 7.07 -0.76
C LYS A 41 -0.44 5.80 -1.45
N PHE A 42 -1.24 4.75 -1.42
CA PHE A 42 -0.87 3.48 -2.04
C PHE A 42 -1.99 2.98 -2.93
N ARG A 43 -1.64 2.24 -3.98
CA ARG A 43 -2.64 1.72 -4.91
C ARG A 43 -2.77 0.21 -4.75
N SER A 44 -1.69 -0.44 -4.35
CA SER A 44 -1.70 -1.89 -4.17
C SER A 44 -1.20 -2.26 -2.78
N ARG A 45 -1.73 -3.36 -2.24
CA ARG A 45 -1.33 -3.81 -0.92
C ARG A 45 0.18 -4.07 -0.88
N THR A 46 0.70 -4.63 -1.95
CA THR A 46 2.13 -4.92 -2.03
C THR A 46 2.93 -3.64 -1.85
N GLU A 47 2.47 -2.55 -2.47
CA GLU A 47 3.16 -1.27 -2.35
C GLU A 47 3.21 -0.82 -0.90
N VAL A 48 2.09 -1.00 -0.19
CA VAL A 48 2.01 -0.62 1.21
C VAL A 48 2.94 -1.50 2.05
N LEU A 49 2.98 -2.78 1.71
CA LEU A 49 3.82 -3.73 2.45
C LEU A 49 5.30 -3.37 2.29
N TYR A 50 5.68 -2.99 1.09
CA TYR A 50 7.06 -2.61 0.81
C TYR A 50 7.45 -1.37 1.61
N TYR A 51 6.51 -0.44 1.71
CA TYR A 51 6.75 0.80 2.46
C TYR A 51 7.13 0.49 3.90
N LEU A 52 6.35 -0.38 4.53
CA LEU A 52 6.61 -0.76 5.92
C LEU A 52 7.89 -1.60 6.02
N GLU A 53 8.09 -2.48 5.05
CA GLU A 53 9.27 -3.34 5.03
C GLU A 53 10.55 -2.51 4.95
N HIS A 54 10.49 -1.42 4.18
CA HIS A 54 11.64 -0.55 4.02
C HIS A 54 11.68 0.53 5.11
N GLY A 55 10.60 0.61 5.88
CA GLY A 55 10.53 1.60 6.94
C GLY A 55 10.68 3.02 6.40
N THR A 56 10.26 3.22 5.17
CA THR A 56 10.35 4.53 4.54
C THR A 56 11.80 4.84 4.17
N SER A 57 12.61 3.79 4.05
CA SER A 57 14.02 3.96 3.70
C SER A 57 14.32 3.32 2.34
N LYS A 58 15.08 4.02 1.52
CA LYS A 58 15.43 3.51 0.20
C LYS A 58 16.95 3.49 0.02
N ARG A 59 17.59 4.64 0.24
CA ARG A 59 19.03 4.74 0.09
C ARG A 59 19.70 4.90 1.45
N GLY A 60 20.82 4.22 1.64
CA GLY A 60 21.55 4.29 2.90
C GLY A 60 21.35 3.03 3.72
N THR A 61 20.66 2.05 3.13
CA THR A 61 20.41 0.80 3.82
C THR A 61 20.79 -0.39 2.94
N LYS A 62 20.99 -1.55 3.55
CA LYS A 62 21.37 -2.74 2.80
C LYS A 62 20.76 -2.73 1.40
N LYS A 63 21.59 -2.51 0.40
CA LYS A 63 21.13 -2.46 -0.98
C LYS A 63 20.52 -3.81 -1.38
N ALA A 64 21.18 -4.88 -1.00
CA ALA A 64 20.69 -6.22 -1.32
C ALA A 64 21.18 -7.23 -0.29
N GLU A 65 20.35 -8.23 0.01
CA GLU A 65 20.72 -9.26 0.96
C GLU A 65 19.96 -10.56 0.67
N ASN A 66 20.71 -11.66 0.60
CA ASN A 66 20.11 -12.96 0.34
C ASN A 66 20.98 -14.08 0.90
N THR A 67 20.38 -15.26 1.05
CA THR A 67 21.12 -16.41 1.58
C THR A 67 20.93 -17.62 0.67
N TYR A 68 22.04 -18.25 0.28
CA TYR A 68 21.98 -19.42 -0.58
C TYR A 68 23.38 -20.01 -0.77
N GLY A 1 -23.51 7.59 9.71
CA GLY A 1 -22.46 7.37 10.74
C GLY A 1 -21.26 6.69 10.10
N PRO A 2 -20.10 7.28 10.24
CA PRO A 2 -18.83 6.74 9.66
C PRO A 2 -18.54 5.33 10.16
N LEU A 3 -18.05 4.48 9.26
CA LEU A 3 -17.73 3.10 9.63
C LEU A 3 -16.63 2.56 8.73
N GLY A 4 -15.51 2.18 9.34
CA GLY A 4 -14.38 1.64 8.58
C GLY A 4 -14.33 0.12 8.68
N SER A 5 -14.86 -0.55 7.67
CA SER A 5 -14.87 -2.01 7.65
C SER A 5 -13.44 -2.55 7.67
N ASP A 6 -12.50 -1.72 7.28
CA ASP A 6 -11.10 -2.12 7.26
C ASP A 6 -10.64 -2.50 8.66
N ASN A 7 -11.02 -1.71 9.65
CA ASN A 7 -10.64 -1.99 11.03
C ASN A 7 -9.25 -2.60 11.10
N TRP A 8 -8.44 -2.34 10.07
CA TRP A 8 -7.10 -2.88 10.02
C TRP A 8 -6.10 -1.77 9.65
N LEU A 9 -6.63 -0.60 9.29
CA LEU A 9 -5.79 0.53 8.94
C LEU A 9 -5.64 1.47 10.13
N PRO A 10 -4.43 1.80 10.48
CA PRO A 10 -4.13 2.73 11.61
C PRO A 10 -4.38 4.18 11.24
N PRO A 11 -4.69 5.00 12.21
CA PRO A 11 -4.94 6.46 11.99
C PRO A 11 -3.74 7.14 11.35
N GLY A 12 -3.65 7.05 10.03
CA GLY A 12 -2.55 7.68 9.30
C GLY A 12 -2.56 7.26 7.84
N TRP A 13 -2.90 6.01 7.58
CA TRP A 13 -2.96 5.51 6.21
C TRP A 13 -4.18 6.06 5.47
N ARG A 14 -3.99 6.43 4.21
CA ARG A 14 -5.08 6.97 3.42
C ARG A 14 -5.63 5.90 2.46
N VAL A 15 -6.94 5.72 2.48
CA VAL A 15 -7.57 4.72 1.62
C VAL A 15 -8.34 5.40 0.49
N GLU A 16 -8.09 4.93 -0.74
CA GLU A 16 -8.78 5.49 -1.90
C GLU A 16 -9.49 4.40 -2.69
N ASP A 17 -10.75 4.63 -3.02
CA ASP A 17 -11.52 3.65 -3.77
C ASP A 17 -11.41 3.90 -5.26
N LYS A 18 -11.01 2.88 -6.00
CA LYS A 18 -10.87 3.01 -7.45
C LYS A 18 -11.46 1.80 -8.17
N ILE A 19 -12.52 2.03 -8.93
CA ILE A 19 -13.17 0.94 -9.66
C ILE A 19 -12.83 1.02 -11.15
N ARG A 20 -12.29 -0.06 -11.68
CA ARG A 20 -11.91 -0.11 -13.09
C ARG A 20 -13.14 0.11 -13.98
N THR A 21 -13.06 1.07 -14.87
CA THR A 21 -14.17 1.38 -15.77
C THR A 21 -13.81 1.09 -17.21
N SER A 22 -12.70 0.36 -17.40
CA SER A 22 -12.24 0.03 -18.74
C SER A 22 -11.64 -1.38 -18.77
N GLY A 23 -11.76 -2.04 -19.92
CA GLY A 23 -11.22 -3.39 -20.06
C GLY A 23 -12.31 -4.43 -19.85
N ALA A 24 -11.99 -5.68 -20.16
CA ALA A 24 -12.95 -6.77 -20.01
C ALA A 24 -13.39 -6.89 -18.55
N THR A 25 -12.43 -6.73 -17.64
CA THR A 25 -12.73 -6.84 -16.21
C THR A 25 -13.39 -5.56 -15.70
N ALA A 26 -13.65 -4.63 -16.62
CA ALA A 26 -14.26 -3.36 -16.25
C ALA A 26 -15.42 -3.60 -15.28
N GLY A 27 -15.41 -2.85 -14.18
CA GLY A 27 -16.45 -2.98 -13.16
C GLY A 27 -15.88 -3.57 -11.87
N SER A 28 -14.71 -4.17 -11.96
CA SER A 28 -14.07 -4.76 -10.79
C SER A 28 -13.97 -3.73 -9.67
N VAL A 29 -13.16 -4.04 -8.65
CA VAL A 29 -12.98 -3.14 -7.52
C VAL A 29 -11.56 -3.21 -7.01
N ASP A 30 -10.90 -2.06 -6.92
CA ASP A 30 -9.52 -2.01 -6.43
C ASP A 30 -9.27 -0.72 -5.66
N LYS A 31 -8.83 -0.84 -4.42
CA LYS A 31 -8.55 0.32 -3.59
C LYS A 31 -7.04 0.56 -3.49
N TYR A 32 -6.67 1.81 -3.20
CA TYR A 32 -5.27 2.16 -3.07
C TYR A 32 -4.96 2.76 -1.70
N TYR A 33 -3.82 2.40 -1.13
CA TYR A 33 -3.44 2.92 0.18
C TYR A 33 -2.25 3.86 0.05
N TYR A 34 -2.42 5.08 0.51
CA TYR A 34 -1.35 6.08 0.44
C TYR A 34 -0.76 6.34 1.82
N GLU A 35 0.53 6.66 1.86
CA GLU A 35 1.20 6.93 3.13
C GLU A 35 1.84 8.31 3.09
N PRO A 36 1.20 9.28 3.68
CA PRO A 36 1.70 10.70 3.71
C PRO A 36 3.08 10.79 4.36
N ASN A 37 3.40 9.83 5.22
CA ASN A 37 4.70 9.85 5.90
C ASN A 37 5.84 9.81 4.90
N THR A 38 5.75 8.90 3.94
CA THR A 38 6.79 8.79 2.91
C THR A 38 6.17 8.99 1.53
N GLY A 39 4.87 9.27 1.50
CA GLY A 39 4.17 9.48 0.23
C GLY A 39 4.10 8.18 -0.57
N ARG A 40 4.17 7.05 0.14
CA ARG A 40 4.10 5.75 -0.51
C ARG A 40 2.67 5.30 -0.68
N LYS A 41 2.38 4.67 -1.82
CA LYS A 41 1.03 4.20 -2.09
C LYS A 41 1.02 2.70 -2.36
N PHE A 42 -0.12 2.05 -2.14
CA PHE A 42 -0.25 0.62 -2.36
C PHE A 42 -1.49 0.32 -3.19
N ARG A 43 -1.47 -0.82 -3.88
CA ARG A 43 -2.60 -1.21 -4.72
C ARG A 43 -3.40 -2.34 -4.07
N SER A 44 -2.72 -3.18 -3.31
CA SER A 44 -3.37 -4.30 -2.64
C SER A 44 -3.20 -4.21 -1.13
N ARG A 45 -4.22 -4.66 -0.40
CA ARG A 45 -4.17 -4.61 1.06
C ARG A 45 -2.99 -5.42 1.58
N THR A 46 -2.75 -6.58 0.98
CA THR A 46 -1.65 -7.43 1.39
C THR A 46 -0.32 -6.67 1.29
N GLU A 47 -0.18 -5.87 0.24
CA GLU A 47 1.03 -5.09 0.06
C GLU A 47 1.21 -4.09 1.20
N VAL A 48 0.10 -3.50 1.63
CA VAL A 48 0.13 -2.54 2.73
C VAL A 48 0.49 -3.24 4.04
N LEU A 49 -0.03 -4.45 4.21
CA LEU A 49 0.23 -5.22 5.44
C LEU A 49 1.73 -5.54 5.55
N TYR A 50 2.33 -5.86 4.42
CA TYR A 50 3.76 -6.18 4.40
C TYR A 50 4.59 -4.95 4.77
N TYR A 51 4.17 -3.79 4.28
CA TYR A 51 4.87 -2.54 4.56
C TYR A 51 4.92 -2.28 6.06
N LEU A 52 3.77 -2.42 6.72
CA LEU A 52 3.69 -2.20 8.15
C LEU A 52 4.47 -3.26 8.91
N GLU A 53 4.42 -4.49 8.40
CA GLU A 53 5.12 -5.60 9.04
C GLU A 53 6.62 -5.33 9.10
N HIS A 54 7.14 -4.66 8.08
CA HIS A 54 8.56 -4.34 8.03
C HIS A 54 8.85 -3.01 8.72
N GLY A 55 7.80 -2.30 9.09
CA GLY A 55 7.96 -1.01 9.76
C GLY A 55 8.56 0.02 8.83
N THR A 56 8.39 -0.19 7.53
CA THR A 56 8.93 0.73 6.54
C THR A 56 10.44 0.50 6.35
N SER A 57 10.93 -0.62 6.88
CA SER A 57 12.34 -0.95 6.75
C SER A 57 12.53 -2.29 6.05
N LYS A 58 13.30 -2.29 4.97
CA LYS A 58 13.55 -3.51 4.21
C LYS A 58 15.04 -3.84 4.20
N ARG A 59 15.38 -5.04 4.64
CA ARG A 59 16.77 -5.46 4.67
C ARG A 59 17.67 -4.31 5.11
N GLY A 60 17.12 -3.39 5.89
CA GLY A 60 17.88 -2.25 6.38
C GLY A 60 18.42 -1.43 5.20
N THR A 61 19.72 -1.18 5.21
CA THR A 61 20.35 -0.40 4.15
C THR A 61 21.22 -1.29 3.27
N LYS A 62 21.04 -1.19 1.96
CA LYS A 62 21.81 -1.99 1.02
C LYS A 62 23.30 -1.83 1.28
N LYS A 63 24.00 -2.96 1.40
CA LYS A 63 25.43 -2.93 1.64
C LYS A 63 26.17 -2.30 0.46
N ALA A 64 27.21 -1.54 0.75
CA ALA A 64 28.00 -0.89 -0.30
C ALA A 64 28.67 -1.93 -1.17
N GLU A 65 28.76 -1.63 -2.47
CA GLU A 65 29.38 -2.56 -3.42
C GLU A 65 30.53 -1.87 -4.15
N ASN A 66 31.58 -2.64 -4.43
CA ASN A 66 32.75 -2.10 -5.13
C ASN A 66 32.41 -1.83 -6.60
N THR A 67 33.23 -1.01 -7.25
CA THR A 67 33.01 -0.67 -8.64
C THR A 67 34.28 -0.87 -9.45
N TYR A 68 34.12 -0.97 -10.76
CA TYR A 68 35.28 -1.19 -11.64
C TYR A 68 35.32 -0.11 -12.73
N GLY A 1 -21.45 -7.28 6.16
CA GLY A 1 -20.81 -6.57 5.01
C GLY A 1 -19.33 -6.96 4.94
N PRO A 2 -18.56 -6.20 4.21
CA PRO A 2 -17.10 -6.45 4.04
C PRO A 2 -16.37 -6.45 5.39
N LEU A 3 -15.42 -7.36 5.54
CA LEU A 3 -14.65 -7.46 6.78
C LEU A 3 -13.19 -7.09 6.53
N GLY A 4 -12.64 -6.24 7.38
CA GLY A 4 -11.25 -5.82 7.25
C GLY A 4 -10.95 -4.64 8.16
N SER A 5 -9.67 -4.26 8.22
CA SER A 5 -9.26 -3.13 9.05
C SER A 5 -8.00 -2.49 8.50
N ASP A 6 -7.93 -1.16 8.60
CA ASP A 6 -6.78 -0.42 8.09
C ASP A 6 -5.82 -0.10 9.24
N ASN A 7 -6.17 -0.54 10.45
CA ASN A 7 -5.33 -0.28 11.62
C ASN A 7 -3.91 -0.74 11.37
N TRP A 8 -3.73 -1.59 10.36
CA TRP A 8 -2.41 -2.11 10.03
C TRP A 8 -1.60 -1.06 9.27
N LEU A 9 -2.23 0.08 9.00
CA LEU A 9 -1.55 1.15 8.28
C LEU A 9 -1.20 2.30 9.23
N PRO A 10 0.04 2.71 9.21
CA PRO A 10 0.53 3.82 10.07
C PRO A 10 -0.25 5.11 9.84
N PRO A 11 -0.19 6.02 10.78
CA PRO A 11 -0.90 7.33 10.69
C PRO A 11 -0.42 8.17 9.51
N GLY A 12 0.77 7.83 9.00
CA GLY A 12 1.34 8.55 7.86
C GLY A 12 0.77 8.04 6.54
N TRP A 13 0.16 6.86 6.59
CA TRP A 13 -0.42 6.26 5.39
C TRP A 13 -1.84 6.77 5.18
N ARG A 14 -2.16 7.14 3.94
CA ARG A 14 -3.49 7.65 3.62
C ARG A 14 -4.24 6.66 2.74
N VAL A 15 -5.41 6.24 3.20
CA VAL A 15 -6.23 5.29 2.44
C VAL A 15 -7.38 6.02 1.76
N GLU A 16 -7.58 5.73 0.48
CA GLU A 16 -8.65 6.38 -0.28
C GLU A 16 -9.49 5.35 -1.02
N ASP A 17 -10.81 5.56 -1.03
CA ASP A 17 -11.71 4.64 -1.73
C ASP A 17 -11.83 5.04 -3.20
N LYS A 18 -11.77 4.04 -4.08
CA LYS A 18 -11.88 4.29 -5.51
C LYS A 18 -12.70 3.20 -6.19
N ILE A 19 -13.90 3.55 -6.61
CA ILE A 19 -14.78 2.59 -7.28
C ILE A 19 -14.28 2.31 -8.69
N ARG A 20 -14.13 1.03 -9.02
CA ARG A 20 -13.64 0.65 -10.34
C ARG A 20 -14.50 1.28 -11.42
N THR A 21 -13.85 1.89 -12.40
CA THR A 21 -14.57 2.53 -13.50
C THR A 21 -14.28 1.83 -14.82
N SER A 22 -13.14 1.15 -14.88
CA SER A 22 -12.76 0.44 -16.09
C SER A 22 -12.40 -1.01 -15.77
N GLY A 23 -12.63 -1.90 -16.74
CA GLY A 23 -12.33 -3.31 -16.55
C GLY A 23 -13.58 -4.10 -16.19
N ALA A 24 -13.43 -5.40 -16.01
CA ALA A 24 -14.56 -6.26 -15.66
C ALA A 24 -15.16 -5.82 -14.33
N THR A 25 -14.31 -5.40 -13.40
CA THR A 25 -14.78 -4.97 -12.09
C THR A 25 -15.68 -3.74 -12.21
N ALA A 26 -15.51 -3.00 -13.30
CA ALA A 26 -16.33 -1.82 -13.54
C ALA A 26 -17.58 -1.84 -12.66
N GLY A 27 -17.59 -1.00 -11.63
CA GLY A 27 -18.71 -0.95 -10.71
C GLY A 27 -18.33 -1.51 -9.34
N SER A 28 -17.16 -2.13 -9.27
CA SER A 28 -16.68 -2.70 -8.01
C SER A 28 -16.16 -1.59 -7.10
N VAL A 29 -15.16 -1.93 -6.29
CA VAL A 29 -14.57 -0.95 -5.38
C VAL A 29 -13.14 -1.34 -5.04
N ASP A 30 -12.22 -0.39 -5.16
CA ASP A 30 -10.81 -0.65 -4.86
C ASP A 30 -10.21 0.52 -4.07
N LYS A 31 -9.61 0.19 -2.94
CA LYS A 31 -9.00 1.21 -2.09
C LYS A 31 -7.53 1.40 -2.44
N TYR A 32 -7.03 2.61 -2.23
CA TYR A 32 -5.63 2.91 -2.52
C TYR A 32 -4.91 3.41 -1.27
N TYR A 33 -3.61 3.18 -1.21
CA TYR A 33 -2.82 3.63 -0.06
C TYR A 33 -1.72 4.59 -0.50
N TYR A 34 -1.71 5.78 0.09
CA TYR A 34 -0.71 6.78 -0.26
C TYR A 34 0.25 7.02 0.90
N GLU A 35 1.54 7.00 0.62
CA GLU A 35 2.55 7.22 1.65
C GLU A 35 3.26 8.55 1.42
N PRO A 36 2.91 9.54 2.19
CA PRO A 36 3.52 10.91 2.07
C PRO A 36 5.02 10.89 2.32
N ASN A 37 5.49 9.86 3.03
CA ASN A 37 6.91 9.77 3.34
C ASN A 37 7.74 9.72 2.06
N THR A 38 7.39 8.81 1.16
CA THR A 38 8.11 8.69 -0.10
C THR A 38 7.20 9.01 -1.27
N GLY A 39 5.90 9.14 -0.99
CA GLY A 39 4.93 9.43 -2.03
C GLY A 39 4.50 8.17 -2.77
N ARG A 40 4.82 7.02 -2.18
CA ARG A 40 4.46 5.73 -2.79
C ARG A 40 2.97 5.47 -2.64
N LYS A 41 2.38 4.83 -3.65
CA LYS A 41 0.96 4.53 -3.60
C LYS A 41 0.72 3.03 -3.87
N PHE A 42 -0.42 2.54 -3.40
CA PHE A 42 -0.75 1.13 -3.59
C PHE A 42 -2.21 0.98 -4.02
N ARG A 43 -2.51 -0.11 -4.72
CA ARG A 43 -3.86 -0.35 -5.20
C ARG A 43 -4.51 -1.48 -4.41
N SER A 44 -3.71 -2.47 -4.02
CA SER A 44 -4.23 -3.60 -3.27
C SER A 44 -3.46 -3.77 -1.96
N ARG A 45 -4.16 -4.23 -0.93
CA ARG A 45 -3.53 -4.43 0.37
C ARG A 45 -2.37 -5.40 0.26
N THR A 46 -2.55 -6.44 -0.54
CA THR A 46 -1.49 -7.44 -0.75
C THR A 46 -0.22 -6.77 -1.26
N GLU A 47 -0.39 -5.82 -2.18
CA GLU A 47 0.74 -5.09 -2.74
C GLU A 47 1.48 -4.33 -1.65
N VAL A 48 0.73 -3.71 -0.75
CA VAL A 48 1.32 -2.96 0.35
C VAL A 48 2.04 -3.90 1.32
N LEU A 49 1.42 -5.05 1.58
CA LEU A 49 1.99 -6.02 2.50
C LEU A 49 3.34 -6.52 1.99
N TYR A 50 3.43 -6.73 0.69
CA TYR A 50 4.66 -7.21 0.07
C TYR A 50 5.75 -6.14 0.19
N TYR A 51 5.36 -4.89 0.04
CA TYR A 51 6.32 -3.79 0.13
C TYR A 51 7.03 -3.81 1.48
N LEU A 52 6.25 -3.94 2.55
CA LEU A 52 6.82 -3.98 3.89
C LEU A 52 7.57 -5.28 4.13
N GLU A 53 7.03 -6.38 3.61
CA GLU A 53 7.64 -7.68 3.78
C GLU A 53 9.02 -7.71 3.14
N HIS A 54 9.16 -7.01 2.02
CA HIS A 54 10.43 -6.95 1.30
C HIS A 54 11.28 -5.79 1.79
N GLY A 55 10.71 -4.97 2.66
CA GLY A 55 11.42 -3.82 3.20
C GLY A 55 11.75 -2.81 2.10
N THR A 56 10.86 -2.71 1.12
CA THR A 56 11.05 -1.78 0.01
C THR A 56 11.98 -2.40 -1.04
N SER A 57 12.08 -1.73 -2.18
CA SER A 57 12.94 -2.22 -3.26
C SER A 57 14.39 -2.22 -2.82
N LYS A 58 15.14 -3.22 -3.29
CA LYS A 58 16.56 -3.34 -2.94
C LYS A 58 17.41 -3.49 -4.20
N ARG A 59 18.66 -3.02 -4.12
CA ARG A 59 19.56 -3.11 -5.25
C ARG A 59 20.98 -3.42 -4.78
N GLY A 60 21.82 -2.40 -4.73
CA GLY A 60 23.20 -2.58 -4.29
C GLY A 60 23.45 -1.86 -2.98
N THR A 61 22.47 -1.88 -2.09
CA THR A 61 22.59 -1.22 -0.80
C THR A 61 23.55 -2.00 0.11
N LYS A 62 23.99 -1.35 1.18
CA LYS A 62 24.91 -1.99 2.11
C LYS A 62 24.27 -2.11 3.49
N LYS A 63 24.82 -2.99 4.33
CA LYS A 63 24.29 -3.19 5.67
C LYS A 63 22.87 -3.73 5.61
N ALA A 64 22.67 -4.79 4.82
CA ALA A 64 21.34 -5.38 4.68
C ALA A 64 20.83 -5.84 6.04
N GLU A 65 19.52 -5.69 6.25
CA GLU A 65 18.91 -6.10 7.51
C GLU A 65 19.11 -5.03 8.57
N ASN A 66 19.56 -3.84 8.14
CA ASN A 66 19.79 -2.75 9.07
C ASN A 66 18.47 -2.11 9.49
N THR A 67 18.01 -2.46 10.69
CA THR A 67 16.76 -1.91 11.20
C THR A 67 16.97 -0.50 11.75
N TYR A 68 15.88 0.21 11.97
CA TYR A 68 15.96 1.57 12.51
C TYR A 68 15.39 1.63 13.92
N GLY A 1 -16.35 -0.59 17.62
CA GLY A 1 -15.20 -1.27 16.95
C GLY A 1 -15.35 -1.13 15.43
N PRO A 2 -14.81 -0.09 14.88
CA PRO A 2 -14.88 0.17 13.41
C PRO A 2 -14.29 -0.97 12.60
N LEU A 3 -14.95 -1.29 11.48
CA LEU A 3 -14.47 -2.37 10.63
C LEU A 3 -14.03 -1.83 9.27
N GLY A 4 -14.19 -0.52 9.09
CA GLY A 4 -13.81 0.11 7.83
C GLY A 4 -12.57 0.98 8.00
N SER A 5 -11.91 0.84 9.15
CA SER A 5 -10.71 1.62 9.43
C SER A 5 -9.46 0.75 9.33
N ASP A 6 -8.41 1.30 8.74
CA ASP A 6 -7.17 0.57 8.58
C ASP A 6 -6.42 0.49 9.90
N ASN A 7 -5.99 1.63 10.41
CA ASN A 7 -5.26 1.67 11.67
C ASN A 7 -3.85 1.11 11.50
N TRP A 8 -3.65 0.34 10.44
CA TRP A 8 -2.34 -0.25 10.17
C TRP A 8 -1.53 0.67 9.25
N LEU A 9 -2.23 1.52 8.51
CA LEU A 9 -1.57 2.45 7.60
C LEU A 9 -1.16 3.72 8.34
N PRO A 10 0.11 3.99 8.40
CA PRO A 10 0.65 5.21 9.08
C PRO A 10 0.44 6.48 8.24
N PRO A 11 0.71 7.61 8.82
CA PRO A 11 0.55 8.93 8.13
C PRO A 11 1.31 8.96 6.80
N GLY A 12 2.40 8.19 6.72
CA GLY A 12 3.19 8.15 5.50
C GLY A 12 2.38 7.61 4.34
N TRP A 13 1.56 6.60 4.60
CA TRP A 13 0.73 6.00 3.56
C TRP A 13 -0.54 6.82 3.35
N ARG A 14 -0.89 7.04 2.09
CA ARG A 14 -2.09 7.81 1.77
C ARG A 14 -3.10 6.95 1.04
N VAL A 15 -4.33 6.91 1.54
CA VAL A 15 -5.38 6.11 0.92
C VAL A 15 -6.27 7.00 0.06
N GLU A 16 -6.53 6.55 -1.18
CA GLU A 16 -7.35 7.31 -2.10
C GLU A 16 -8.39 6.41 -2.77
N ASP A 17 -9.57 6.97 -3.00
CA ASP A 17 -10.65 6.21 -3.63
C ASP A 17 -10.44 6.17 -5.15
N LYS A 18 -10.41 4.96 -5.71
CA LYS A 18 -10.22 4.79 -7.14
C LYS A 18 -11.20 3.78 -7.69
N ILE A 19 -12.17 4.25 -8.47
CA ILE A 19 -13.16 3.36 -9.07
C ILE A 19 -12.52 2.47 -10.13
N ARG A 20 -12.80 1.18 -10.06
CA ARG A 20 -12.23 0.23 -11.02
C ARG A 20 -12.80 0.49 -12.41
N THR A 21 -11.92 0.63 -13.40
CA THR A 21 -12.35 0.86 -14.77
C THR A 21 -11.82 -0.23 -15.69
N SER A 22 -11.06 -1.17 -15.12
CA SER A 22 -10.50 -2.26 -15.90
C SER A 22 -10.40 -3.53 -15.05
N GLY A 23 -11.49 -4.28 -15.00
CA GLY A 23 -11.51 -5.52 -14.22
C GLY A 23 -12.90 -6.12 -14.19
N ALA A 24 -13.00 -7.34 -13.66
CA ALA A 24 -14.29 -8.02 -13.58
C ALA A 24 -15.24 -7.25 -12.65
N THR A 25 -14.70 -6.73 -11.56
CA THR A 25 -15.50 -5.98 -10.59
C THR A 25 -15.70 -4.55 -11.06
N ALA A 26 -15.10 -4.22 -12.21
CA ALA A 26 -15.21 -2.86 -12.74
C ALA A 26 -16.53 -2.23 -12.33
N GLY A 27 -16.46 -0.97 -11.90
CA GLY A 27 -17.65 -0.25 -11.47
C GLY A 27 -17.65 -0.05 -9.96
N SER A 28 -16.99 -0.95 -9.24
CA SER A 28 -16.92 -0.86 -7.79
C SER A 28 -15.85 0.16 -7.38
N VAL A 29 -15.84 0.50 -6.10
CA VAL A 29 -14.86 1.46 -5.59
C VAL A 29 -13.71 0.74 -4.90
N ASP A 30 -12.49 0.99 -5.40
CA ASP A 30 -11.30 0.37 -4.84
C ASP A 30 -10.30 1.43 -4.41
N LYS A 31 -9.99 1.46 -3.12
CA LYS A 31 -9.05 2.45 -2.59
C LYS A 31 -7.61 1.98 -2.79
N TYR A 32 -6.73 2.92 -3.11
CA TYR A 32 -5.33 2.60 -3.34
C TYR A 32 -4.46 3.15 -2.21
N TYR A 33 -3.24 2.62 -2.09
CA TYR A 33 -2.34 3.07 -1.04
C TYR A 33 -1.07 3.66 -1.67
N TYR A 34 -0.70 4.86 -1.23
CA TYR A 34 0.49 5.52 -1.75
C TYR A 34 1.60 5.57 -0.70
N GLU A 35 2.79 5.14 -1.09
CA GLU A 35 3.93 5.15 -0.17
C GLU A 35 4.93 6.23 -0.59
N PRO A 36 4.94 7.32 0.11
CA PRO A 36 5.85 8.46 -0.18
C PRO A 36 7.33 8.05 -0.10
N ASN A 37 7.60 6.99 0.65
CA ASN A 37 8.97 6.52 0.81
C ASN A 37 9.59 6.18 -0.54
N THR A 38 8.94 5.28 -1.27
CA THR A 38 9.44 4.88 -2.58
C THR A 38 8.49 5.35 -3.68
N GLY A 39 7.33 5.88 -3.27
CA GLY A 39 6.34 6.36 -4.22
C GLY A 39 5.58 5.19 -4.84
N ARG A 40 5.60 4.05 -4.18
CA ARG A 40 4.91 2.87 -4.68
C ARG A 40 3.43 2.92 -4.33
N LYS A 41 2.61 2.25 -5.12
CA LYS A 41 1.16 2.24 -4.89
C LYS A 41 0.64 0.80 -4.88
N PHE A 42 -0.42 0.57 -4.13
CA PHE A 42 -1.02 -0.76 -4.04
C PHE A 42 -2.52 -0.70 -4.27
N ARG A 43 -3.08 -1.77 -4.82
CA ARG A 43 -4.51 -1.82 -5.09
C ARG A 43 -5.26 -2.44 -3.92
N SER A 44 -4.73 -3.54 -3.39
CA SER A 44 -5.37 -4.21 -2.26
C SER A 44 -4.41 -4.29 -1.08
N ARG A 45 -4.97 -4.40 0.12
CA ARG A 45 -4.16 -4.48 1.33
C ARG A 45 -3.21 -5.68 1.23
N THR A 46 -3.67 -6.76 0.63
CA THR A 46 -2.85 -7.96 0.49
C THR A 46 -1.54 -7.61 -0.23
N GLU A 47 -1.63 -6.79 -1.26
CA GLU A 47 -0.44 -6.39 -2.01
C GLU A 47 0.51 -5.61 -1.11
N VAL A 48 -0.04 -4.74 -0.28
CA VAL A 48 0.76 -3.93 0.64
C VAL A 48 1.44 -4.84 1.68
N LEU A 49 0.67 -5.79 2.20
CA LEU A 49 1.20 -6.72 3.21
C LEU A 49 2.39 -7.49 2.63
N TYR A 50 2.27 -7.90 1.37
CA TYR A 50 3.35 -8.63 0.72
C TYR A 50 4.60 -7.76 0.58
N TYR A 51 4.38 -6.48 0.27
CA TYR A 51 5.50 -5.56 0.11
C TYR A 51 6.35 -5.51 1.37
N LEU A 52 5.69 -5.36 2.51
CA LEU A 52 6.40 -5.31 3.79
C LEU A 52 7.07 -6.65 4.09
N GLU A 53 6.38 -7.73 3.76
CA GLU A 53 6.91 -9.07 3.99
C GLU A 53 8.12 -9.34 3.11
N HIS A 54 8.15 -8.68 1.95
CA HIS A 54 9.25 -8.86 1.01
C HIS A 54 10.39 -7.90 1.34
N GLY A 55 10.12 -6.94 2.20
CA GLY A 55 11.14 -5.97 2.59
C GLY A 55 11.52 -5.09 1.42
N THR A 56 10.57 -4.85 0.53
CA THR A 56 10.82 -4.02 -0.65
C THR A 56 11.45 -4.84 -1.76
N SER A 57 11.18 -6.15 -1.76
CA SER A 57 11.73 -7.04 -2.78
C SER A 57 13.11 -7.53 -2.37
N LYS A 58 13.37 -7.54 -1.07
CA LYS A 58 14.66 -8.00 -0.56
C LYS A 58 15.79 -7.13 -1.11
N ARG A 59 15.61 -5.82 -1.03
CA ARG A 59 16.62 -4.90 -1.51
C ARG A 59 17.97 -5.18 -0.85
N GLY A 60 18.71 -6.12 -1.44
CA GLY A 60 20.02 -6.48 -0.91
C GLY A 60 19.90 -7.20 0.42
N THR A 61 21.00 -7.24 1.18
CA THR A 61 21.00 -7.91 2.47
C THR A 61 21.16 -6.90 3.60
N LYS A 62 21.43 -5.65 3.23
CA LYS A 62 21.60 -4.59 4.22
C LYS A 62 20.49 -3.54 4.08
N LYS A 63 20.02 -3.03 5.22
CA LYS A 63 18.97 -2.03 5.21
C LYS A 63 19.42 -0.77 5.96
N ALA A 64 20.73 -0.60 6.07
CA ALA A 64 21.28 0.55 6.77
C ALA A 64 20.84 1.85 6.09
N GLU A 65 20.57 2.88 6.88
CA GLU A 65 20.14 4.16 6.36
C GLU A 65 21.05 5.28 6.85
N ASN A 66 21.26 6.29 6.01
CA ASN A 66 22.11 7.41 6.36
C ASN A 66 21.55 8.13 7.60
N THR A 67 22.45 8.47 8.52
CA THR A 67 22.03 9.16 9.74
C THR A 67 22.65 10.54 9.82
N TYR A 68 22.00 11.44 10.55
CA TYR A 68 22.49 12.80 10.70
C TYR A 68 23.16 12.98 12.06
N GLY A 1 -10.91 10.07 1.80
CA GLY A 1 -11.05 8.61 1.53
C GLY A 1 -11.81 7.95 2.66
N PRO A 2 -12.40 6.81 2.39
CA PRO A 2 -13.19 6.05 3.41
C PRO A 2 -12.36 5.72 4.65
N LEU A 3 -12.99 5.83 5.81
CA LEU A 3 -12.31 5.54 7.07
C LEU A 3 -12.92 4.31 7.73
N GLY A 4 -14.25 4.18 7.65
CA GLY A 4 -14.94 3.05 8.25
C GLY A 4 -14.53 1.75 7.58
N SER A 5 -14.37 1.78 6.26
CA SER A 5 -14.00 0.60 5.50
C SER A 5 -12.62 0.09 5.94
N ASP A 6 -11.70 1.02 6.16
CA ASP A 6 -10.35 0.67 6.58
C ASP A 6 -10.22 0.72 8.09
N ASN A 7 -10.43 1.91 8.66
CA ASN A 7 -10.33 2.08 10.10
C ASN A 7 -9.21 1.20 10.67
N TRP A 8 -8.21 0.91 9.84
CA TRP A 8 -7.10 0.08 10.27
C TRP A 8 -5.77 0.70 9.85
N LEU A 9 -5.85 1.84 9.17
CA LEU A 9 -4.64 2.54 8.74
C LEU A 9 -4.54 3.90 9.41
N PRO A 10 -3.39 4.21 9.95
CA PRO A 10 -3.12 5.51 10.62
C PRO A 10 -3.33 6.69 9.68
N PRO A 11 -3.44 7.87 10.21
CA PRO A 11 -3.65 9.11 9.42
C PRO A 11 -2.51 9.37 8.43
N GLY A 12 -1.32 8.89 8.78
CA GLY A 12 -0.16 9.07 7.92
C GLY A 12 -0.26 8.19 6.68
N TRP A 13 -1.06 7.14 6.77
CA TRP A 13 -1.24 6.21 5.66
C TRP A 13 -2.29 6.73 4.68
N ARG A 14 -1.98 6.68 3.39
CA ARG A 14 -2.92 7.14 2.37
C ARG A 14 -3.44 5.96 1.56
N VAL A 15 -4.74 5.94 1.32
CA VAL A 15 -5.36 4.86 0.56
C VAL A 15 -5.90 5.37 -0.76
N GLU A 16 -5.62 4.64 -1.84
CA GLU A 16 -6.08 5.02 -3.16
C GLU A 16 -6.86 3.88 -3.82
N ASP A 17 -8.05 4.19 -4.32
CA ASP A 17 -8.87 3.18 -4.97
C ASP A 17 -8.72 3.25 -6.49
N LYS A 18 -8.48 2.10 -7.11
CA LYS A 18 -8.33 2.05 -8.56
C LYS A 18 -9.09 0.86 -9.14
N ILE A 19 -10.19 1.14 -9.83
CA ILE A 19 -11.00 0.10 -10.43
C ILE A 19 -10.97 0.21 -11.96
N ARG A 20 -10.68 -0.90 -12.62
CA ARG A 20 -10.62 -0.91 -14.08
C ARG A 20 -12.01 -1.07 -14.68
N THR A 21 -12.26 -0.40 -15.79
CA THR A 21 -13.55 -0.48 -16.45
C THR A 21 -13.38 -0.78 -17.94
N SER A 22 -12.67 -1.85 -18.25
CA SER A 22 -12.44 -2.23 -19.64
C SER A 22 -13.19 -3.50 -19.99
N GLY A 23 -14.43 -3.60 -19.52
CA GLY A 23 -15.25 -4.77 -19.79
C GLY A 23 -14.61 -6.03 -19.23
N ALA A 24 -14.54 -7.07 -20.06
CA ALA A 24 -13.95 -8.33 -19.64
C ALA A 24 -12.47 -8.17 -19.33
N THR A 25 -11.87 -7.13 -19.90
CA THR A 25 -10.45 -6.87 -19.69
C THR A 25 -10.24 -6.05 -18.43
N ALA A 26 -11.30 -5.91 -17.64
CA ALA A 26 -11.22 -5.14 -16.40
C ALA A 26 -12.57 -5.13 -15.68
N GLY A 27 -12.70 -4.25 -14.70
CA GLY A 27 -13.95 -4.14 -13.95
C GLY A 27 -13.72 -4.49 -12.48
N SER A 28 -12.63 -5.21 -12.20
CA SER A 28 -12.31 -5.59 -10.83
C SER A 28 -12.10 -4.35 -9.98
N VAL A 29 -11.47 -4.52 -8.82
CA VAL A 29 -11.21 -3.41 -7.92
C VAL A 29 -9.94 -3.66 -7.11
N ASP A 30 -9.02 -2.69 -7.16
CA ASP A 30 -7.76 -2.81 -6.44
C ASP A 30 -7.41 -1.50 -5.76
N LYS A 31 -7.04 -1.57 -4.48
CA LYS A 31 -6.68 -0.38 -3.72
C LYS A 31 -5.19 -0.36 -3.43
N TYR A 32 -4.62 0.83 -3.33
CA TYR A 32 -3.19 0.97 -3.06
C TYR A 32 -2.95 1.82 -1.83
N TYR A 33 -1.93 1.47 -1.06
CA TYR A 33 -1.61 2.21 0.16
C TYR A 33 -0.27 2.93 0.00
N TYR A 34 -0.28 4.25 0.21
CA TYR A 34 0.94 5.03 0.09
C TYR A 34 1.39 5.56 1.46
N GLU A 35 2.63 5.24 1.82
CA GLU A 35 3.17 5.69 3.10
C GLU A 35 4.14 6.85 2.89
N PRO A 36 3.73 8.04 3.20
CA PRO A 36 4.56 9.27 3.04
C PRO A 36 5.86 9.19 3.85
N ASN A 37 5.82 8.41 4.93
CA ASN A 37 6.99 8.28 5.79
C ASN A 37 8.19 7.81 4.98
N THR A 38 8.02 6.73 4.24
CA THR A 38 9.11 6.20 3.42
C THR A 38 8.71 6.20 1.95
N GLY A 39 7.49 6.63 1.67
CA GLY A 39 6.99 6.66 0.30
C GLY A 39 6.72 5.25 -0.22
N ARG A 40 6.49 4.32 0.70
CA ARG A 40 6.24 2.93 0.34
C ARG A 40 4.80 2.74 -0.11
N LYS A 41 4.61 2.06 -1.24
CA LYS A 41 3.28 1.82 -1.77
C LYS A 41 2.93 0.34 -1.67
N PHE A 42 1.68 0.06 -1.30
CA PHE A 42 1.23 -1.33 -1.17
C PHE A 42 0.02 -1.58 -2.07
N ARG A 43 -0.10 -2.81 -2.56
CA ARG A 43 -1.20 -3.17 -3.44
C ARG A 43 -2.25 -3.97 -2.69
N SER A 44 -1.87 -4.52 -1.54
CA SER A 44 -2.78 -5.31 -0.74
C SER A 44 -2.65 -4.96 0.74
N ARG A 45 -3.78 -5.02 1.46
CA ARG A 45 -3.78 -4.71 2.88
C ARG A 45 -2.79 -5.60 3.62
N THR A 46 -2.75 -6.88 3.24
CA THR A 46 -1.84 -7.83 3.89
C THR A 46 -0.41 -7.33 3.82
N GLU A 47 -0.02 -6.79 2.65
CA GLU A 47 1.32 -6.27 2.48
C GLU A 47 1.57 -5.10 3.43
N VAL A 48 0.58 -4.25 3.58
CA VAL A 48 0.69 -3.10 4.48
C VAL A 48 0.77 -3.56 5.93
N LEU A 49 -0.03 -4.57 6.26
CA LEU A 49 -0.06 -5.09 7.63
C LEU A 49 1.33 -5.62 8.02
N TYR A 50 1.98 -6.29 7.08
CA TYR A 50 3.32 -6.82 7.34
C TYR A 50 4.32 -5.69 7.56
N TYR A 51 4.21 -4.64 6.75
CA TYR A 51 5.11 -3.50 6.87
C TYR A 51 4.93 -2.82 8.22
N LEU A 52 3.68 -2.58 8.60
CA LEU A 52 3.39 -1.92 9.86
C LEU A 52 3.90 -2.76 11.03
N GLU A 53 3.75 -4.08 10.91
CA GLU A 53 4.18 -4.98 11.98
C GLU A 53 5.65 -4.77 12.31
N HIS A 54 6.48 -4.77 11.27
CA HIS A 54 7.91 -4.56 11.47
C HIS A 54 8.26 -3.07 11.40
N GLY A 55 7.52 -2.34 10.58
CA GLY A 55 7.75 -0.90 10.43
C GLY A 55 8.96 -0.65 9.53
N THR A 56 9.58 -1.72 9.07
CA THR A 56 10.76 -1.60 8.20
C THR A 56 10.73 -2.68 7.13
N SER A 57 11.62 -2.54 6.14
CA SER A 57 11.70 -3.50 5.05
C SER A 57 12.01 -4.90 5.59
N LYS A 58 11.42 -5.91 4.97
CA LYS A 58 11.64 -7.29 5.40
C LYS A 58 13.11 -7.65 5.32
N ARG A 59 13.74 -7.31 4.19
CA ARG A 59 15.14 -7.60 4.00
C ARG A 59 15.94 -6.32 3.77
N GLY A 60 15.31 -5.36 3.09
CA GLY A 60 15.98 -4.10 2.81
C GLY A 60 17.11 -4.27 1.80
N THR A 61 16.82 -4.99 0.72
CA THR A 61 17.82 -5.24 -0.31
C THR A 61 18.27 -3.92 -0.93
N LYS A 62 17.57 -2.84 -0.61
CA LYS A 62 17.91 -1.52 -1.14
C LYS A 62 19.31 -1.12 -0.72
N LYS A 63 19.67 -1.45 0.52
CA LYS A 63 20.99 -1.12 1.03
C LYS A 63 21.35 0.33 0.70
N ALA A 64 20.49 1.26 1.11
CA ALA A 64 20.72 2.67 0.85
C ALA A 64 20.73 2.93 -0.66
N GLU A 65 19.82 2.27 -1.37
CA GLU A 65 19.73 2.44 -2.82
C GLU A 65 19.56 3.92 -3.17
N ASN A 66 20.37 4.39 -4.12
CA ASN A 66 20.29 5.78 -4.54
C ASN A 66 19.12 6.00 -5.49
N THR A 67 18.93 7.25 -5.89
CA THR A 67 17.82 7.58 -6.80
C THR A 67 18.37 8.06 -8.14
N TYR A 68 19.67 7.91 -8.33
CA TYR A 68 20.30 8.33 -9.58
C TYR A 68 21.54 7.50 -9.85
N GLY A 1 -15.28 10.55 8.73
CA GLY A 1 -14.76 9.16 8.69
C GLY A 1 -14.09 8.91 7.34
N PRO A 2 -13.09 9.68 7.03
CA PRO A 2 -12.32 9.56 5.75
C PRO A 2 -11.55 8.24 5.67
N LEU A 3 -11.27 7.65 6.84
CA LEU A 3 -10.53 6.41 6.89
C LEU A 3 -11.47 5.21 6.80
N GLY A 4 -11.17 4.30 5.88
CA GLY A 4 -12.01 3.11 5.70
C GLY A 4 -11.15 1.84 5.68
N SER A 5 -11.51 0.89 6.52
CA SER A 5 -10.77 -0.37 6.60
C SER A 5 -9.27 -0.12 6.49
N ASP A 6 -8.84 1.06 6.94
CA ASP A 6 -7.43 1.41 6.90
C ASP A 6 -6.84 1.51 8.30
N ASN A 7 -7.50 0.85 9.25
CA ASN A 7 -7.04 0.86 10.64
C ASN A 7 -5.93 -0.17 10.85
N TRP A 8 -5.43 -0.71 9.75
CA TRP A 8 -4.36 -1.71 9.82
C TRP A 8 -3.09 -1.20 9.15
N LEU A 9 -3.09 0.09 8.81
CA LEU A 9 -1.93 0.68 8.16
C LEU A 9 -1.40 1.86 8.97
N PRO A 10 -0.13 2.09 8.91
CA PRO A 10 0.54 3.21 9.65
C PRO A 10 0.01 4.57 9.19
N PRO A 11 0.17 5.57 10.01
CA PRO A 11 -0.29 6.97 9.70
C PRO A 11 0.35 7.50 8.41
N GLY A 12 1.53 7.00 8.08
CA GLY A 12 2.22 7.41 6.88
C GLY A 12 1.53 6.87 5.64
N TRP A 13 1.01 5.66 5.74
CA TRP A 13 0.33 5.03 4.60
C TRP A 13 -0.99 5.73 4.33
N ARG A 14 -1.31 5.88 3.04
CA ARG A 14 -2.56 6.54 2.65
C ARG A 14 -3.39 5.59 1.78
N VAL A 15 -4.70 5.59 2.03
CA VAL A 15 -5.61 4.73 1.27
C VAL A 15 -6.61 5.56 0.47
N GLU A 16 -6.82 5.18 -0.78
CA GLU A 16 -7.75 5.92 -1.64
C GLU A 16 -8.75 4.97 -2.28
N ASP A 17 -10.01 5.40 -2.36
CA ASP A 17 -11.05 4.57 -2.94
C ASP A 17 -11.00 4.63 -4.47
N LYS A 18 -10.96 3.46 -5.10
CA LYS A 18 -10.90 3.39 -6.56
C LYS A 18 -11.85 2.31 -7.07
N ILE A 19 -12.96 2.73 -7.68
CA ILE A 19 -13.93 1.79 -8.21
C ILE A 19 -13.40 1.13 -9.48
N ARG A 20 -13.89 -0.07 -9.77
CA ARG A 20 -13.45 -0.79 -10.96
C ARG A 20 -13.48 0.12 -12.19
N THR A 21 -12.37 0.16 -12.91
CA THR A 21 -12.28 1.00 -14.10
C THR A 21 -13.23 0.51 -15.17
N SER A 22 -13.21 -0.79 -15.43
CA SER A 22 -14.07 -1.39 -16.45
C SER A 22 -14.13 -2.91 -16.29
N GLY A 23 -15.18 -3.52 -16.83
CA GLY A 23 -15.33 -4.97 -16.74
C GLY A 23 -16.75 -5.34 -16.36
N ALA A 24 -17.13 -6.59 -16.66
CA ALA A 24 -18.48 -7.06 -16.34
C ALA A 24 -18.71 -7.02 -14.84
N THR A 25 -17.70 -7.42 -14.08
CA THR A 25 -17.80 -7.43 -12.63
C THR A 25 -17.58 -6.03 -12.06
N ALA A 26 -17.79 -5.02 -12.90
CA ALA A 26 -17.61 -3.63 -12.48
C ALA A 26 -18.69 -3.24 -11.47
N GLY A 27 -18.48 -2.11 -10.80
CA GLY A 27 -19.44 -1.63 -9.81
C GLY A 27 -18.93 -1.88 -8.40
N SER A 28 -17.70 -2.36 -8.29
CA SER A 28 -17.10 -2.63 -7.00
C SER A 28 -16.07 -1.55 -6.64
N VAL A 29 -15.94 -1.28 -5.35
CA VAL A 29 -14.99 -0.26 -4.90
C VAL A 29 -13.77 -0.90 -4.27
N ASP A 30 -12.60 -0.60 -4.82
CA ASP A 30 -11.35 -1.16 -4.30
C ASP A 30 -10.41 -0.04 -3.84
N LYS A 31 -10.06 -0.07 -2.57
CA LYS A 31 -9.18 0.96 -2.01
C LYS A 31 -7.71 0.63 -2.29
N TYR A 32 -6.95 1.65 -2.67
CA TYR A 32 -5.53 1.45 -2.96
C TYR A 32 -4.68 1.89 -1.77
N TYR A 33 -3.41 1.46 -1.76
CA TYR A 33 -2.51 1.82 -0.67
C TYR A 33 -1.25 2.51 -1.23
N TYR A 34 -1.00 3.73 -0.75
CA TYR A 34 0.16 4.47 -1.22
C TYR A 34 1.21 4.56 -0.12
N GLU A 35 2.46 4.27 -0.48
CA GLU A 35 3.55 4.32 0.48
C GLU A 35 4.45 5.54 0.20
N PRO A 36 4.36 6.54 1.02
CA PRO A 36 5.17 7.79 0.87
C PRO A 36 6.66 7.51 0.85
N ASN A 37 7.06 6.38 1.45
CA ASN A 37 8.47 6.03 1.52
C ASN A 37 9.06 5.88 0.12
N THR A 38 8.48 4.99 -0.68
CA THR A 38 8.95 4.75 -2.03
C THR A 38 7.90 5.16 -3.05
N GLY A 39 6.71 5.52 -2.56
CA GLY A 39 5.62 5.92 -3.44
C GLY A 39 5.01 4.70 -4.13
N ARG A 40 5.17 3.53 -3.53
CA ARG A 40 4.63 2.31 -4.09
C ARG A 40 3.12 2.25 -3.90
N LYS A 41 2.43 1.63 -4.85
CA LYS A 41 0.98 1.52 -4.77
C LYS A 41 0.55 0.05 -4.74
N PHE A 42 -0.49 -0.24 -3.95
CA PHE A 42 -0.99 -1.61 -3.83
C PHE A 42 -2.47 -1.66 -4.21
N ARG A 43 -2.89 -2.78 -4.77
CA ARG A 43 -4.28 -2.95 -5.18
C ARG A 43 -5.04 -3.84 -4.19
N SER A 44 -4.30 -4.43 -3.27
CA SER A 44 -4.90 -5.32 -2.27
C SER A 44 -4.05 -5.38 -1.01
N ARG A 45 -4.68 -5.68 0.11
CA ARG A 45 -3.97 -5.78 1.38
C ARG A 45 -2.88 -6.85 1.29
N THR A 46 -3.19 -7.95 0.61
CA THR A 46 -2.23 -9.04 0.46
C THR A 46 -0.95 -8.53 -0.19
N GLU A 47 -1.09 -7.69 -1.20
CA GLU A 47 0.07 -7.13 -1.89
C GLU A 47 0.92 -6.29 -0.93
N VAL A 48 0.24 -5.52 -0.09
CA VAL A 48 0.94 -4.68 0.89
C VAL A 48 1.67 -5.54 1.91
N LEU A 49 1.02 -6.61 2.35
CA LEU A 49 1.63 -7.50 3.33
C LEU A 49 2.90 -8.12 2.76
N TYR A 50 2.88 -8.46 1.46
CA TYR A 50 4.03 -9.04 0.82
C TYR A 50 5.20 -8.07 0.83
N TYR A 51 4.92 -6.80 0.60
CA TYR A 51 5.96 -5.77 0.60
C TYR A 51 6.69 -5.75 1.94
N LEU A 52 5.92 -5.78 3.02
CA LEU A 52 6.50 -5.77 4.36
C LEU A 52 7.28 -7.06 4.62
N GLU A 53 6.76 -8.17 4.11
CA GLU A 53 7.41 -9.46 4.30
C GLU A 53 8.81 -9.45 3.69
N HIS A 54 8.96 -8.73 2.59
CA HIS A 54 10.26 -8.63 1.91
C HIS A 54 11.18 -7.67 2.64
N GLY A 55 10.65 -7.00 3.66
CA GLY A 55 11.44 -6.05 4.44
C GLY A 55 11.42 -4.67 3.79
N THR A 56 10.59 -4.51 2.77
CA THR A 56 10.47 -3.24 2.07
C THR A 56 11.66 -3.04 1.14
N SER A 57 11.87 -3.99 0.24
CA SER A 57 12.97 -3.91 -0.72
C SER A 57 14.30 -3.80 0.01
N LYS A 58 14.84 -4.94 0.43
CA LYS A 58 16.12 -4.96 1.14
C LYS A 58 17.23 -4.41 0.26
N ARG A 59 17.05 -4.52 -1.06
CA ARG A 59 18.04 -4.03 -2.00
C ARG A 59 17.82 -2.55 -2.29
N GLY A 60 18.92 -1.80 -2.41
CA GLY A 60 18.83 -0.37 -2.68
C GLY A 60 18.91 0.43 -1.38
N THR A 61 18.90 -0.27 -0.25
CA THR A 61 18.98 0.40 1.04
C THR A 61 20.28 0.02 1.75
N LYS A 62 21.09 1.03 2.05
CA LYS A 62 22.36 0.80 2.74
C LYS A 62 23.02 2.12 3.09
N LYS A 63 23.54 2.21 4.32
CA LYS A 63 24.20 3.43 4.77
C LYS A 63 23.26 4.63 4.65
N ALA A 64 21.99 4.42 4.98
CA ALA A 64 21.00 5.48 4.91
C ALA A 64 21.19 6.46 6.06
N GLU A 65 20.66 7.67 5.89
CA GLU A 65 20.77 8.69 6.94
C GLU A 65 20.03 8.25 8.20
N ASN A 66 20.72 8.29 9.33
CA ASN A 66 20.13 7.89 10.60
C ASN A 66 20.03 6.37 10.69
N THR A 67 19.62 5.75 9.58
CA THR A 67 19.49 4.29 9.56
C THR A 67 20.15 3.72 8.30
N TYR A 68 20.46 2.43 8.34
CA TYR A 68 21.10 1.77 7.20
C TYR A 68 20.12 1.66 6.05
N GLY A 1 -12.96 -13.41 1.17
CA GLY A 1 -11.78 -13.33 2.07
C GLY A 1 -12.18 -12.66 3.39
N PRO A 2 -12.63 -13.43 4.33
CA PRO A 2 -13.06 -12.92 5.65
C PRO A 2 -11.95 -12.14 6.36
N LEU A 3 -10.70 -12.55 6.15
CA LEU A 3 -9.57 -11.88 6.75
C LEU A 3 -9.49 -10.42 6.29
N GLY A 4 -9.83 -10.20 5.03
CA GLY A 4 -9.79 -8.85 4.48
C GLY A 4 -10.59 -7.88 5.34
N SER A 5 -9.93 -6.81 5.78
CA SER A 5 -10.58 -5.81 6.62
C SER A 5 -9.83 -4.49 6.56
N ASP A 6 -10.46 -3.44 7.07
CA ASP A 6 -9.84 -2.11 7.08
C ASP A 6 -9.27 -1.79 8.45
N ASN A 7 -9.72 -2.52 9.46
CA ASN A 7 -9.25 -2.30 10.82
C ASN A 7 -7.82 -2.78 10.98
N TRP A 8 -7.00 -2.55 9.95
CA TRP A 8 -5.60 -2.96 9.97
C TRP A 8 -4.69 -1.75 9.77
N LEU A 9 -5.29 -0.58 9.59
CA LEU A 9 -4.52 0.64 9.40
C LEU A 9 -4.44 1.44 10.70
N PRO A 10 -3.36 2.14 10.90
CA PRO A 10 -3.15 2.98 12.11
C PRO A 10 -3.91 4.30 12.04
N PRO A 11 -4.11 4.93 13.16
CA PRO A 11 -4.82 6.24 13.24
C PRO A 11 -4.01 7.37 12.62
N GLY A 12 -4.15 7.55 11.31
CA GLY A 12 -3.43 8.60 10.61
C GLY A 12 -3.35 8.31 9.11
N TRP A 13 -3.51 7.04 8.76
CA TRP A 13 -3.47 6.64 7.36
C TRP A 13 -4.81 6.92 6.67
N ARG A 14 -4.74 7.39 5.43
CA ARG A 14 -5.95 7.71 4.68
C ARG A 14 -6.26 6.59 3.68
N VAL A 15 -7.52 6.17 3.66
CA VAL A 15 -7.94 5.10 2.75
C VAL A 15 -8.90 5.64 1.70
N GLU A 16 -8.67 5.25 0.45
CA GLU A 16 -9.51 5.70 -0.65
C GLU A 16 -10.03 4.51 -1.46
N ASP A 17 -11.30 4.56 -1.84
CA ASP A 17 -11.89 3.48 -2.61
C ASP A 17 -12.09 3.90 -4.06
N LYS A 18 -11.65 3.05 -4.99
CA LYS A 18 -11.79 3.35 -6.41
C LYS A 18 -12.29 2.13 -7.16
N ILE A 19 -13.56 2.17 -7.58
CA ILE A 19 -14.15 1.06 -8.31
C ILE A 19 -14.66 1.54 -9.68
N ARG A 20 -14.28 0.83 -10.73
CA ARG A 20 -14.69 1.18 -12.08
C ARG A 20 -15.68 0.16 -12.63
N THR A 21 -16.71 0.64 -13.31
CA THR A 21 -17.73 -0.24 -13.86
C THR A 21 -17.96 0.09 -15.34
N SER A 22 -16.91 0.49 -16.04
CA SER A 22 -17.02 0.84 -17.45
C SER A 22 -15.69 0.60 -18.17
N GLY A 23 -15.77 0.16 -19.42
CA GLY A 23 -14.57 -0.10 -20.20
C GLY A 23 -13.80 -1.29 -19.65
N ALA A 24 -12.53 -1.39 -20.01
CA ALA A 24 -11.68 -2.48 -19.54
C ALA A 24 -11.57 -2.45 -18.02
N THR A 25 -11.46 -1.24 -17.46
CA THR A 25 -11.34 -1.08 -16.02
C THR A 25 -12.61 -1.58 -15.32
N ALA A 26 -13.73 -1.53 -16.03
CA ALA A 26 -15.00 -1.96 -15.47
C ALA A 26 -14.79 -3.19 -14.57
N GLY A 27 -15.60 -3.28 -13.52
CA GLY A 27 -15.49 -4.41 -12.60
C GLY A 27 -14.22 -4.32 -11.78
N SER A 28 -13.49 -3.23 -11.94
CA SER A 28 -12.24 -3.02 -11.22
C SER A 28 -12.51 -2.52 -9.81
N VAL A 29 -11.80 -3.08 -8.84
CA VAL A 29 -11.96 -2.66 -7.45
C VAL A 29 -10.61 -2.57 -6.76
N ASP A 30 -10.13 -1.35 -6.57
CA ASP A 30 -8.85 -1.13 -5.92
C ASP A 30 -8.88 0.10 -5.03
N LYS A 31 -8.42 -0.06 -3.79
CA LYS A 31 -8.39 1.04 -2.84
C LYS A 31 -7.00 1.68 -2.83
N TYR A 32 -6.92 2.89 -2.29
CA TYR A 32 -5.65 3.61 -2.22
C TYR A 32 -5.38 4.10 -0.81
N TYR A 33 -4.16 3.90 -0.34
CA TYR A 33 -3.79 4.34 1.01
C TYR A 33 -2.78 5.49 0.93
N TYR A 34 -3.15 6.62 1.53
CA TYR A 34 -2.28 7.79 1.51
C TYR A 34 -1.73 8.06 2.90
N GLU A 35 -0.48 8.53 2.96
CA GLU A 35 0.14 8.84 4.24
C GLU A 35 0.48 10.32 4.32
N PRO A 36 -0.30 11.08 5.04
CA PRO A 36 -0.10 12.55 5.19
C PRO A 36 1.27 12.89 5.76
N ASN A 37 1.85 11.95 6.52
CA ASN A 37 3.16 12.17 7.11
C ASN A 37 4.21 12.44 6.04
N THR A 38 4.24 11.60 5.03
CA THR A 38 5.20 11.77 3.94
C THR A 38 4.48 11.86 2.60
N GLY A 39 3.15 11.87 2.65
CA GLY A 39 2.35 11.95 1.43
C GLY A 39 2.50 10.67 0.61
N ARG A 40 2.88 9.58 1.28
CA ARG A 40 3.06 8.30 0.60
C ARG A 40 1.71 7.67 0.29
N LYS A 41 1.57 7.16 -0.93
CA LYS A 41 0.32 6.54 -1.35
C LYS A 41 0.56 5.07 -1.74
N PHE A 42 -0.46 4.25 -1.58
CA PHE A 42 -0.35 2.83 -1.92
C PHE A 42 -1.56 2.38 -2.74
N ARG A 43 -1.34 1.39 -3.60
CA ARG A 43 -2.41 0.89 -4.46
C ARG A 43 -2.89 -0.46 -3.97
N SER A 44 -2.02 -1.17 -3.26
CA SER A 44 -2.38 -2.49 -2.74
C SER A 44 -2.04 -2.58 -1.26
N ARG A 45 -2.81 -3.37 -0.52
CA ARG A 45 -2.60 -3.54 0.91
C ARG A 45 -1.19 -4.04 1.17
N THR A 46 -0.75 -5.00 0.36
CA THR A 46 0.59 -5.57 0.52
C THR A 46 1.64 -4.47 0.50
N GLU A 47 1.48 -3.52 -0.42
CA GLU A 47 2.41 -2.40 -0.52
C GLU A 47 2.41 -1.57 0.76
N VAL A 48 1.22 -1.35 1.31
CA VAL A 48 1.07 -0.59 2.54
C VAL A 48 1.74 -1.33 3.70
N LEU A 49 1.53 -2.64 3.75
CA LEU A 49 2.10 -3.45 4.82
C LEU A 49 3.63 -3.40 4.78
N TYR A 50 4.19 -3.41 3.58
CA TYR A 50 5.63 -3.36 3.42
C TYR A 50 6.19 -2.05 3.95
N TYR A 51 5.47 -0.96 3.69
CA TYR A 51 5.90 0.36 4.16
C TYR A 51 5.97 0.38 5.68
N LEU A 52 4.93 -0.12 6.33
CA LEU A 52 4.88 -0.15 7.79
C LEU A 52 5.90 -1.15 8.35
N GLU A 53 6.06 -2.27 7.66
CA GLU A 53 6.99 -3.29 8.10
C GLU A 53 8.39 -2.74 8.23
N HIS A 54 8.77 -1.88 7.28
CA HIS A 54 10.10 -1.27 7.29
C HIS A 54 10.06 0.08 7.96
N GLY A 55 8.86 0.58 8.23
CA GLY A 55 8.70 1.88 8.88
C GLY A 55 9.07 3.01 7.94
N THR A 56 9.18 2.69 6.65
CA THR A 56 9.54 3.69 5.66
C THR A 56 9.10 3.24 4.27
N SER A 57 9.36 4.08 3.27
CA SER A 57 8.98 3.76 1.89
C SER A 57 9.15 2.26 1.63
N LYS A 58 10.27 1.88 1.04
CA LYS A 58 10.54 0.49 0.73
C LYS A 58 12.05 0.25 0.60
N ARG A 59 12.46 -0.98 0.91
CA ARG A 59 13.88 -1.33 0.82
C ARG A 59 14.12 -2.74 1.36
N GLY A 60 15.33 -3.24 1.17
CA GLY A 60 15.68 -4.57 1.64
C GLY A 60 15.20 -5.64 0.67
N THR A 61 14.66 -5.20 -0.47
CA THR A 61 14.16 -6.13 -1.47
C THR A 61 15.31 -6.95 -2.06
N LYS A 62 16.46 -6.31 -2.24
CA LYS A 62 17.62 -6.99 -2.79
C LYS A 62 18.85 -6.77 -1.90
N LYS A 63 19.70 -7.79 -1.80
CA LYS A 63 20.90 -7.69 -0.98
C LYS A 63 22.13 -8.11 -1.77
N ALA A 64 23.14 -7.27 -1.77
CA ALA A 64 24.38 -7.56 -2.50
C ALA A 64 25.56 -7.60 -1.55
N GLU A 65 26.44 -8.58 -1.73
CA GLU A 65 27.61 -8.71 -0.88
C GLU A 65 28.88 -8.38 -1.67
N ASN A 66 29.75 -7.56 -1.08
CA ASN A 66 30.98 -7.17 -1.74
C ASN A 66 32.13 -8.08 -1.30
N THR A 67 33.06 -8.34 -2.22
CA THR A 67 34.20 -9.20 -1.93
C THR A 67 35.48 -8.57 -2.46
N TYR A 68 36.61 -9.10 -2.02
CA TYR A 68 37.91 -8.60 -2.46
C TYR A 68 37.81 -8.01 -3.85
N GLY A 1 -12.83 -0.74 14.97
CA GLY A 1 -13.99 -0.88 15.90
C GLY A 1 -15.08 -1.71 15.25
N PRO A 2 -16.12 -1.08 14.78
CA PRO A 2 -17.26 -1.76 14.11
C PRO A 2 -16.87 -2.35 12.76
N LEU A 3 -17.54 -3.42 12.36
CA LEU A 3 -17.26 -4.06 11.08
C LEU A 3 -15.76 -4.04 10.79
N GLY A 4 -15.42 -3.78 9.54
CA GLY A 4 -14.02 -3.73 9.13
C GLY A 4 -13.39 -2.39 9.52
N SER A 5 -12.11 -2.24 9.23
CA SER A 5 -11.41 -1.00 9.56
C SER A 5 -10.27 -0.76 8.56
N ASP A 6 -9.86 0.51 8.45
CA ASP A 6 -8.79 0.86 7.53
C ASP A 6 -7.52 1.18 8.30
N ASN A 7 -7.53 0.92 9.60
CA ASN A 7 -6.37 1.19 10.44
C ASN A 7 -5.42 -0.01 10.45
N TRP A 8 -5.18 -0.57 9.27
CA TRP A 8 -4.29 -1.72 9.15
C TRP A 8 -3.01 -1.33 8.42
N LEU A 9 -3.02 -0.16 7.80
CA LEU A 9 -1.84 0.33 7.07
C LEU A 9 -0.89 1.06 8.01
N PRO A 10 0.34 1.15 7.62
CA PRO A 10 1.40 1.83 8.44
C PRO A 10 1.10 3.32 8.64
N PRO A 11 1.47 3.84 9.77
CA PRO A 11 1.24 5.29 10.10
C PRO A 11 1.89 6.22 9.09
N GLY A 12 1.20 6.45 7.98
CA GLY A 12 1.72 7.33 6.93
C GLY A 12 1.20 6.91 5.56
N TRP A 13 0.42 5.84 5.53
CA TRP A 13 -0.15 5.35 4.29
C TRP A 13 -1.54 5.95 4.05
N ARG A 14 -1.80 6.36 2.81
CA ARG A 14 -3.09 6.95 2.47
C ARG A 14 -3.94 5.95 1.69
N VAL A 15 -5.24 5.92 2.00
CA VAL A 15 -6.15 5.00 1.32
C VAL A 15 -7.20 5.77 0.53
N GLU A 16 -7.39 5.38 -0.72
CA GLU A 16 -8.37 6.04 -1.58
C GLU A 16 -9.37 5.03 -2.13
N ASP A 17 -10.66 5.36 -2.02
CA ASP A 17 -11.70 4.46 -2.50
C ASP A 17 -12.07 4.80 -3.95
N LYS A 18 -11.96 3.80 -4.82
CA LYS A 18 -12.29 4.01 -6.22
C LYS A 18 -13.19 2.88 -6.74
N ILE A 19 -14.46 3.20 -6.96
CA ILE A 19 -15.41 2.20 -7.44
C ILE A 19 -15.61 2.34 -8.95
N ARG A 20 -15.32 1.27 -9.68
CA ARG A 20 -15.47 1.29 -11.13
C ARG A 20 -16.94 1.50 -11.52
N THR A 21 -17.17 2.29 -12.56
CA THR A 21 -18.53 2.55 -13.01
C THR A 21 -18.68 2.20 -14.49
N SER A 22 -17.57 1.87 -15.12
CA SER A 22 -17.59 1.50 -16.54
C SER A 22 -16.88 0.17 -16.77
N GLY A 23 -17.28 -0.52 -17.83
CA GLY A 23 -16.69 -1.82 -18.15
C GLY A 23 -17.51 -2.96 -17.56
N ALA A 24 -17.10 -4.18 -17.85
CA ALA A 24 -17.80 -5.36 -17.34
C ALA A 24 -17.78 -5.37 -15.81
N THR A 25 -16.66 -4.99 -15.24
CA THR A 25 -16.52 -4.96 -13.79
C THR A 25 -17.07 -3.64 -13.23
N ALA A 26 -17.96 -3.00 -13.99
CA ALA A 26 -18.54 -1.74 -13.56
C ALA A 26 -19.36 -1.93 -12.28
N GLY A 27 -18.99 -1.19 -11.24
CA GLY A 27 -19.69 -1.28 -9.96
C GLY A 27 -18.82 -1.98 -8.92
N SER A 28 -17.81 -2.70 -9.38
CA SER A 28 -16.91 -3.40 -8.48
C SER A 28 -16.39 -2.46 -7.40
N VAL A 29 -15.33 -2.88 -6.72
CA VAL A 29 -14.74 -2.05 -5.67
C VAL A 29 -13.21 -2.21 -5.65
N ASP A 30 -12.50 -1.11 -5.81
CA ASP A 30 -11.04 -1.14 -5.80
C ASP A 30 -10.49 0.08 -5.07
N LYS A 31 -9.57 -0.17 -4.14
CA LYS A 31 -8.96 0.91 -3.38
C LYS A 31 -7.48 1.04 -3.74
N TYR A 32 -6.93 2.24 -3.58
CA TYR A 32 -5.53 2.48 -3.87
C TYR A 32 -4.77 2.94 -2.64
N TYR A 33 -3.55 2.44 -2.47
CA TYR A 33 -2.74 2.82 -1.31
C TYR A 33 -1.59 3.72 -1.76
N TYR A 34 -1.48 4.89 -1.13
CA TYR A 34 -0.42 5.84 -1.48
C TYR A 34 0.60 5.92 -0.35
N GLU A 35 1.86 6.15 -0.74
CA GLU A 35 2.93 6.25 0.25
C GLU A 35 3.61 7.61 0.15
N PRO A 36 3.37 8.46 1.11
CA PRO A 36 3.95 9.84 1.13
C PRO A 36 5.47 9.83 1.21
N ASN A 37 6.02 8.74 1.72
CA ASN A 37 7.47 8.61 1.86
C ASN A 37 8.14 8.70 0.49
N THR A 38 7.65 7.90 -0.46
CA THR A 38 8.22 7.90 -1.80
C THR A 38 7.15 8.25 -2.82
N GLY A 39 5.95 8.56 -2.34
CA GLY A 39 4.84 8.93 -3.22
C GLY A 39 4.42 7.73 -4.07
N ARG A 40 4.67 6.53 -3.56
CA ARG A 40 4.32 5.32 -4.28
C ARG A 40 2.86 4.92 -4.02
N LYS A 41 2.18 4.46 -5.06
CA LYS A 41 0.78 4.06 -4.92
C LYS A 41 0.60 2.59 -5.31
N PHE A 42 -0.32 1.93 -4.64
CA PHE A 42 -0.59 0.52 -4.90
C PHE A 42 -2.04 0.32 -5.34
N ARG A 43 -2.37 -0.90 -5.73
CA ARG A 43 -3.72 -1.21 -6.17
C ARG A 43 -4.27 -2.44 -5.45
N SER A 44 -3.37 -3.17 -4.79
CA SER A 44 -3.79 -4.37 -4.07
C SER A 44 -3.13 -4.41 -2.69
N ARG A 45 -3.86 -4.96 -1.72
CA ARG A 45 -3.34 -5.06 -0.35
C ARG A 45 -2.05 -5.86 -0.34
N THR A 46 -2.00 -6.93 -1.12
CA THR A 46 -0.81 -7.77 -1.19
C THR A 46 0.39 -6.94 -1.62
N GLU A 47 0.17 -6.03 -2.57
CA GLU A 47 1.25 -5.17 -3.06
C GLU A 47 1.78 -4.29 -1.93
N VAL A 48 0.87 -3.78 -1.10
CA VAL A 48 1.27 -2.94 0.03
C VAL A 48 2.03 -3.76 1.06
N LEU A 49 1.59 -4.99 1.28
CA LEU A 49 2.23 -5.86 2.26
C LEU A 49 3.66 -6.20 1.81
N TYR A 50 3.82 -6.45 0.52
CA TYR A 50 5.14 -6.78 -0.03
C TYR A 50 6.10 -5.60 0.13
N TYR A 51 5.58 -4.40 -0.06
CA TYR A 51 6.39 -3.20 0.06
C TYR A 51 6.96 -3.08 1.47
N LEU A 52 6.11 -3.28 2.47
CA LEU A 52 6.55 -3.19 3.86
C LEU A 52 7.49 -4.34 4.22
N GLU A 53 7.29 -5.48 3.57
CA GLU A 53 8.12 -6.64 3.84
C GLU A 53 9.58 -6.35 3.57
N HIS A 54 9.86 -5.78 2.39
CA HIS A 54 11.23 -5.45 2.03
C HIS A 54 11.45 -3.95 2.00
N GLY A 55 10.41 -3.22 1.60
CA GLY A 55 10.49 -1.76 1.52
C GLY A 55 11.10 -1.32 0.20
N THR A 56 11.32 -2.28 -0.70
CA THR A 56 11.89 -1.97 -2.01
C THR A 56 13.40 -1.75 -1.90
N SER A 57 13.81 -1.04 -0.86
CA SER A 57 15.22 -0.76 -0.65
C SER A 57 15.70 -1.36 0.67
N LYS A 58 15.65 -2.68 0.77
CA LYS A 58 16.08 -3.36 1.99
C LYS A 58 15.72 -2.54 3.22
N ARG A 59 14.55 -1.92 3.19
CA ARG A 59 14.10 -1.10 4.31
C ARG A 59 14.00 -1.94 5.58
N GLY A 60 13.48 -3.16 5.43
CA GLY A 60 13.33 -4.07 6.56
C GLY A 60 14.69 -4.59 7.02
N THR A 61 14.85 -5.90 6.98
CA THR A 61 16.11 -6.52 7.39
C THR A 61 17.15 -6.39 6.28
N LYS A 62 18.42 -6.55 6.66
CA LYS A 62 19.52 -6.45 5.69
C LYS A 62 20.72 -7.24 6.17
N LYS A 63 21.59 -7.61 5.23
CA LYS A 63 22.79 -8.37 5.56
C LYS A 63 24.03 -7.66 5.06
N ALA A 64 23.84 -6.45 4.53
CA ALA A 64 24.97 -5.67 4.01
C ALA A 64 25.34 -4.55 4.97
N GLU A 65 26.63 -4.44 5.28
CA GLU A 65 27.11 -3.41 6.18
C GLU A 65 27.95 -2.38 5.43
N ASN A 66 27.55 -1.12 5.54
CA ASN A 66 28.28 -0.05 4.85
C ASN A 66 28.17 1.26 5.64
N THR A 67 29.32 1.81 6.04
CA THR A 67 29.33 3.05 6.79
C THR A 67 30.33 4.04 6.18
N TYR A 68 30.19 5.30 6.56
CA TYR A 68 31.09 6.34 6.04
C TYR A 68 32.38 5.72 5.52
N GLY A 1 -17.82 -5.45 12.82
CA GLY A 1 -17.30 -5.87 11.49
C GLY A 1 -16.14 -6.86 11.69
N PRO A 2 -16.45 -8.05 12.11
CA PRO A 2 -15.43 -9.11 12.34
C PRO A 2 -14.56 -9.35 11.11
N LEU A 3 -15.16 -9.23 9.93
CA LEU A 3 -14.43 -9.44 8.69
C LEU A 3 -14.49 -8.18 7.82
N GLY A 4 -13.43 -7.37 7.89
CA GLY A 4 -13.38 -6.15 7.10
C GLY A 4 -12.06 -6.05 6.34
N SER A 5 -12.14 -5.70 5.06
CA SER A 5 -10.94 -5.57 4.24
C SER A 5 -10.04 -4.47 4.79
N ASP A 6 -10.63 -3.32 5.08
CA ASP A 6 -9.86 -2.19 5.60
C ASP A 6 -10.21 -1.95 7.07
N ASN A 7 -11.05 -2.80 7.63
CA ASN A 7 -11.46 -2.65 9.03
C ASN A 7 -10.23 -2.41 9.91
N TRP A 8 -9.06 -2.71 9.37
CA TRP A 8 -7.81 -2.53 10.11
C TRP A 8 -7.25 -1.13 9.90
N LEU A 9 -7.91 -0.37 9.05
CA LEU A 9 -7.48 0.99 8.75
C LEU A 9 -8.34 2.00 9.53
N PRO A 10 -7.72 2.75 10.40
CA PRO A 10 -8.41 3.78 11.23
C PRO A 10 -8.76 5.01 10.41
N PRO A 11 -9.57 5.89 10.96
CA PRO A 11 -10.01 7.13 10.27
C PRO A 11 -8.83 7.92 9.71
N GLY A 12 -7.68 7.80 10.37
CA GLY A 12 -6.48 8.51 9.91
C GLY A 12 -6.08 8.05 8.52
N TRP A 13 -6.19 6.75 8.27
CA TRP A 13 -5.83 6.19 6.97
C TRP A 13 -6.94 6.41 5.95
N ARG A 14 -6.56 6.91 4.78
CA ARG A 14 -7.53 7.15 3.71
C ARG A 14 -7.34 6.14 2.59
N VAL A 15 -8.42 5.49 2.19
CA VAL A 15 -8.37 4.49 1.14
C VAL A 15 -8.96 5.04 -0.16
N GLU A 16 -8.22 4.90 -1.24
CA GLU A 16 -8.68 5.38 -2.54
C GLU A 16 -8.60 4.28 -3.59
N ASP A 17 -9.65 4.15 -4.40
CA ASP A 17 -9.68 3.13 -5.44
C ASP A 17 -9.06 3.66 -6.72
N LYS A 18 -8.13 2.91 -7.28
CA LYS A 18 -7.48 3.30 -8.53
C LYS A 18 -7.32 2.10 -9.46
N ILE A 19 -7.94 2.18 -10.63
CA ILE A 19 -7.85 1.09 -11.60
C ILE A 19 -6.58 1.25 -12.45
N ARG A 20 -5.72 0.23 -12.42
CA ARG A 20 -4.49 0.26 -13.18
C ARG A 20 -4.77 0.33 -14.68
N THR A 21 -3.96 1.11 -15.39
CA THR A 21 -4.14 1.26 -16.83
C THR A 21 -2.78 1.30 -17.53
N SER A 22 -1.84 0.51 -17.03
CA SER A 22 -0.50 0.46 -17.61
C SER A 22 -0.56 -0.02 -19.05
N GLY A 23 -1.40 -1.03 -19.30
CA GLY A 23 -1.53 -1.57 -20.64
C GLY A 23 -1.61 -3.09 -20.61
N ALA A 24 -0.46 -3.74 -20.38
CA ALA A 24 -0.41 -5.19 -20.33
C ALA A 24 -1.27 -5.71 -19.18
N THR A 25 -1.22 -5.02 -18.05
CA THR A 25 -2.00 -5.42 -16.88
C THR A 25 -3.10 -4.40 -16.59
N ALA A 26 -3.29 -3.47 -17.53
CA ALA A 26 -4.30 -2.43 -17.36
C ALA A 26 -5.70 -3.05 -17.27
N GLY A 27 -6.54 -2.48 -16.43
CA GLY A 27 -7.90 -2.99 -16.25
C GLY A 27 -8.04 -3.71 -14.92
N SER A 28 -6.93 -3.88 -14.21
CA SER A 28 -6.95 -4.55 -12.91
C SER A 28 -7.56 -3.64 -11.85
N VAL A 29 -7.13 -3.82 -10.62
CA VAL A 29 -7.62 -3.01 -9.51
C VAL A 29 -6.53 -2.81 -8.45
N ASP A 30 -6.27 -1.57 -8.09
CA ASP A 30 -5.26 -1.28 -7.07
C ASP A 30 -5.70 -0.10 -6.21
N LYS A 31 -5.77 -0.32 -4.91
CA LYS A 31 -6.16 0.74 -3.98
C LYS A 31 -4.93 1.37 -3.33
N TYR A 32 -5.06 2.63 -2.92
CA TYR A 32 -3.96 3.33 -2.28
C TYR A 32 -4.35 3.84 -0.90
N TYR A 33 -3.39 3.86 0.01
CA TYR A 33 -3.67 4.32 1.38
C TYR A 33 -2.89 5.61 1.65
N TYR A 34 -3.59 6.64 2.08
CA TYR A 34 -2.95 7.92 2.38
C TYR A 34 -2.91 8.18 3.89
N GLU A 35 -1.70 8.36 4.41
CA GLU A 35 -1.53 8.62 5.83
C GLU A 35 -1.18 10.09 6.05
N PRO A 36 -2.13 10.84 6.56
CA PRO A 36 -1.95 12.29 6.82
C PRO A 36 -0.94 12.57 7.94
N ASN A 37 -0.72 11.57 8.79
CA ASN A 37 0.20 11.74 9.91
C ASN A 37 1.58 12.14 9.39
N THR A 38 2.12 11.36 8.46
CA THR A 38 3.44 11.65 7.91
C THR A 38 3.30 12.12 6.46
N GLY A 39 2.08 12.06 5.95
CA GLY A 39 1.82 12.48 4.57
C GLY A 39 2.31 11.44 3.58
N ARG A 40 2.41 10.19 4.06
CA ARG A 40 2.87 9.09 3.22
C ARG A 40 1.71 8.31 2.65
N LYS A 41 1.94 7.60 1.55
CA LYS A 41 0.88 6.81 0.93
C LYS A 41 1.40 5.40 0.60
N PHE A 42 0.47 4.47 0.42
CA PHE A 42 0.83 3.09 0.09
C PHE A 42 0.12 2.63 -1.17
N ARG A 43 0.69 1.63 -1.84
CA ARG A 43 0.11 1.12 -3.07
C ARG A 43 -0.35 -0.33 -2.87
N SER A 44 0.14 -0.97 -1.83
CA SER A 44 -0.23 -2.35 -1.54
C SER A 44 -0.48 -2.55 -0.04
N ARG A 45 -1.42 -3.42 0.28
CA ARG A 45 -1.76 -3.69 1.67
C ARG A 45 -0.53 -4.19 2.42
N THR A 46 0.25 -5.06 1.77
CA THR A 46 1.44 -5.59 2.38
C THR A 46 2.39 -4.47 2.77
N GLU A 47 2.51 -3.48 1.90
CA GLU A 47 3.40 -2.35 2.15
C GLU A 47 2.95 -1.62 3.42
N VAL A 48 1.64 -1.45 3.56
CA VAL A 48 1.09 -0.76 4.73
C VAL A 48 1.33 -1.59 5.98
N LEU A 49 1.18 -2.91 5.86
CA LEU A 49 1.36 -3.80 7.00
C LEU A 49 2.79 -3.71 7.52
N TYR A 50 3.75 -3.66 6.60
CA TYR A 50 5.16 -3.57 7.00
C TYR A 50 5.42 -2.27 7.75
N TYR A 51 4.84 -1.18 7.26
CA TYR A 51 5.01 0.11 7.91
C TYR A 51 4.46 0.10 9.33
N LEU A 52 3.25 -0.43 9.49
CA LEU A 52 2.61 -0.48 10.79
C LEU A 52 3.32 -1.49 11.70
N GLU A 53 3.71 -2.63 11.13
CA GLU A 53 4.38 -3.67 11.90
C GLU A 53 5.63 -3.12 12.55
N HIS A 54 6.31 -2.22 11.85
CA HIS A 54 7.53 -1.62 12.39
C HIS A 54 7.27 -0.18 12.81
N GLY A 55 6.10 0.35 12.46
CA GLY A 55 5.75 1.71 12.82
C GLY A 55 6.51 2.72 11.94
N THR A 56 7.23 2.20 10.95
CA THR A 56 8.00 3.04 10.04
C THR A 56 8.47 2.25 8.83
N SER A 57 8.77 2.96 7.74
CA SER A 57 9.24 2.31 6.53
C SER A 57 10.62 2.85 6.14
N LYS A 58 11.58 1.95 5.99
CA LYS A 58 12.93 2.34 5.63
C LYS A 58 13.54 1.36 4.64
N ARG A 59 14.27 1.89 3.65
CA ARG A 59 14.90 1.04 2.65
C ARG A 59 13.85 0.39 1.75
N GLY A 60 13.74 -0.93 1.83
CA GLY A 60 12.77 -1.65 1.02
C GLY A 60 13.37 -2.04 -0.33
N THR A 61 14.68 -1.84 -0.49
CA THR A 61 15.35 -2.16 -1.73
C THR A 61 15.54 -3.68 -1.86
N LYS A 62 15.87 -4.13 -3.06
CA LYS A 62 16.08 -5.55 -3.30
C LYS A 62 17.49 -5.81 -3.81
N LYS A 63 17.98 -7.03 -3.58
CA LYS A 63 19.31 -7.40 -4.02
C LYS A 63 19.26 -8.39 -5.18
N ALA A 64 18.39 -8.09 -6.16
CA ALA A 64 18.25 -8.96 -7.31
C ALA A 64 19.54 -8.99 -8.14
N GLU A 65 19.98 -10.18 -8.51
CA GLU A 65 21.19 -10.32 -9.30
C GLU A 65 20.85 -10.38 -10.79
N ASN A 66 19.56 -10.39 -11.09
CA ASN A 66 19.13 -10.44 -12.49
C ASN A 66 18.71 -9.05 -12.97
N THR A 67 19.47 -8.51 -13.92
CA THR A 67 19.17 -7.19 -14.45
C THR A 67 18.82 -7.27 -15.93
N TYR A 68 18.61 -8.49 -16.41
CA TYR A 68 18.27 -8.71 -17.82
C TYR A 68 18.96 -7.67 -18.69
N GLY A 1 -15.07 -11.89 6.21
CA GLY A 1 -14.64 -11.20 4.96
C GLY A 1 -13.64 -10.10 5.30
N PRO A 2 -12.44 -10.46 5.64
CA PRO A 2 -11.36 -9.48 5.99
C PRO A 2 -11.15 -8.44 4.90
N LEU A 3 -11.33 -8.86 3.65
CA LEU A 3 -11.14 -7.95 2.51
C LEU A 3 -12.15 -6.80 2.58
N GLY A 4 -13.26 -7.04 3.25
CA GLY A 4 -14.29 -6.03 3.38
C GLY A 4 -13.75 -4.79 4.09
N SER A 5 -12.91 -5.00 5.10
CA SER A 5 -12.31 -3.89 5.83
C SER A 5 -10.90 -4.24 6.29
N ASP A 6 -10.09 -3.21 6.49
CA ASP A 6 -8.72 -3.42 6.94
C ASP A 6 -8.65 -3.60 8.45
N ASN A 7 -9.05 -2.58 9.18
CA ASN A 7 -9.02 -2.63 10.63
C ASN A 7 -7.58 -2.72 11.15
N TRP A 8 -6.69 -3.23 10.31
CA TRP A 8 -5.30 -3.37 10.68
C TRP A 8 -4.55 -2.07 10.41
N LEU A 9 -5.29 -1.05 10.02
CA LEU A 9 -4.70 0.25 9.75
C LEU A 9 -4.97 1.21 10.92
N PRO A 10 -3.96 1.92 11.33
CA PRO A 10 -4.05 2.90 12.45
C PRO A 10 -5.14 3.94 12.19
N PRO A 11 -5.70 4.49 13.25
CA PRO A 11 -6.78 5.51 13.15
C PRO A 11 -6.37 6.69 12.26
N GLY A 12 -5.06 6.87 12.09
CA GLY A 12 -4.56 7.96 11.26
C GLY A 12 -4.34 7.49 9.82
N TRP A 13 -4.56 6.21 9.58
CA TRP A 13 -4.38 5.65 8.24
C TRP A 13 -5.70 5.63 7.48
N ARG A 14 -5.64 6.06 6.22
CA ARG A 14 -6.82 6.10 5.37
C ARG A 14 -6.66 5.18 4.18
N VAL A 15 -7.79 4.74 3.61
CA VAL A 15 -7.77 3.85 2.46
C VAL A 15 -8.63 4.41 1.34
N GLU A 16 -8.16 4.29 0.11
CA GLU A 16 -8.90 4.80 -1.04
C GLU A 16 -8.97 3.74 -2.15
N ASP A 17 -10.14 3.62 -2.77
CA ASP A 17 -10.32 2.66 -3.85
C ASP A 17 -9.87 3.26 -5.17
N LYS A 18 -9.09 2.49 -5.93
CA LYS A 18 -8.60 2.95 -7.22
C LYS A 18 -8.65 1.83 -8.26
N ILE A 19 -9.43 2.04 -9.31
CA ILE A 19 -9.55 1.04 -10.37
C ILE A 19 -8.59 1.37 -11.51
N ARG A 20 -7.77 0.40 -11.87
CA ARG A 20 -6.80 0.59 -12.95
C ARG A 20 -7.47 1.19 -14.17
N THR A 21 -7.02 2.35 -14.59
CA THR A 21 -7.59 3.03 -15.75
C THR A 21 -6.60 3.02 -16.91
N SER A 22 -5.42 2.45 -16.68
CA SER A 22 -4.39 2.39 -17.71
C SER A 22 -3.54 1.14 -17.54
N GLY A 23 -3.05 0.61 -18.67
CA GLY A 23 -2.23 -0.59 -18.64
C GLY A 23 -3.07 -1.84 -18.86
N ALA A 24 -2.42 -2.99 -18.79
CA ALA A 24 -3.12 -4.26 -18.98
C ALA A 24 -4.21 -4.45 -17.93
N THR A 25 -3.92 -4.01 -16.72
CA THR A 25 -4.88 -4.15 -15.62
C THR A 25 -6.16 -3.40 -15.94
N ALA A 26 -6.05 -2.36 -16.76
CA ALA A 26 -7.20 -1.54 -17.14
C ALA A 26 -8.48 -2.35 -16.96
N GLY A 27 -9.22 -2.03 -15.90
CA GLY A 27 -10.46 -2.74 -15.61
C GLY A 27 -10.35 -3.56 -14.33
N SER A 28 -9.20 -3.48 -13.67
CA SER A 28 -8.97 -4.20 -12.42
C SER A 28 -9.38 -3.34 -11.24
N VAL A 29 -8.86 -3.68 -10.07
CA VAL A 29 -9.16 -2.93 -8.85
C VAL A 29 -7.97 -2.93 -7.90
N ASP A 30 -7.54 -1.74 -7.48
CA ASP A 30 -6.41 -1.64 -6.57
C ASP A 30 -6.64 -0.50 -5.57
N LYS A 31 -6.66 -0.85 -4.29
CA LYS A 31 -6.86 0.15 -3.24
C LYS A 31 -5.53 0.76 -2.82
N TYR A 32 -5.59 1.97 -2.27
CA TYR A 32 -4.39 2.67 -1.82
C TYR A 32 -4.51 3.09 -0.36
N TYR A 33 -3.36 3.18 0.31
CA TYR A 33 -3.35 3.58 1.71
C TYR A 33 -2.77 4.98 1.84
N TYR A 34 -3.49 5.86 2.52
CA TYR A 34 -3.04 7.24 2.71
C TYR A 34 -2.63 7.49 4.15
N GLU A 35 -1.40 7.97 4.33
CA GLU A 35 -0.90 8.27 5.67
C GLU A 35 -0.69 9.77 5.80
N PRO A 36 -1.59 10.44 6.47
CA PRO A 36 -1.52 11.91 6.68
C PRO A 36 -0.28 12.32 7.47
N ASN A 37 0.28 11.38 8.22
CA ASN A 37 1.47 11.67 9.02
C ASN A 37 2.61 12.16 8.14
N THR A 38 2.92 11.41 7.09
CA THR A 38 3.99 11.79 6.18
C THR A 38 3.45 12.03 4.79
N GLY A 39 2.20 11.64 4.57
CA GLY A 39 1.56 11.82 3.27
C GLY A 39 1.98 10.71 2.30
N ARG A 40 2.53 9.63 2.84
CA ARG A 40 2.97 8.51 2.03
C ARG A 40 1.85 7.51 1.83
N LYS A 41 1.75 6.96 0.63
CA LYS A 41 0.70 5.99 0.32
C LYS A 41 1.29 4.71 -0.23
N PHE A 42 0.52 3.62 -0.15
CA PHE A 42 0.99 2.33 -0.66
C PHE A 42 -0.03 1.72 -1.60
N ARG A 43 0.45 1.03 -2.62
CA ARG A 43 -0.45 0.40 -3.60
C ARG A 43 -1.23 -0.74 -2.99
N SER A 44 -0.53 -1.64 -2.32
CA SER A 44 -1.18 -2.79 -1.69
C SER A 44 -0.68 -2.98 -0.26
N ARG A 45 -1.36 -3.83 0.48
CA ARG A 45 -0.98 -4.09 1.87
C ARG A 45 0.49 -4.47 1.96
N THR A 46 0.96 -5.25 1.00
CA THR A 46 2.35 -5.69 1.00
C THR A 46 3.28 -4.50 1.21
N GLU A 47 3.04 -3.41 0.49
CA GLU A 47 3.85 -2.22 0.63
C GLU A 47 3.75 -1.64 2.04
N VAL A 48 2.53 -1.64 2.57
CA VAL A 48 2.30 -1.11 3.91
C VAL A 48 3.00 -1.98 4.96
N LEU A 49 2.89 -3.30 4.79
CA LEU A 49 3.50 -4.22 5.74
C LEU A 49 5.01 -4.04 5.77
N TYR A 50 5.60 -3.83 4.59
CA TYR A 50 7.05 -3.63 4.50
C TYR A 50 7.44 -2.35 5.21
N TYR A 51 6.64 -1.31 5.03
CA TYR A 51 6.91 -0.03 5.67
C TYR A 51 6.93 -0.17 7.19
N LEU A 52 5.91 -0.84 7.72
CA LEU A 52 5.81 -1.03 9.16
C LEU A 52 7.01 -1.81 9.68
N GLU A 53 7.45 -2.80 8.91
CA GLU A 53 8.59 -3.62 9.31
C GLU A 53 9.90 -2.89 9.05
N HIS A 54 10.15 -2.55 7.79
CA HIS A 54 11.38 -1.86 7.42
C HIS A 54 11.34 -0.40 7.88
N GLY A 55 10.14 0.14 7.97
CA GLY A 55 9.97 1.54 8.40
C GLY A 55 10.17 2.49 7.22
N THR A 56 10.49 1.93 6.06
CA THR A 56 10.70 2.74 4.87
C THR A 56 10.51 1.91 3.61
N SER A 57 10.14 2.56 2.52
CA SER A 57 9.92 1.86 1.25
C SER A 57 9.61 2.86 0.14
N LYS A 58 10.55 3.76 -0.13
CA LYS A 58 10.36 4.76 -1.18
C LYS A 58 10.14 4.08 -2.53
N ARG A 59 11.20 3.50 -3.07
CA ARG A 59 11.12 2.81 -4.34
C ARG A 59 10.25 1.56 -4.23
N GLY A 60 10.33 0.90 -3.09
CA GLY A 60 9.55 -0.32 -2.86
C GLY A 60 10.41 -1.56 -3.12
N THR A 61 11.61 -1.35 -3.66
CA THR A 61 12.50 -2.46 -3.94
C THR A 61 13.83 -2.29 -3.18
N LYS A 62 14.19 -3.29 -2.39
CA LYS A 62 15.43 -3.23 -1.62
C LYS A 62 15.99 -4.62 -1.40
N LYS A 63 15.13 -5.53 -0.97
CA LYS A 63 15.55 -6.90 -0.72
C LYS A 63 14.82 -7.87 -1.66
N ALA A 64 15.59 -8.64 -2.41
CA ALA A 64 15.00 -9.61 -3.35
C ALA A 64 15.98 -10.74 -3.64
N GLU A 65 15.45 -11.87 -4.07
CA GLU A 65 16.29 -13.03 -4.38
C GLU A 65 17.23 -12.71 -5.54
N ASN A 66 16.87 -11.70 -6.33
CA ASN A 66 17.70 -11.32 -7.47
C ASN A 66 18.60 -10.14 -7.09
N THR A 67 18.34 -9.55 -5.93
CA THR A 67 19.14 -8.42 -5.46
C THR A 67 19.73 -8.71 -4.08
N TYR A 68 19.62 -9.97 -3.66
CA TYR A 68 20.15 -10.37 -2.36
C TYR A 68 21.54 -10.95 -2.50
N GLY A 1 -6.08 14.25 10.33
CA GLY A 1 -5.82 13.86 8.90
C GLY A 1 -7.14 13.53 8.22
N PRO A 2 -7.07 13.06 7.01
CA PRO A 2 -8.28 12.70 6.21
C PRO A 2 -8.98 11.46 6.77
N LEU A 3 -10.30 11.38 6.55
CA LEU A 3 -11.07 10.25 7.04
C LEU A 3 -11.60 9.42 5.87
N GLY A 4 -11.62 8.10 6.04
CA GLY A 4 -12.10 7.22 4.98
C GLY A 4 -12.34 5.81 5.53
N SER A 5 -12.78 4.91 4.65
CA SER A 5 -13.04 3.54 5.05
C SER A 5 -11.77 2.86 5.53
N ASP A 6 -10.62 3.39 5.09
CA ASP A 6 -9.34 2.82 5.49
C ASP A 6 -9.19 2.82 7.00
N ASN A 7 -9.06 4.01 7.59
CA ASN A 7 -8.91 4.13 9.03
C ASN A 7 -8.09 2.98 9.58
N TRP A 8 -7.27 2.37 8.72
CA TRP A 8 -6.43 1.25 9.13
C TRP A 8 -5.01 1.43 8.64
N LEU A 9 -4.74 2.60 8.04
CA LEU A 9 -3.41 2.90 7.54
C LEU A 9 -2.88 4.19 8.18
N PRO A 10 -1.70 4.14 8.71
CA PRO A 10 -1.06 5.32 9.36
C PRO A 10 -0.86 6.48 8.38
N PRO A 11 -0.71 7.67 8.89
CA PRO A 11 -0.52 8.89 8.05
C PRO A 11 0.59 8.69 7.01
N GLY A 12 1.58 7.88 7.35
CA GLY A 12 2.69 7.61 6.43
C GLY A 12 2.20 6.84 5.22
N TRP A 13 1.28 5.90 5.44
CA TRP A 13 0.74 5.09 4.35
C TRP A 13 -0.24 5.91 3.51
N ARG A 14 -0.16 5.75 2.20
CA ARG A 14 -1.06 6.47 1.30
C ARG A 14 -1.96 5.50 0.55
N VAL A 15 -3.25 5.82 0.47
CA VAL A 15 -4.20 4.98 -0.23
C VAL A 15 -4.86 5.75 -1.36
N GLU A 16 -5.01 5.09 -2.50
CA GLU A 16 -5.62 5.73 -3.67
C GLU A 16 -6.69 4.82 -4.28
N ASP A 17 -7.71 5.42 -4.88
CA ASP A 17 -8.78 4.67 -5.50
C ASP A 17 -8.42 4.28 -6.93
N LYS A 18 -8.55 3.01 -7.25
CA LYS A 18 -8.23 2.52 -8.58
C LYS A 18 -9.33 1.59 -9.09
N ILE A 19 -10.24 2.14 -9.89
CA ILE A 19 -11.34 1.35 -10.43
C ILE A 19 -10.80 0.15 -11.21
N ARG A 20 -11.59 -0.92 -11.24
CA ARG A 20 -11.19 -2.13 -11.95
C ARG A 20 -11.58 -2.06 -13.43
N THR A 21 -10.60 -2.28 -14.30
CA THR A 21 -10.86 -2.25 -15.74
C THR A 21 -10.21 -3.44 -16.42
N SER A 22 -9.94 -4.49 -15.66
CA SER A 22 -9.31 -5.69 -16.21
C SER A 22 -9.84 -6.93 -15.51
N GLY A 23 -10.00 -8.00 -16.29
CA GLY A 23 -10.51 -9.26 -15.74
C GLY A 23 -12.03 -9.26 -15.70
N ALA A 24 -12.60 -10.34 -15.17
CA ALA A 24 -14.05 -10.46 -15.08
C ALA A 24 -14.62 -9.37 -14.19
N THR A 25 -13.90 -9.04 -13.12
CA THR A 25 -14.35 -8.01 -12.19
C THR A 25 -14.52 -6.68 -12.92
N ALA A 26 -13.79 -6.51 -14.00
CA ALA A 26 -13.86 -5.27 -14.77
C ALA A 26 -15.13 -4.51 -14.45
N GLY A 27 -14.98 -3.31 -13.88
CA GLY A 27 -16.12 -2.49 -13.51
C GLY A 27 -16.22 -2.36 -11.99
N SER A 28 -15.47 -3.19 -11.28
CA SER A 28 -15.47 -3.16 -9.82
C SER A 28 -14.66 -1.97 -9.31
N VAL A 29 -14.15 -2.08 -8.10
CA VAL A 29 -13.34 -1.01 -7.52
C VAL A 29 -12.29 -1.59 -6.57
N ASP A 30 -11.05 -1.18 -6.76
CA ASP A 30 -9.95 -1.66 -5.92
C ASP A 30 -8.99 -0.53 -5.58
N LYS A 31 -8.79 -0.29 -4.29
CA LYS A 31 -7.88 0.75 -3.84
C LYS A 31 -6.46 0.21 -3.67
N TYR A 32 -5.48 1.08 -3.81
CA TYR A 32 -4.09 0.69 -3.68
C TYR A 32 -3.42 1.42 -2.53
N TYR A 33 -2.39 0.80 -1.95
CA TYR A 33 -1.67 1.41 -0.83
C TYR A 33 -0.21 1.64 -1.21
N TYR A 34 0.24 2.88 -1.09
CA TYR A 34 1.62 3.22 -1.41
C TYR A 34 2.43 3.53 -0.16
N GLU A 35 3.59 2.91 -0.05
CA GLU A 35 4.46 3.13 1.11
C GLU A 35 5.66 3.98 0.73
N PRO A 36 5.66 5.22 1.14
CA PRO A 36 6.75 6.18 0.83
C PRO A 36 8.08 5.76 1.46
N ASN A 37 8.00 4.94 2.50
CA ASN A 37 9.20 4.49 3.20
C ASN A 37 10.12 3.75 2.23
N THR A 38 9.55 2.80 1.50
CA THR A 38 10.34 2.01 0.55
C THR A 38 9.78 2.19 -0.86
N GLY A 39 8.68 2.92 -0.96
CA GLY A 39 8.04 3.15 -2.26
C GLY A 39 7.28 1.92 -2.73
N ARG A 40 6.89 1.07 -1.77
CA ARG A 40 6.16 -0.15 -2.10
C ARG A 40 4.67 0.14 -2.26
N LYS A 41 4.00 -0.64 -3.08
CA LYS A 41 2.57 -0.44 -3.32
C LYS A 41 1.81 -1.75 -3.08
N PHE A 42 0.53 -1.62 -2.73
CA PHE A 42 -0.30 -2.79 -2.49
C PHE A 42 -1.65 -2.65 -3.19
N ARG A 43 -2.20 -3.77 -3.64
CA ARG A 43 -3.49 -3.74 -4.34
C ARG A 43 -4.64 -4.05 -3.37
N SER A 44 -4.30 -4.67 -2.25
CA SER A 44 -5.31 -5.02 -1.26
C SER A 44 -4.73 -4.90 0.15
N ARG A 45 -5.61 -4.63 1.11
CA ARG A 45 -5.19 -4.49 2.50
C ARG A 45 -4.44 -5.74 2.95
N THR A 46 -4.90 -6.90 2.49
CA THR A 46 -4.27 -8.15 2.85
C THR A 46 -2.78 -8.10 2.52
N GLU A 47 -2.45 -7.56 1.35
CA GLU A 47 -1.05 -7.46 0.95
C GLU A 47 -0.28 -6.55 1.91
N VAL A 48 -0.91 -5.44 2.29
CA VAL A 48 -0.28 -4.50 3.23
C VAL A 48 -0.09 -5.16 4.59
N LEU A 49 -1.09 -5.92 5.02
CA LEU A 49 -1.02 -6.60 6.31
C LEU A 49 0.18 -7.55 6.34
N TYR A 50 0.43 -8.22 5.23
CA TYR A 50 1.56 -9.14 5.14
C TYR A 50 2.87 -8.39 5.30
N TYR A 51 2.94 -7.19 4.73
CA TYR A 51 4.15 -6.37 4.83
C TYR A 51 4.50 -6.12 6.29
N LEU A 52 3.52 -5.70 7.08
CA LEU A 52 3.74 -5.46 8.49
C LEU A 52 3.98 -6.76 9.24
N GLU A 53 3.27 -7.81 8.83
CA GLU A 53 3.41 -9.11 9.47
C GLU A 53 4.83 -9.64 9.33
N HIS A 54 5.45 -9.33 8.20
CA HIS A 54 6.81 -9.79 7.94
C HIS A 54 7.83 -8.80 8.49
N GLY A 55 7.35 -7.63 8.91
CA GLY A 55 8.23 -6.61 9.47
C GLY A 55 9.23 -6.13 8.43
N THR A 56 8.83 -6.17 7.16
CA THR A 56 9.71 -5.74 6.08
C THR A 56 10.81 -6.78 5.83
N SER A 57 10.48 -7.82 5.07
CA SER A 57 11.44 -8.86 4.78
C SER A 57 12.63 -8.30 4.00
N LYS A 58 12.37 -7.26 3.21
CA LYS A 58 13.42 -6.63 2.42
C LYS A 58 13.93 -5.38 3.13
N ARG A 59 14.96 -5.55 3.96
CA ARG A 59 15.54 -4.43 4.68
C ARG A 59 16.25 -3.48 3.72
N GLY A 60 16.73 -4.02 2.61
CA GLY A 60 17.42 -3.21 1.61
C GLY A 60 18.73 -2.65 2.17
N THR A 61 19.29 -3.35 3.14
CA THR A 61 20.54 -2.92 3.76
C THR A 61 20.46 -1.44 4.12
N LYS A 62 19.26 -0.97 4.42
CA LYS A 62 19.07 0.44 4.77
C LYS A 62 19.59 1.35 3.66
N LYS A 63 18.82 1.46 2.58
CA LYS A 63 19.22 2.30 1.46
C LYS A 63 19.35 3.75 1.91
N ALA A 64 20.40 4.42 1.42
CA ALA A 64 20.64 5.81 1.79
C ALA A 64 19.49 6.69 1.29
N GLU A 65 18.93 7.49 2.19
CA GLU A 65 17.83 8.38 1.83
C GLU A 65 18.36 9.74 1.40
N ASN A 66 17.66 10.39 0.47
CA ASN A 66 18.07 11.71 0.00
C ASN A 66 19.52 11.67 -0.48
N THR A 67 19.84 10.69 -1.31
CA THR A 67 21.20 10.56 -1.83
C THR A 67 21.60 11.79 -2.61
N TYR A 68 20.71 12.25 -3.47
CA TYR A 68 20.97 13.44 -4.29
C TYR A 68 20.08 14.60 -3.86
N GLY A 1 -23.24 6.48 7.70
CA GLY A 1 -22.07 7.09 8.38
C GLY A 1 -20.82 6.29 8.07
N PRO A 2 -19.71 6.65 8.65
CA PRO A 2 -18.41 5.96 8.44
C PRO A 2 -18.41 4.55 9.02
N LEU A 3 -17.76 3.62 8.32
CA LEU A 3 -17.68 2.24 8.79
C LEU A 3 -16.29 1.94 9.34
N GLY A 4 -15.38 2.89 9.20
CA GLY A 4 -14.02 2.72 9.70
C GLY A 4 -13.28 1.66 8.89
N SER A 5 -13.60 1.57 7.61
CA SER A 5 -12.96 0.59 6.74
C SER A 5 -11.46 0.84 6.65
N ASP A 6 -11.06 2.09 6.89
CA ASP A 6 -9.65 2.46 6.83
C ASP A 6 -9.10 2.69 8.23
N ASN A 7 -9.82 2.21 9.23
CA ASN A 7 -9.39 2.37 10.62
C ASN A 7 -8.34 1.33 10.98
N TRP A 8 -7.60 0.88 9.97
CA TRP A 8 -6.55 -0.12 10.20
C TRP A 8 -5.23 0.33 9.59
N LEU A 9 -5.23 1.54 9.04
CA LEU A 9 -4.02 2.09 8.43
C LEU A 9 -3.23 2.92 9.43
N PRO A 10 -1.95 2.92 9.30
CA PRO A 10 -1.04 3.69 10.21
C PRO A 10 -1.21 5.20 10.04
N PRO A 11 -1.00 5.94 11.09
CA PRO A 11 -1.11 7.43 11.07
C PRO A 11 -0.15 8.05 10.07
N GLY A 12 -0.60 8.23 8.83
CA GLY A 12 0.24 8.81 7.79
C GLY A 12 -0.06 8.18 6.44
N TRP A 13 -0.91 7.16 6.44
CA TRP A 13 -1.28 6.48 5.20
C TRP A 13 -2.51 7.14 4.57
N ARG A 14 -2.52 7.19 3.25
CA ARG A 14 -3.64 7.80 2.52
C ARG A 14 -4.37 6.74 1.70
N VAL A 15 -5.70 6.82 1.69
CA VAL A 15 -6.51 5.85 0.95
C VAL A 15 -7.27 6.55 -0.18
N GLU A 16 -7.26 5.94 -1.35
CA GLU A 16 -7.94 6.50 -2.52
C GLU A 16 -8.90 5.48 -3.12
N ASP A 17 -10.14 5.89 -3.34
CA ASP A 17 -11.14 5.00 -3.93
C ASP A 17 -10.96 4.92 -5.44
N LYS A 18 -10.89 3.69 -5.95
CA LYS A 18 -10.74 3.47 -7.38
C LYS A 18 -11.64 2.34 -7.87
N ILE A 19 -12.60 2.68 -8.70
CA ILE A 19 -13.52 1.66 -9.23
C ILE A 19 -12.93 0.99 -10.46
N ARG A 20 -12.80 -0.33 -10.40
CA ARG A 20 -12.23 -1.09 -11.50
C ARG A 20 -12.99 -0.80 -12.80
N THR A 21 -12.25 -0.47 -13.85
CA THR A 21 -12.86 -0.16 -15.14
C THR A 21 -12.18 -0.95 -16.26
N SER A 22 -11.61 -2.09 -15.91
CA SER A 22 -10.91 -2.92 -16.89
C SER A 22 -11.86 -3.34 -18.02
N GLY A 23 -13.10 -3.68 -17.65
CA GLY A 23 -14.09 -4.09 -18.63
C GLY A 23 -15.07 -5.09 -18.02
N ALA A 24 -14.81 -6.38 -18.26
CA ALA A 24 -15.69 -7.42 -17.73
C ALA A 24 -15.74 -7.36 -16.20
N THR A 25 -14.59 -7.10 -15.59
CA THR A 25 -14.51 -7.00 -14.13
C THR A 25 -14.77 -5.56 -13.68
N ALA A 26 -14.94 -4.67 -14.65
CA ALA A 26 -15.19 -3.26 -14.33
C ALA A 26 -16.53 -3.10 -13.63
N GLY A 27 -16.61 -2.14 -12.73
CA GLY A 27 -17.85 -1.88 -11.99
C GLY A 27 -17.68 -2.25 -10.52
N SER A 28 -16.58 -2.91 -10.20
CA SER A 28 -16.30 -3.31 -8.81
C SER A 28 -15.84 -2.11 -8.00
N VAL A 29 -15.05 -2.38 -6.96
CA VAL A 29 -14.54 -1.31 -6.11
C VAL A 29 -13.21 -1.72 -5.48
N ASP A 30 -12.18 -0.91 -5.69
CA ASP A 30 -10.86 -1.20 -5.15
C ASP A 30 -10.20 0.07 -4.64
N LYS A 31 -9.79 0.07 -3.38
CA LYS A 31 -9.14 1.23 -2.79
C LYS A 31 -7.63 1.10 -2.87
N TYR A 32 -6.93 2.23 -2.90
CA TYR A 32 -5.48 2.23 -2.98
C TYR A 32 -4.87 2.92 -1.77
N TYR A 33 -3.69 2.48 -1.36
CA TYR A 33 -3.01 3.06 -0.21
C TYR A 33 -1.69 3.71 -0.64
N TYR A 34 -1.53 4.98 -0.29
CA TYR A 34 -0.31 5.70 -0.66
C TYR A 34 0.51 6.02 0.58
N GLU A 35 1.78 5.65 0.55
CA GLU A 35 2.68 5.91 1.68
C GLU A 35 3.68 6.99 1.32
N PRO A 36 3.60 8.12 1.97
CA PRO A 36 4.52 9.26 1.72
C PRO A 36 5.96 8.95 2.09
N ASN A 37 6.14 7.98 2.99
CA ASN A 37 7.47 7.60 3.43
C ASN A 37 8.30 7.08 2.26
N THR A 38 7.79 6.05 1.60
CA THR A 38 8.49 5.46 0.46
C THR A 38 7.78 5.84 -0.84
N GLY A 39 6.54 6.33 -0.72
CA GLY A 39 5.78 6.73 -1.90
C GLY A 39 5.26 5.50 -2.65
N ARG A 40 5.11 4.40 -1.93
CA ARG A 40 4.63 3.17 -2.54
C ARG A 40 3.10 3.13 -2.53
N LYS A 41 2.53 2.19 -3.27
CA LYS A 41 1.08 2.05 -3.35
C LYS A 41 0.67 0.59 -3.22
N PHE A 42 -0.56 0.38 -2.74
CA PHE A 42 -1.06 -0.99 -2.56
C PHE A 42 -2.47 -1.10 -3.13
N ARG A 43 -2.82 -2.29 -3.60
CA ARG A 43 -4.14 -2.51 -4.18
C ARG A 43 -5.08 -3.15 -3.16
N SER A 44 -4.54 -4.09 -2.38
CA SER A 44 -5.33 -4.78 -1.38
C SER A 44 -4.65 -4.74 -0.01
N ARG A 45 -5.44 -4.82 1.05
CA ARG A 45 -4.90 -4.79 2.40
C ARG A 45 -3.84 -5.87 2.57
N THR A 46 -4.10 -7.04 2.02
CA THR A 46 -3.15 -8.15 2.14
C THR A 46 -1.75 -7.71 1.74
N GLU A 47 -1.66 -6.96 0.65
CA GLU A 47 -0.37 -6.48 0.17
C GLU A 47 0.27 -5.55 1.20
N VAL A 48 -0.54 -4.69 1.80
CA VAL A 48 -0.05 -3.75 2.81
C VAL A 48 0.40 -4.51 4.06
N LEU A 49 -0.36 -5.54 4.42
CA LEU A 49 -0.05 -6.32 5.62
C LEU A 49 1.30 -7.02 5.46
N TYR A 50 1.56 -7.54 4.27
CA TYR A 50 2.82 -8.22 4.00
C TYR A 50 3.99 -7.25 4.12
N TYR A 51 3.80 -6.03 3.64
CA TYR A 51 4.85 -5.02 3.70
C TYR A 51 5.25 -4.75 5.14
N LEU A 52 4.26 -4.57 6.00
CA LEU A 52 4.53 -4.31 7.42
C LEU A 52 5.05 -5.57 8.11
N GLU A 53 4.51 -6.72 7.74
CA GLU A 53 4.93 -7.98 8.33
C GLU A 53 6.40 -8.24 8.08
N HIS A 54 6.86 -7.84 6.90
CA HIS A 54 8.26 -8.03 6.53
C HIS A 54 9.10 -6.83 6.94
N GLY A 55 8.44 -5.79 7.41
CA GLY A 55 9.14 -4.58 7.84
C GLY A 55 9.91 -3.97 6.68
N THR A 56 9.45 -4.22 5.46
CA THR A 56 10.11 -3.69 4.28
C THR A 56 11.56 -4.15 4.23
N SER A 57 11.88 -5.16 5.03
CA SER A 57 13.25 -5.68 5.07
C SER A 57 13.60 -6.40 3.77
N LYS A 58 14.84 -6.23 3.33
CA LYS A 58 15.28 -6.86 2.09
C LYS A 58 16.70 -7.41 2.25
N ARG A 59 17.06 -8.38 1.42
CA ARG A 59 18.39 -8.97 1.47
C ARG A 59 19.45 -7.94 1.10
N GLY A 60 20.52 -7.88 1.89
CA GLY A 60 21.60 -6.94 1.63
C GLY A 60 21.37 -5.63 2.36
N THR A 61 22.45 -4.88 2.57
CA THR A 61 22.36 -3.59 3.25
C THR A 61 23.01 -2.49 2.44
N LYS A 62 22.28 -1.40 2.22
CA LYS A 62 22.80 -0.28 1.44
C LYS A 62 22.45 1.05 2.11
N LYS A 63 22.82 1.18 3.38
CA LYS A 63 22.55 2.40 4.11
C LYS A 63 23.24 3.59 3.47
N ALA A 64 24.49 3.38 3.07
CA ALA A 64 25.27 4.45 2.45
C ALA A 64 26.20 3.89 1.38
N GLU A 65 26.45 4.67 0.34
CA GLU A 65 27.32 4.23 -0.75
C GLU A 65 28.78 4.42 -0.38
N ASN A 66 29.67 4.03 -1.27
CA ASN A 66 31.10 4.16 -1.02
C ASN A 66 31.85 4.39 -2.33
N THR A 67 33.17 4.56 -2.23
CA THR A 67 33.99 4.79 -3.41
C THR A 67 35.16 3.82 -3.45
N TYR A 68 35.72 3.61 -4.64
CA TYR A 68 36.85 2.69 -4.79
C TYR A 68 37.90 3.31 -5.71
N GLY A 1 -17.27 3.35 2.27
CA GLY A 1 -16.68 2.25 3.07
C GLY A 1 -16.80 2.58 4.56
N PRO A 2 -18.00 2.66 5.06
CA PRO A 2 -18.26 2.98 6.49
C PRO A 2 -17.59 1.98 7.43
N LEU A 3 -17.45 0.75 6.96
CA LEU A 3 -16.82 -0.30 7.77
C LEU A 3 -15.47 -0.71 7.17
N GLY A 4 -15.31 -2.01 6.92
CA GLY A 4 -14.07 -2.51 6.36
C GLY A 4 -13.17 -3.10 7.43
N SER A 5 -13.42 -2.72 8.68
CA SER A 5 -12.64 -3.24 9.79
C SER A 5 -11.16 -3.31 9.43
N ASP A 6 -10.63 -2.19 8.94
CA ASP A 6 -9.23 -2.14 8.56
C ASP A 6 -8.32 -2.47 9.73
N ASN A 7 -8.24 -1.54 10.68
CA ASN A 7 -7.42 -1.74 11.87
C ASN A 7 -6.22 -2.63 11.55
N TRP A 8 -5.76 -2.57 10.30
CA TRP A 8 -4.62 -3.37 9.88
C TRP A 8 -3.56 -2.50 9.21
N LEU A 9 -3.89 -1.23 9.03
CA LEU A 9 -2.96 -0.29 8.39
C LEU A 9 -2.10 0.39 9.45
N PRO A 10 -0.93 0.82 9.07
CA PRO A 10 0.02 1.51 9.99
C PRO A 10 -0.48 2.90 10.39
N PRO A 11 0.05 3.43 11.47
CA PRO A 11 -0.33 4.79 11.95
C PRO A 11 0.20 5.90 11.04
N GLY A 12 -0.59 6.28 10.06
CA GLY A 12 -0.19 7.33 9.12
C GLY A 12 -0.66 7.00 7.70
N TRP A 13 -1.34 5.87 7.55
CA TRP A 13 -1.84 5.46 6.25
C TRP A 13 -3.28 5.90 6.07
N ARG A 14 -3.60 6.42 4.89
CA ARG A 14 -4.95 6.89 4.59
C ARG A 14 -5.61 5.97 3.57
N VAL A 15 -6.85 5.58 3.85
CA VAL A 15 -7.59 4.70 2.95
C VAL A 15 -8.67 5.47 2.20
N GLU A 16 -8.77 5.22 0.90
CA GLU A 16 -9.76 5.89 0.07
C GLU A 16 -10.58 4.89 -0.73
N ASP A 17 -11.89 5.08 -0.74
CA ASP A 17 -12.77 4.17 -1.47
C ASP A 17 -12.98 4.65 -2.90
N LYS A 18 -12.82 3.74 -3.85
CA LYS A 18 -13.00 4.08 -5.26
C LYS A 18 -13.74 2.97 -6.00
N ILE A 19 -14.90 3.30 -6.56
CA ILE A 19 -15.69 2.32 -7.29
C ILE A 19 -15.27 2.28 -8.76
N ARG A 20 -14.87 1.10 -9.21
CA ARG A 20 -14.45 0.93 -10.60
C ARG A 20 -15.56 1.35 -11.55
N THR A 21 -15.20 2.15 -12.55
CA THR A 21 -16.18 2.62 -13.53
C THR A 21 -15.77 2.21 -14.94
N SER A 22 -14.62 1.55 -15.04
CA SER A 22 -14.13 1.12 -16.35
C SER A 22 -13.45 -0.26 -16.23
N GLY A 23 -13.58 -1.06 -17.28
CA GLY A 23 -12.99 -2.38 -17.29
C GLY A 23 -14.05 -3.46 -17.07
N ALA A 24 -13.62 -4.72 -17.09
CA ALA A 24 -14.55 -5.83 -16.90
C ALA A 24 -15.20 -5.74 -15.53
N THR A 25 -14.42 -5.33 -14.53
CA THR A 25 -14.93 -5.22 -13.16
C THR A 25 -15.91 -4.05 -13.06
N ALA A 26 -15.78 -3.09 -13.97
CA ALA A 26 -16.67 -1.93 -13.97
C ALA A 26 -17.91 -2.20 -13.12
N GLY A 27 -18.03 -1.47 -12.01
CA GLY A 27 -19.17 -1.64 -11.12
C GLY A 27 -18.74 -2.28 -9.81
N SER A 28 -17.46 -2.67 -9.73
CA SER A 28 -16.93 -3.29 -8.52
C SER A 28 -16.60 -2.23 -7.49
N VAL A 29 -15.70 -2.57 -6.57
CA VAL A 29 -15.28 -1.63 -5.53
C VAL A 29 -13.86 -1.94 -5.07
N ASP A 30 -12.99 -0.94 -5.15
CA ASP A 30 -11.60 -1.11 -4.76
C ASP A 30 -11.11 0.09 -3.94
N LYS A 31 -10.50 -0.20 -2.80
CA LYS A 31 -9.99 0.87 -1.94
C LYS A 31 -8.52 1.13 -2.23
N TYR A 32 -8.06 2.34 -1.94
CA TYR A 32 -6.67 2.70 -2.18
C TYR A 32 -6.01 3.16 -0.87
N TYR A 33 -4.70 2.94 -0.78
CA TYR A 33 -3.96 3.33 0.41
C TYR A 33 -2.93 4.41 0.08
N TYR A 34 -2.98 5.51 0.81
CA TYR A 34 -2.05 6.61 0.57
C TYR A 34 -1.01 6.69 1.69
N GLU A 35 0.26 6.69 1.31
CA GLU A 35 1.33 6.77 2.29
C GLU A 35 2.00 8.14 2.26
N PRO A 36 1.72 8.97 3.23
CA PRO A 36 2.27 10.35 3.31
C PRO A 36 3.80 10.35 3.31
N ASN A 37 4.39 9.24 3.74
CA ASN A 37 5.84 9.14 3.81
C ASN A 37 6.47 9.39 2.44
N THR A 38 6.03 8.63 1.45
CA THR A 38 6.55 8.77 0.10
C THR A 38 5.42 9.08 -0.88
N GLY A 39 4.19 9.08 -0.38
CA GLY A 39 3.03 9.36 -1.22
C GLY A 39 2.69 8.16 -2.09
N ARG A 40 3.10 6.97 -1.66
CA ARG A 40 2.84 5.75 -2.41
C ARG A 40 1.36 5.38 -2.34
N LYS A 41 0.81 4.97 -3.47
CA LYS A 41 -0.60 4.60 -3.53
C LYS A 41 -0.75 3.11 -3.82
N PHE A 42 -1.66 2.45 -3.08
CA PHE A 42 -1.88 1.03 -3.27
C PHE A 42 -3.34 0.77 -3.66
N ARG A 43 -3.56 -0.27 -4.46
CA ARG A 43 -4.90 -0.60 -4.93
C ARG A 43 -5.42 -1.84 -4.22
N SER A 44 -4.52 -2.58 -3.57
CA SER A 44 -4.89 -3.80 -2.87
C SER A 44 -3.98 -4.01 -1.66
N ARG A 45 -4.52 -4.66 -0.62
CA ARG A 45 -3.75 -4.92 0.58
C ARG A 45 -2.46 -5.66 0.24
N THR A 46 -2.56 -6.61 -0.68
CA THR A 46 -1.39 -7.39 -1.08
C THR A 46 -0.21 -6.47 -1.41
N GLU A 47 -0.49 -5.40 -2.14
CA GLU A 47 0.55 -4.45 -2.51
C GLU A 47 1.11 -3.78 -1.27
N VAL A 48 0.24 -3.44 -0.32
CA VAL A 48 0.67 -2.80 0.92
C VAL A 48 1.55 -3.74 1.73
N LEU A 49 1.16 -5.01 1.79
CA LEU A 49 1.91 -6.01 2.53
C LEU A 49 3.32 -6.13 1.96
N TYR A 50 3.43 -6.07 0.63
CA TYR A 50 4.72 -6.17 -0.03
C TYR A 50 5.62 -5.01 0.38
N TYR A 51 5.02 -3.83 0.51
CA TYR A 51 5.78 -2.64 0.91
C TYR A 51 6.48 -2.87 2.24
N LEU A 52 5.74 -3.38 3.21
CA LEU A 52 6.30 -3.66 4.53
C LEU A 52 7.25 -4.84 4.48
N GLU A 53 6.91 -5.83 3.66
CA GLU A 53 7.74 -7.02 3.53
C GLU A 53 9.12 -6.65 3.01
N HIS A 54 9.17 -5.67 2.11
CA HIS A 54 10.45 -5.24 1.53
C HIS A 54 11.03 -4.09 2.33
N GLY A 55 10.24 -3.55 3.25
CA GLY A 55 10.71 -2.45 4.09
C GLY A 55 10.94 -1.19 3.25
N THR A 56 10.19 -1.07 2.16
CA THR A 56 10.33 0.09 1.28
C THR A 56 11.51 -0.09 0.35
N SER A 57 12.05 -1.31 0.30
CA SER A 57 13.20 -1.58 -0.56
C SER A 57 14.39 -0.72 -0.16
N LYS A 58 15.52 -0.94 -0.82
CA LYS A 58 16.73 -0.17 -0.53
C LYS A 58 17.34 0.37 -1.81
N ARG A 59 17.89 1.59 -1.73
CA ARG A 59 18.51 2.21 -2.89
C ARG A 59 19.89 2.74 -2.54
N GLY A 60 20.87 2.48 -3.42
CA GLY A 60 22.22 2.93 -3.18
C GLY A 60 22.86 2.19 -2.01
N THR A 61 22.38 0.97 -1.77
CA THR A 61 22.90 0.16 -0.67
C THR A 61 24.13 -0.62 -1.12
N LYS A 62 25.22 -0.48 -0.38
CA LYS A 62 26.46 -1.18 -0.70
C LYS A 62 26.39 -2.64 -0.26
N LYS A 63 27.34 -3.44 -0.72
CA LYS A 63 27.36 -4.86 -0.37
C LYS A 63 27.48 -5.03 1.14
N ALA A 64 28.29 -4.18 1.76
CA ALA A 64 28.49 -4.24 3.20
C ALA A 64 28.93 -5.63 3.63
N GLU A 65 30.10 -6.05 3.12
CA GLU A 65 30.63 -7.36 3.45
C GLU A 65 30.91 -7.47 4.94
N ASN A 66 30.94 -6.33 5.62
CA ASN A 66 31.21 -6.30 7.05
C ASN A 66 29.91 -6.42 7.84
N THR A 67 28.79 -6.50 7.12
CA THR A 67 27.49 -6.62 7.76
C THR A 67 27.33 -5.56 8.84
N TYR A 68 26.79 -4.40 8.47
CA TYR A 68 26.60 -3.31 9.41
C TYR A 68 25.30 -2.57 9.11
N GLY A 1 -12.25 -4.71 11.20
CA GLY A 1 -13.55 -4.38 10.54
C GLY A 1 -13.43 -3.04 9.83
N PRO A 2 -14.49 -2.28 9.81
CA PRO A 2 -14.53 -0.94 9.15
C PRO A 2 -13.50 0.01 9.75
N LEU A 3 -12.87 0.80 8.88
CA LEU A 3 -11.86 1.76 9.33
C LEU A 3 -10.88 1.09 10.29
N GLY A 4 -10.87 -0.24 10.29
CA GLY A 4 -9.97 -0.99 11.16
C GLY A 4 -9.23 -2.07 10.38
N SER A 5 -9.69 -2.33 9.16
CA SER A 5 -9.06 -3.35 8.32
C SER A 5 -7.67 -2.90 7.90
N ASP A 6 -7.43 -1.59 7.94
CA ASP A 6 -6.14 -1.05 7.55
C ASP A 6 -5.24 -0.86 8.77
N ASN A 7 -5.72 -1.32 9.92
CA ASN A 7 -4.96 -1.19 11.15
C ASN A 7 -3.57 -1.80 10.99
N TRP A 8 -3.36 -2.48 9.87
CA TRP A 8 -2.07 -3.09 9.60
C TRP A 8 -1.15 -2.10 8.88
N LEU A 9 -1.73 -1.33 7.95
CA LEU A 9 -0.95 -0.36 7.21
C LEU A 9 -0.34 0.66 8.16
N PRO A 10 0.94 0.87 8.05
CA PRO A 10 1.68 1.85 8.90
C PRO A 10 1.13 3.27 8.73
N PRO A 11 1.39 4.12 9.69
CA PRO A 11 0.91 5.54 9.66
C PRO A 11 1.46 6.30 8.46
N GLY A 12 2.57 5.82 7.92
CA GLY A 12 3.18 6.47 6.76
C GLY A 12 2.45 6.11 5.47
N TRP A 13 1.61 5.09 5.54
CA TRP A 13 0.84 4.65 4.38
C TRP A 13 -0.50 5.37 4.32
N ARG A 14 -0.90 5.77 3.12
CA ARG A 14 -2.17 6.46 2.94
C ARG A 14 -3.10 5.65 2.05
N VAL A 15 -4.36 5.51 2.46
CA VAL A 15 -5.34 4.76 1.70
C VAL A 15 -6.35 5.69 1.05
N GLU A 16 -6.67 5.42 -0.21
CA GLU A 16 -7.62 6.26 -0.94
C GLU A 16 -8.68 5.39 -1.63
N ASP A 17 -9.92 5.86 -1.61
CA ASP A 17 -11.01 5.13 -2.24
C ASP A 17 -11.15 5.53 -3.70
N LYS A 18 -11.24 4.54 -4.57
CA LYS A 18 -11.38 4.79 -6.00
C LYS A 18 -12.40 3.85 -6.63
N ILE A 19 -13.54 4.41 -7.01
CA ILE A 19 -14.60 3.61 -7.63
C ILE A 19 -14.16 3.09 -9.00
N ARG A 20 -14.64 1.91 -9.36
CA ARG A 20 -14.29 1.31 -10.64
C ARG A 20 -14.80 2.17 -11.80
N THR A 21 -14.02 2.23 -12.87
CA THR A 21 -14.40 3.03 -14.04
C THR A 21 -15.71 2.53 -14.63
N SER A 22 -15.68 1.33 -15.20
CA SER A 22 -16.88 0.76 -15.81
C SER A 22 -16.64 -0.69 -16.18
N GLY A 23 -17.71 -1.38 -16.60
CA GLY A 23 -17.60 -2.77 -17.01
C GLY A 23 -18.72 -3.61 -16.41
N ALA A 24 -18.79 -4.88 -16.81
CA ALA A 24 -19.82 -5.76 -16.29
C ALA A 24 -19.69 -5.92 -14.78
N THR A 25 -18.45 -6.02 -14.31
CA THR A 25 -18.20 -6.16 -12.88
C THR A 25 -17.92 -4.81 -12.24
N ALA A 26 -18.33 -3.74 -12.91
CA ALA A 26 -18.12 -2.39 -12.40
C ALA A 26 -19.23 -2.00 -11.43
N GLY A 27 -19.02 -0.92 -10.69
CA GLY A 27 -20.00 -0.45 -9.73
C GLY A 27 -19.50 -0.61 -8.30
N SER A 28 -18.36 -1.28 -8.15
CA SER A 28 -17.77 -1.49 -6.83
C SER A 28 -16.72 -0.42 -6.54
N VAL A 29 -16.09 -0.51 -5.37
CA VAL A 29 -15.07 0.46 -4.99
C VAL A 29 -13.83 -0.27 -4.46
N ASP A 30 -12.68 0.18 -4.90
CA ASP A 30 -11.41 -0.43 -4.47
C ASP A 30 -10.48 0.64 -3.90
N LYS A 31 -9.99 0.40 -2.69
CA LYS A 31 -9.09 1.35 -2.04
C LYS A 31 -7.65 1.11 -2.50
N TYR A 32 -6.89 2.19 -2.59
CA TYR A 32 -5.49 2.11 -3.00
C TYR A 32 -4.56 2.45 -1.84
N TYR A 33 -3.29 2.06 -1.97
CA TYR A 33 -2.31 2.32 -0.92
C TYR A 33 -1.15 3.14 -1.48
N TYR A 34 -0.89 4.28 -0.86
CA TYR A 34 0.20 5.14 -1.32
C TYR A 34 1.36 5.11 -0.33
N GLU A 35 2.57 4.93 -0.85
CA GLU A 35 3.76 4.87 -0.01
C GLU A 35 4.61 6.11 -0.23
N PRO A 36 4.59 7.02 0.70
CA PRO A 36 5.38 8.29 0.62
C PRO A 36 6.88 8.03 0.49
N ASN A 37 7.32 6.86 0.96
CA ASN A 37 8.73 6.53 0.91
C ASN A 37 9.25 6.52 -0.52
N THR A 38 8.56 5.78 -1.39
CA THR A 38 8.96 5.71 -2.80
C THR A 38 7.86 6.27 -3.69
N GLY A 39 6.72 6.58 -3.08
CA GLY A 39 5.58 7.13 -3.84
C GLY A 39 4.89 6.04 -4.64
N ARG A 40 5.04 4.79 -4.22
CA ARG A 40 4.42 3.67 -4.91
C ARG A 40 2.94 3.57 -4.56
N LYS A 41 2.13 3.16 -5.53
CA LYS A 41 0.69 3.04 -5.32
C LYS A 41 0.23 1.62 -5.58
N PHE A 42 -0.57 1.09 -4.67
CA PHE A 42 -1.09 -0.27 -4.80
C PHE A 42 -2.61 -0.25 -4.94
N ARG A 43 -3.15 -1.28 -5.58
CA ARG A 43 -4.60 -1.37 -5.77
C ARG A 43 -5.24 -2.25 -4.71
N SER A 44 -4.57 -3.36 -4.38
CA SER A 44 -5.09 -4.29 -3.39
C SER A 44 -4.06 -4.53 -2.28
N ARG A 45 -4.56 -4.87 -1.10
CA ARG A 45 -3.67 -5.12 0.03
C ARG A 45 -2.60 -6.15 -0.34
N THR A 46 -2.96 -7.06 -1.25
CA THR A 46 -2.02 -8.09 -1.68
C THR A 46 -0.73 -7.46 -2.21
N GLU A 47 -0.87 -6.40 -2.99
CA GLU A 47 0.29 -5.71 -3.53
C GLU A 47 1.16 -5.15 -2.41
N VAL A 48 0.51 -4.58 -1.39
CA VAL A 48 1.24 -4.01 -0.26
C VAL A 48 1.97 -5.10 0.50
N LEU A 49 1.29 -6.23 0.71
CA LEU A 49 1.89 -7.35 1.44
C LEU A 49 3.12 -7.87 0.70
N TYR A 50 3.02 -7.95 -0.62
CA TYR A 50 4.13 -8.42 -1.43
C TYR A 50 5.31 -7.45 -1.36
N TYR A 51 5.00 -6.16 -1.36
CA TYR A 51 6.04 -5.14 -1.31
C TYR A 51 6.91 -5.32 -0.06
N LEU A 52 6.26 -5.47 1.10
CA LEU A 52 6.97 -5.66 2.35
C LEU A 52 7.59 -7.06 2.41
N GLU A 53 6.84 -8.04 1.95
CA GLU A 53 7.31 -9.42 1.97
C GLU A 53 8.49 -9.60 1.01
N HIS A 54 8.46 -8.87 -0.09
CA HIS A 54 9.53 -8.95 -1.08
C HIS A 54 10.74 -8.12 -0.64
N GLY A 55 10.58 -7.38 0.46
CA GLY A 55 11.67 -6.56 0.97
C GLY A 55 12.01 -5.44 -0.02
N THR A 56 11.00 -4.96 -0.73
CA THR A 56 11.22 -3.90 -1.72
C THR A 56 11.63 -2.61 -1.02
N SER A 57 11.77 -1.54 -1.79
CA SER A 57 12.17 -0.25 -1.24
C SER A 57 13.69 -0.08 -1.33
N LYS A 58 14.41 -0.94 -0.61
CA LYS A 58 15.87 -0.87 -0.61
C LYS A 58 16.35 0.32 0.23
N ARG A 59 15.40 1.06 0.77
CA ARG A 59 15.73 2.22 1.59
C ARG A 59 16.27 1.77 2.95
N GLY A 60 17.09 2.62 3.56
CA GLY A 60 17.68 2.31 4.86
C GLY A 60 19.04 1.64 4.70
N THR A 61 19.39 1.31 3.45
CA THR A 61 20.67 0.67 3.17
C THR A 61 21.82 1.58 3.58
N LYS A 62 21.69 2.87 3.28
CA LYS A 62 22.72 3.83 3.61
C LYS A 62 22.74 4.12 5.11
N LYS A 63 23.79 4.77 5.58
CA LYS A 63 23.90 5.11 7.00
C LYS A 63 24.20 3.86 7.82
N ALA A 64 25.23 3.12 7.43
CA ALA A 64 25.59 1.90 8.14
C ALA A 64 25.81 2.20 9.63
N GLU A 65 24.74 2.09 10.40
CA GLU A 65 24.81 2.34 11.84
C GLU A 65 24.97 1.03 12.61
N ASN A 66 25.36 -0.03 11.90
CA ASN A 66 25.55 -1.33 12.51
C ASN A 66 24.23 -1.82 13.12
N THR A 67 23.14 -1.59 12.41
CA THR A 67 21.82 -2.01 12.87
C THR A 67 21.67 -3.51 12.69
N TYR A 68 20.60 -4.07 13.27
CA TYR A 68 20.34 -5.51 13.17
C TYR A 68 20.86 -6.23 14.40
N GLY A 1 -13.30 -13.40 15.30
CA GLY A 1 -12.83 -11.99 15.22
C GLY A 1 -12.46 -11.66 13.77
N PRO A 2 -12.67 -10.43 13.39
CA PRO A 2 -12.36 -9.97 12.00
C PRO A 2 -10.89 -10.17 11.64
N LEU A 3 -10.64 -10.47 10.37
CA LEU A 3 -9.29 -10.70 9.90
C LEU A 3 -8.42 -9.46 10.10
N GLY A 4 -9.00 -8.29 9.82
CA GLY A 4 -8.28 -7.03 9.97
C GLY A 4 -8.41 -6.19 8.71
N SER A 5 -8.85 -6.80 7.63
CA SER A 5 -9.01 -6.09 6.37
C SER A 5 -7.75 -5.27 6.05
N ASP A 6 -7.73 -4.03 6.51
CA ASP A 6 -6.59 -3.15 6.26
C ASP A 6 -5.62 -3.19 7.43
N ASN A 7 -5.76 -4.21 8.28
CA ASN A 7 -4.89 -4.35 9.44
C ASN A 7 -3.54 -4.94 9.02
N TRP A 8 -3.11 -4.61 7.81
CA TRP A 8 -1.83 -5.10 7.30
C TRP A 8 -0.95 -3.94 6.84
N LEU A 9 -1.45 -2.72 7.01
CA LEU A 9 -0.69 -1.54 6.62
C LEU A 9 -0.39 -0.67 7.83
N PRO A 10 0.79 -0.14 7.90
CA PRO A 10 1.22 0.75 9.02
C PRO A 10 0.37 2.01 9.11
N PRO A 11 0.30 2.59 10.28
CA PRO A 11 -0.50 3.83 10.52
C PRO A 11 -0.17 4.93 9.51
N GLY A 12 1.09 4.96 9.08
CA GLY A 12 1.51 5.96 8.10
C GLY A 12 0.81 5.76 6.77
N TRP A 13 0.62 4.50 6.38
CA TRP A 13 -0.04 4.20 5.12
C TRP A 13 -1.52 4.56 5.19
N ARG A 14 -2.03 5.16 4.11
CA ARG A 14 -3.43 5.56 4.06
C ARG A 14 -4.16 4.74 2.99
N VAL A 15 -5.38 4.32 3.32
CA VAL A 15 -6.18 3.54 2.39
C VAL A 15 -7.49 4.25 2.07
N GLU A 16 -7.82 4.33 0.78
CA GLU A 16 -9.04 4.99 0.35
C GLU A 16 -9.90 4.04 -0.47
N ASP A 17 -11.19 3.99 -0.16
CA ASP A 17 -12.11 3.11 -0.88
C ASP A 17 -12.61 3.79 -2.14
N LYS A 18 -12.43 3.11 -3.28
CA LYS A 18 -12.88 3.65 -4.56
C LYS A 18 -13.56 2.57 -5.38
N ILE A 19 -14.86 2.71 -5.60
CA ILE A 19 -15.61 1.73 -6.38
C ILE A 19 -15.74 2.19 -7.83
N ARG A 20 -15.29 1.35 -8.75
CA ARG A 20 -15.37 1.69 -10.17
C ARG A 20 -16.81 1.90 -10.60
N THR A 21 -17.06 3.00 -11.31
CA THR A 21 -18.40 3.29 -11.78
C THR A 21 -18.36 3.93 -13.16
N SER A 22 -17.17 4.37 -13.57
CA SER A 22 -17.00 5.00 -14.88
C SER A 22 -16.64 3.97 -15.94
N GLY A 23 -15.79 3.03 -15.56
CA GLY A 23 -15.36 1.98 -16.48
C GLY A 23 -16.47 0.96 -16.70
N ALA A 24 -16.26 0.05 -17.65
CA ALA A 24 -17.25 -0.97 -17.95
C ALA A 24 -17.49 -1.85 -16.73
N THR A 25 -16.42 -2.17 -16.00
CA THR A 25 -16.53 -2.99 -14.81
C THR A 25 -17.17 -2.22 -13.66
N ALA A 26 -17.92 -1.18 -14.01
CA ALA A 26 -18.58 -0.35 -13.00
C ALA A 26 -19.34 -1.23 -12.01
N GLY A 27 -19.11 -0.98 -10.72
CA GLY A 27 -19.77 -1.75 -9.67
C GLY A 27 -18.76 -2.53 -8.85
N SER A 28 -17.60 -2.80 -9.45
CA SER A 28 -16.54 -3.52 -8.75
C SER A 28 -16.10 -2.76 -7.50
N VAL A 29 -14.90 -3.06 -7.03
CA VAL A 29 -14.36 -2.38 -5.84
C VAL A 29 -12.84 -2.29 -5.93
N ASP A 30 -12.31 -1.08 -5.76
CA ASP A 30 -10.88 -0.86 -5.82
C ASP A 30 -10.45 0.19 -4.80
N LYS A 31 -9.49 -0.16 -3.96
CA LYS A 31 -9.00 0.77 -2.94
C LYS A 31 -7.62 1.30 -3.33
N TYR A 32 -7.31 2.50 -2.85
CA TYR A 32 -6.02 3.12 -3.15
C TYR A 32 -5.17 3.24 -1.88
N TYR A 33 -3.88 2.99 -2.02
CA TYR A 33 -2.98 3.07 -0.88
C TYR A 33 -1.96 4.20 -1.08
N TYR A 34 -1.91 5.10 -0.11
CA TYR A 34 -0.98 6.23 -0.17
C TYR A 34 0.23 5.98 0.72
N GLU A 35 1.35 6.58 0.38
CA GLU A 35 2.57 6.42 1.17
C GLU A 35 3.18 7.78 1.50
N PRO A 36 2.98 8.23 2.71
CA PRO A 36 3.48 9.56 3.17
C PRO A 36 5.00 9.68 3.01
N ASN A 37 5.70 8.55 3.16
CA ASN A 37 7.16 8.56 3.05
C ASN A 37 7.59 9.18 1.73
N THR A 38 7.08 8.65 0.63
CA THR A 38 7.42 9.18 -0.69
C THR A 38 6.23 9.90 -1.31
N GLY A 39 5.10 9.87 -0.61
CA GLY A 39 3.90 10.53 -1.09
C GLY A 39 3.37 9.84 -2.35
N ARG A 40 3.66 8.56 -2.48
CA ARG A 40 3.22 7.80 -3.64
C ARG A 40 1.87 7.15 -3.38
N LYS A 41 1.23 6.67 -4.43
CA LYS A 41 -0.07 6.02 -4.30
C LYS A 41 -0.07 4.68 -5.03
N PHE A 42 -0.89 3.75 -4.54
CA PHE A 42 -0.98 2.43 -5.15
C PHE A 42 -2.41 2.12 -5.56
N ARG A 43 -2.56 1.25 -6.56
CA ARG A 43 -3.89 0.89 -7.04
C ARG A 43 -4.19 -0.58 -6.72
N SER A 44 -3.14 -1.35 -6.48
CA SER A 44 -3.30 -2.77 -6.17
C SER A 44 -2.48 -3.15 -4.95
N ARG A 45 -2.99 -4.08 -4.17
CA ARG A 45 -2.29 -4.54 -2.97
C ARG A 45 -0.90 -5.03 -3.32
N THR A 46 -0.78 -5.73 -4.45
CA THR A 46 0.51 -6.25 -4.88
C THR A 46 1.51 -5.11 -5.05
N GLU A 47 1.04 -3.99 -5.60
CA GLU A 47 1.92 -2.83 -5.79
C GLU A 47 2.43 -2.32 -4.44
N VAL A 48 1.55 -2.28 -3.45
CA VAL A 48 1.93 -1.82 -2.12
C VAL A 48 2.92 -2.79 -1.48
N LEU A 49 2.67 -4.08 -1.66
CA LEU A 49 3.54 -5.10 -1.09
C LEU A 49 4.95 -5.00 -1.66
N TYR A 50 5.02 -4.75 -2.96
CA TYR A 50 6.31 -4.63 -3.64
C TYR A 50 7.09 -3.43 -3.10
N TYR A 51 6.38 -2.34 -2.85
CA TYR A 51 7.03 -1.14 -2.34
C TYR A 51 7.69 -1.41 -0.99
N LEU A 52 6.96 -2.08 -0.11
CA LEU A 52 7.49 -2.41 1.21
C LEU A 52 8.60 -3.45 1.12
N GLU A 53 8.43 -4.40 0.20
CA GLU A 53 9.41 -5.46 0.03
C GLU A 53 10.76 -4.88 -0.35
N HIS A 54 10.74 -3.82 -1.15
CA HIS A 54 11.99 -3.17 -1.58
C HIS A 54 12.41 -2.11 -0.57
N GLY A 55 11.56 -1.85 0.41
CA GLY A 55 11.87 -0.86 1.44
C GLY A 55 12.03 0.53 0.82
N THR A 56 11.37 0.75 -0.32
CA THR A 56 11.46 2.03 -1.01
C THR A 56 12.80 2.18 -1.70
N SER A 57 13.53 1.08 -1.82
CA SER A 57 14.84 1.10 -2.46
C SER A 57 15.78 2.04 -1.74
N LYS A 58 16.50 2.88 -2.50
CA LYS A 58 17.43 3.83 -1.91
C LYS A 58 18.48 3.10 -1.07
N ARG A 59 18.55 3.47 0.21
CA ARG A 59 19.52 2.84 1.11
C ARG A 59 18.82 2.22 2.31
N GLY A 60 19.09 0.95 2.55
CA GLY A 60 18.47 0.25 3.68
C GLY A 60 19.53 -0.46 4.52
N THR A 61 20.68 0.19 4.69
CA THR A 61 21.76 -0.39 5.48
C THR A 61 21.31 -0.64 6.91
N LYS A 62 20.60 0.33 7.48
CA LYS A 62 20.11 0.20 8.85
C LYS A 62 19.31 -1.09 9.02
N LYS A 63 18.25 -1.03 9.80
CA LYS A 63 17.40 -2.19 10.03
C LYS A 63 18.03 -3.10 11.09
N ALA A 64 17.90 -4.41 10.88
CA ALA A 64 18.45 -5.37 11.83
C ALA A 64 19.91 -5.67 11.51
N GLU A 65 20.77 -5.46 12.50
CA GLU A 65 22.20 -5.70 12.31
C GLU A 65 22.52 -7.18 12.48
N ASN A 66 21.76 -7.85 13.35
CA ASN A 66 21.97 -9.27 13.59
C ASN A 66 20.93 -10.10 12.85
N THR A 67 21.39 -11.13 12.15
CA THR A 67 20.49 -12.00 11.39
C THR A 67 19.22 -11.24 11.01
N TYR A 68 18.10 -11.96 11.00
CA TYR A 68 16.82 -11.35 10.65
C TYR A 68 15.72 -12.41 10.61
N GLY A 1 -12.52 -11.63 15.47
CA GLY A 1 -11.30 -10.96 14.93
C GLY A 1 -11.67 -10.16 13.68
N PRO A 2 -12.67 -9.33 13.79
CA PRO A 2 -13.14 -8.49 12.66
C PRO A 2 -12.13 -7.40 12.29
N LEU A 3 -12.09 -7.05 11.00
CA LEU A 3 -11.16 -6.03 10.53
C LEU A 3 -11.93 -4.86 9.92
N GLY A 4 -12.32 -3.91 10.76
CA GLY A 4 -13.05 -2.74 10.29
C GLY A 4 -12.11 -1.59 9.97
N SER A 5 -10.81 -1.86 10.06
CA SER A 5 -9.81 -0.84 9.78
C SER A 5 -8.56 -1.46 9.17
N ASP A 6 -7.85 -0.67 8.36
CA ASP A 6 -6.63 -1.16 7.73
C ASP A 6 -5.67 -1.74 8.76
N ASN A 7 -5.32 -0.93 9.75
CA ASN A 7 -4.41 -1.39 10.79
C ASN A 7 -3.34 -2.31 10.21
N TRP A 8 -3.03 -2.12 8.94
CA TRP A 8 -2.03 -2.93 8.26
C TRP A 8 -1.09 -2.06 7.43
N LEU A 9 -1.35 -0.76 7.44
CA LEU A 9 -0.51 0.18 6.69
C LEU A 9 0.23 1.11 7.63
N PRO A 10 1.49 1.32 7.39
CA PRO A 10 2.34 2.24 8.22
C PRO A 10 1.78 3.66 8.25
N PRO A 11 2.18 4.42 9.23
CA PRO A 11 1.70 5.82 9.40
C PRO A 11 2.02 6.70 8.19
N GLY A 12 3.05 6.31 7.45
CA GLY A 12 3.46 7.07 6.27
C GLY A 12 2.59 6.69 5.06
N TRP A 13 1.80 5.64 5.21
CA TRP A 13 0.93 5.19 4.13
C TRP A 13 -0.41 5.90 4.19
N ARG A 14 -0.96 6.22 3.02
CA ARG A 14 -2.24 6.91 2.94
C ARG A 14 -3.26 6.06 2.17
N VAL A 15 -4.51 6.16 2.56
CA VAL A 15 -5.57 5.39 1.90
C VAL A 15 -6.69 6.33 1.41
N GLU A 16 -7.18 6.05 0.21
CA GLU A 16 -8.25 6.87 -0.36
C GLU A 16 -9.39 6.00 -0.87
N ASP A 17 -10.62 6.41 -0.59
CA ASP A 17 -11.79 5.66 -1.02
C ASP A 17 -12.13 5.97 -2.47
N LYS A 18 -12.33 4.92 -3.27
CA LYS A 18 -12.65 5.10 -4.67
C LYS A 18 -13.74 4.12 -5.10
N ILE A 19 -14.89 4.63 -5.52
CA ILE A 19 -15.98 3.79 -5.95
C ILE A 19 -15.69 3.20 -7.34
N ARG A 20 -16.24 2.02 -7.60
CA ARG A 20 -16.02 1.36 -8.89
C ARG A 20 -16.18 2.36 -10.03
N THR A 21 -15.16 2.44 -10.89
CA THR A 21 -15.19 3.36 -12.01
C THR A 21 -16.13 2.85 -13.10
N SER A 22 -16.49 1.57 -13.01
CA SER A 22 -17.38 0.96 -14.00
C SER A 22 -18.70 1.73 -14.07
N GLY A 23 -19.55 1.33 -15.00
CA GLY A 23 -20.85 1.99 -15.17
C GLY A 23 -21.96 1.15 -14.58
N ALA A 24 -22.60 0.34 -15.43
CA ALA A 24 -23.70 -0.51 -14.98
C ALA A 24 -23.22 -1.48 -13.90
N THR A 25 -22.04 -2.06 -14.11
CA THR A 25 -21.48 -3.00 -13.15
C THR A 25 -20.92 -2.27 -11.94
N ALA A 26 -20.71 -0.97 -12.08
CA ALA A 26 -20.18 -0.16 -11.00
C ALA A 26 -21.13 -0.17 -9.80
N GLY A 27 -20.78 0.57 -8.77
CA GLY A 27 -21.61 0.64 -7.57
C GLY A 27 -20.91 -0.03 -6.38
N SER A 28 -19.76 -0.65 -6.65
CA SER A 28 -19.00 -1.31 -5.60
C SER A 28 -18.16 -0.31 -4.82
N VAL A 29 -17.08 -0.78 -4.21
CA VAL A 29 -16.20 0.08 -3.43
C VAL A 29 -14.77 -0.44 -3.48
N ASP A 30 -13.84 0.46 -3.78
CA ASP A 30 -12.43 0.08 -3.85
C ASP A 30 -11.54 1.19 -3.30
N LYS A 31 -10.72 0.86 -2.31
CA LYS A 31 -9.81 1.83 -1.71
C LYS A 31 -8.43 1.73 -2.32
N TYR A 32 -7.70 2.84 -2.32
CA TYR A 32 -6.35 2.87 -2.88
C TYR A 32 -5.33 3.22 -1.81
N TYR A 33 -4.10 2.75 -2.00
CA TYR A 33 -3.04 3.03 -1.03
C TYR A 33 -2.00 3.95 -1.67
N TYR A 34 -1.73 5.08 -1.02
CA TYR A 34 -0.77 6.04 -1.54
C TYR A 34 0.57 5.93 -0.81
N GLU A 35 1.62 5.63 -1.55
CA GLU A 35 2.94 5.51 -0.97
C GLU A 35 3.75 6.78 -1.23
N PRO A 36 3.88 7.61 -0.22
CA PRO A 36 4.63 8.89 -0.34
C PRO A 36 6.12 8.68 -0.57
N ASN A 37 6.62 7.51 -0.17
CA ASN A 37 8.03 7.20 -0.34
C ASN A 37 8.41 7.22 -1.82
N THR A 38 7.64 6.50 -2.64
CA THR A 38 7.90 6.46 -4.07
C THR A 38 6.79 7.16 -4.83
N GLY A 39 5.72 7.54 -4.11
CA GLY A 39 4.60 8.22 -4.74
C GLY A 39 3.76 7.24 -5.57
N ARG A 40 3.83 5.97 -5.21
CA ARG A 40 3.08 4.93 -5.92
C ARG A 40 1.76 4.66 -5.22
N LYS A 41 0.74 4.33 -6.02
CA LYS A 41 -0.58 4.05 -5.46
C LYS A 41 -0.98 2.61 -5.76
N PHE A 42 -1.68 1.99 -4.81
CA PHE A 42 -2.13 0.60 -4.97
C PHE A 42 -3.65 0.54 -4.95
N ARG A 43 -4.21 -0.29 -5.83
CA ARG A 43 -5.66 -0.43 -5.91
C ARG A 43 -6.16 -1.46 -4.92
N SER A 44 -5.36 -2.49 -4.69
CA SER A 44 -5.74 -3.55 -3.76
C SER A 44 -4.62 -3.82 -2.76
N ARG A 45 -4.99 -4.24 -1.55
CA ARG A 45 -4.01 -4.53 -0.52
C ARG A 45 -3.02 -5.57 -1.02
N THR A 46 -3.51 -6.54 -1.78
CA THR A 46 -2.65 -7.59 -2.31
C THR A 46 -1.47 -6.98 -3.06
N GLU A 47 -1.74 -5.96 -3.86
CA GLU A 47 -0.69 -5.29 -4.61
C GLU A 47 0.33 -4.65 -3.67
N VAL A 48 -0.17 -4.05 -2.59
CA VAL A 48 0.71 -3.42 -1.61
C VAL A 48 1.57 -4.48 -0.91
N LEU A 49 0.95 -5.62 -0.60
CA LEU A 49 1.67 -6.70 0.07
C LEU A 49 2.82 -7.18 -0.79
N TYR A 50 2.60 -7.25 -2.10
CA TYR A 50 3.64 -7.68 -3.02
C TYR A 50 4.82 -6.71 -2.99
N TYR A 51 4.52 -5.42 -2.89
CA TYR A 51 5.56 -4.40 -2.86
C TYR A 51 6.49 -4.64 -1.68
N LEU A 52 5.92 -4.88 -0.51
CA LEU A 52 6.71 -5.13 0.69
C LEU A 52 7.44 -6.46 0.60
N GLU A 53 6.78 -7.45 0.01
CA GLU A 53 7.37 -8.78 -0.15
C GLU A 53 8.62 -8.71 -1.00
N HIS A 54 8.64 -7.77 -1.95
CA HIS A 54 9.78 -7.60 -2.83
C HIS A 54 10.88 -6.79 -2.14
N GLY A 55 10.57 -6.26 -0.96
CA GLY A 55 11.54 -5.46 -0.22
C GLY A 55 11.76 -4.11 -0.90
N THR A 56 10.74 -3.63 -1.60
CA THR A 56 10.84 -2.35 -2.29
C THR A 56 10.67 -1.20 -1.30
N SER A 57 10.29 -1.53 -0.07
CA SER A 57 10.09 -0.52 0.96
C SER A 57 11.32 -0.43 1.86
N LYS A 58 11.64 0.79 2.31
CA LYS A 58 12.79 1.00 3.18
C LYS A 58 14.09 0.79 2.40
N ARG A 59 14.42 1.74 1.54
CA ARG A 59 15.64 1.65 0.74
C ARG A 59 16.86 1.53 1.64
N GLY A 60 16.70 1.92 2.91
CA GLY A 60 17.81 1.84 3.86
C GLY A 60 18.75 3.02 3.69
N THR A 61 19.97 2.86 4.20
CA THR A 61 20.97 3.93 4.11
C THR A 61 22.35 3.34 3.85
N LYS A 62 23.33 4.22 3.65
CA LYS A 62 24.70 3.77 3.38
C LYS A 62 25.46 3.58 4.69
N LYS A 63 25.99 2.38 4.89
CA LYS A 63 26.74 2.08 6.11
C LYS A 63 27.58 0.82 5.91
N ALA A 64 28.68 0.73 6.66
CA ALA A 64 29.56 -0.43 6.56
C ALA A 64 30.25 -0.70 7.89
N GLU A 65 30.03 -1.89 8.43
CA GLU A 65 30.66 -2.26 9.71
C GLU A 65 31.16 -3.69 9.67
N ASN A 66 32.38 -3.91 10.15
CA ASN A 66 32.97 -5.23 10.17
C ASN A 66 32.93 -5.82 11.58
N THR A 67 32.26 -5.12 12.49
CA THR A 67 32.17 -5.57 13.87
C THR A 67 31.19 -6.74 13.98
N TYR A 68 30.67 -7.18 12.84
CA TYR A 68 29.72 -8.29 12.81
C TYR A 68 29.56 -8.83 11.41
#